data_6F6T
#
_entry.id   6F6T
#
_cell.length_a   118.740
_cell.length_b   161.100
_cell.length_c   141.650
_cell.angle_alpha   90.000
_cell.angle_beta   90.000
_cell.angle_gamma   90.000
#
_symmetry.space_group_name_H-M   'C 2 2 21'
#
loop_
_entity.id
_entity.type
_entity.pdbx_description
1 polymer 'Phenylalanine ammonia-lyase 1'
2 non-polymer '(S)-(1-amino-2phenylallyl)phosphonic acid'
3 water water
#
_entity_poly.entity_id   1
_entity_poly.type   'polypeptide(L)'
_entity_poly.pdbx_seq_one_letter_code
;MENGNGATTNGHVNGNGMDFCMKTEDPLYWGIAAEAMTGSHLDEVKKMVAEYRKPVVKLGGETLTISQVAAISARDGSGV
TVELSEAARAGVKASSDWVMDSMNKGTDSYGVTTGFGATSHRRTKQGGALQKELIRFLNAGIFGNGSDNTLPHSATRAAM
LVRINTLLQGYSGIRFEILEAITKFLNQNITPCLPLRGTIT(MDO)DLVPLSYIAGLLTGRPNSKAVGPTGVILSPEEAF
KLAGVEGGFFELQPKEGLALVNGTAVGSGMASMVLFEANILAVLAEVMSAIFAEVMQGKPEFTDHLTHKLKHHPGQIEAA
AIMEHILDGSAYVKAAQKLHEMDPLQKPKQDRYALRTSPQWLGPQIEVIRSSTKMIEREINSVNDNPLIDVSRNKAIHGG
NFQGTPIGVSMDNTRLAIAAIGKLMFAQFSELVNDFYNNGLPSNLSGGRNPSLDYGFKGAEIAMASYCSELQFLANPVTN
HVQSAEQHNQDVNSLGLISSRKTSEAVEILKLMSTTFLVGLCQAIDLRHLEENLKSTVKNTVSSVAKRVLTMGVNGELHP
SRFCEKDLLRVVDREYIFAYIDDPCSATYPLMQKLRQTLVEHALKNGDNERNLSTSIFQKIATFEDELKALLPKEVESAR
AALESGNPAIPNRIEECRSYPLYKFVRKELGTEYLTGEKVTSPGEEFEKVFIAMSKGEIIDPLLESLESWNGAPLPIS
;
_entity_poly.pdbx_strand_id   A,B
#
loop_
_chem_comp.id
_chem_comp.type
_chem_comp.name
_chem_comp.formula
CV2 non-polymer '(S)-(1-amino-2phenylallyl)phosphonic acid' 'C9 H12 N O3 P'
#
# COMPACT_ATOMS: atom_id res chain seq x y z
N GLU A 25 19.17 -41.22 -11.42
CA GLU A 25 20.08 -40.09 -11.62
C GLU A 25 19.63 -38.83 -10.86
N ASP A 26 18.35 -38.45 -11.01
CA ASP A 26 17.82 -37.21 -10.45
C ASP A 26 16.38 -37.42 -10.02
N PRO A 27 16.11 -38.31 -9.04
CA PRO A 27 14.73 -38.73 -8.79
C PRO A 27 13.89 -37.73 -8.04
N LEU A 28 14.50 -36.71 -7.42
CA LEU A 28 13.78 -35.67 -6.69
C LEU A 28 13.79 -34.35 -7.43
N TYR A 29 14.34 -34.31 -8.65
CA TYR A 29 14.32 -33.20 -9.58
C TYR A 29 15.16 -32.00 -9.11
N TRP A 30 16.06 -32.21 -8.15
CA TRP A 30 17.04 -31.18 -7.83
C TRP A 30 17.90 -30.84 -9.03
N GLY A 31 18.31 -31.86 -9.80
CA GLY A 31 19.26 -31.65 -10.88
C GLY A 31 18.68 -30.84 -12.02
N ILE A 32 17.45 -31.13 -12.43
CA ILE A 32 16.83 -30.32 -13.47
C ILE A 32 16.61 -28.88 -12.99
N ALA A 33 16.32 -28.69 -11.68
CA ALA A 33 16.23 -27.35 -11.14
C ALA A 33 17.58 -26.63 -11.22
N ALA A 34 18.66 -27.34 -10.89
CA ALA A 34 19.99 -26.74 -10.96
C ALA A 34 20.33 -26.31 -12.39
N GLU A 35 19.89 -27.09 -13.38
CA GLU A 35 20.19 -26.78 -14.78
C GLU A 35 19.68 -25.41 -15.18
N ALA A 36 18.54 -25.00 -14.66
CA ALA A 36 17.95 -23.73 -15.05
C ALA A 36 18.73 -22.52 -14.54
N MET A 37 19.68 -22.72 -13.64
CA MET A 37 20.45 -21.63 -13.05
C MET A 37 21.80 -21.46 -13.74
N THR A 38 22.03 -22.11 -14.86
CA THR A 38 23.27 -21.98 -15.60
C THR A 38 23.14 -20.92 -16.69
N GLY A 39 24.27 -20.46 -17.18
CA GLY A 39 24.29 -19.31 -18.07
C GLY A 39 24.12 -18.02 -17.29
N SER A 40 24.40 -16.91 -17.96
CA SER A 40 24.42 -15.62 -17.30
C SER A 40 23.01 -15.13 -16.98
N HIS A 41 22.91 -14.27 -15.97
CA HIS A 41 21.64 -13.62 -15.72
C HIS A 41 21.25 -12.73 -16.89
N LEU A 42 22.22 -12.05 -17.50
CA LEU A 42 21.92 -11.17 -18.63
C LEU A 42 21.33 -11.94 -19.82
N ASP A 43 21.86 -13.11 -20.15
CA ASP A 43 21.28 -13.89 -21.24
C ASP A 43 19.87 -14.35 -20.89
N GLU A 44 19.64 -14.66 -19.63
CA GLU A 44 18.29 -14.97 -19.17
C GLU A 44 17.35 -13.80 -19.42
N VAL A 45 17.80 -12.58 -19.08
CA VAL A 45 17.00 -11.38 -19.31
C VAL A 45 16.77 -11.14 -20.80
N LYS A 46 17.82 -11.31 -21.62
CA LYS A 46 17.64 -11.16 -23.06
C LYS A 46 16.58 -12.12 -23.60
N LYS A 47 16.60 -13.38 -23.14
CA LYS A 47 15.56 -14.34 -23.52
C LYS A 47 14.19 -13.89 -23.05
N MET A 48 14.09 -13.42 -21.79
CA MET A 48 12.82 -12.95 -21.27
C MET A 48 12.24 -11.86 -22.15
N VAL A 49 13.08 -10.91 -22.57
CA VAL A 49 12.61 -9.80 -23.39
C VAL A 49 12.13 -10.30 -24.74
N ALA A 50 12.90 -11.19 -25.38
CA ALA A 50 12.46 -11.78 -26.65
C ALA A 50 11.15 -12.55 -26.49
N GLU A 51 11.02 -13.33 -25.41
CA GLU A 51 9.78 -14.07 -25.16
C GLU A 51 8.59 -13.12 -24.97
N TYR A 52 8.82 -12.03 -24.23
CA TYR A 52 7.76 -11.06 -23.96
C TYR A 52 7.16 -10.52 -25.25
N ARG A 53 7.98 -10.32 -26.28
CA ARG A 53 7.56 -9.65 -27.50
C ARG A 53 7.01 -10.60 -28.57
N LYS A 54 6.97 -11.91 -28.30
CA LYS A 54 6.36 -12.85 -29.23
C LYS A 54 4.87 -12.55 -29.37
N PRO A 55 4.29 -12.75 -30.56
CA PRO A 55 2.88 -12.38 -30.76
C PRO A 55 1.86 -13.40 -30.25
N VAL A 56 2.27 -14.63 -29.93
CA VAL A 56 1.36 -15.67 -29.47
C VAL A 56 1.96 -16.34 -28.24
N VAL A 57 1.14 -16.50 -27.21
CA VAL A 57 1.50 -17.29 -26.04
C VAL A 57 0.71 -18.59 -26.13
N LYS A 58 1.38 -19.68 -26.45
CA LYS A 58 0.72 -20.97 -26.54
C LYS A 58 0.87 -21.70 -25.21
N LEU A 59 -0.26 -21.95 -24.55
CA LEU A 59 -0.28 -22.66 -23.28
C LEU A 59 -0.49 -24.15 -23.51
N GLY A 60 0.36 -24.96 -22.88
CA GLY A 60 0.15 -26.40 -22.88
C GLY A 60 0.29 -26.98 -21.48
N GLY A 61 0.29 -26.11 -20.47
CA GLY A 61 0.37 -26.52 -19.09
C GLY A 61 1.77 -26.68 -18.54
N GLU A 62 2.81 -26.40 -19.32
CA GLU A 62 4.14 -26.83 -18.93
C GLU A 62 5.26 -25.86 -19.33
N THR A 63 4.99 -24.91 -20.24
CA THR A 63 6.03 -24.03 -20.73
C THR A 63 5.77 -22.56 -20.43
N LEU A 64 4.99 -22.24 -19.40
CA LEU A 64 4.68 -20.84 -19.13
C LEU A 64 5.89 -20.16 -18.49
N THR A 65 6.26 -19.00 -19.03
CA THR A 65 7.34 -18.18 -18.47
C THR A 65 6.77 -16.90 -17.88
N ILE A 66 7.52 -16.29 -16.94
CA ILE A 66 7.07 -15.02 -16.37
C ILE A 66 6.93 -13.97 -17.46
N SER A 67 7.74 -14.07 -18.52
CA SER A 67 7.66 -13.09 -19.61
C SER A 67 6.36 -13.23 -20.38
N GLN A 68 5.86 -14.45 -20.55
CA GLN A 68 4.57 -14.62 -21.20
C GLN A 68 3.44 -14.11 -20.31
N VAL A 69 3.54 -14.36 -19.00
CA VAL A 69 2.51 -13.84 -18.10
C VAL A 69 2.52 -12.32 -18.10
N ALA A 70 3.71 -11.72 -18.07
CA ALA A 70 3.82 -10.26 -18.16
C ALA A 70 3.25 -9.74 -19.47
N ALA A 71 3.52 -10.42 -20.58
CA ALA A 71 3.01 -9.99 -21.88
C ALA A 71 1.48 -10.05 -21.93
N ILE A 72 0.90 -11.17 -21.48
CA ILE A 72 -0.56 -11.27 -21.43
C ILE A 72 -1.12 -10.25 -20.47
N SER A 73 -0.44 -10.03 -19.34
CA SER A 73 -0.97 -9.14 -18.31
C SER A 73 -1.18 -7.72 -18.83
N ALA A 74 -0.38 -7.29 -19.80
CA ALA A 74 -0.52 -5.92 -20.30
C ALA A 74 -1.88 -5.68 -20.94
N ARG A 75 -2.44 -4.51 -20.71
CA ARG A 75 -3.64 -4.02 -21.37
C ARG A 75 -3.31 -2.76 -22.15
N ASP A 76 -2.34 -2.86 -23.07
CA ASP A 76 -1.83 -1.71 -23.79
C ASP A 76 -1.77 -1.98 -25.29
N GLY A 77 -2.63 -2.87 -25.77
CA GLY A 77 -2.75 -3.09 -27.21
C GLY A 77 -1.52 -3.63 -27.89
N SER A 78 -0.72 -4.46 -27.21
CA SER A 78 0.39 -5.10 -27.90
C SER A 78 -0.07 -6.14 -28.91
N GLY A 79 -1.33 -6.60 -28.82
CA GLY A 79 -1.87 -7.57 -29.72
C GLY A 79 -1.51 -9.01 -29.40
N VAL A 80 -0.79 -9.26 -28.30
CA VAL A 80 -0.43 -10.63 -27.95
C VAL A 80 -1.70 -11.44 -27.75
N THR A 81 -1.70 -12.66 -28.26
CA THR A 81 -2.88 -13.52 -28.19
C THR A 81 -2.51 -14.82 -27.49
N VAL A 82 -3.52 -15.42 -26.84
CA VAL A 82 -3.38 -16.67 -26.12
C VAL A 82 -3.98 -17.77 -26.98
N GLU A 83 -3.28 -18.90 -27.10
CA GLU A 83 -3.88 -20.06 -27.74
C GLU A 83 -3.57 -21.32 -26.94
N LEU A 84 -4.54 -22.23 -26.92
CA LEU A 84 -4.48 -23.44 -26.10
C LEU A 84 -3.98 -24.61 -26.94
N SER A 85 -3.03 -25.35 -26.39
CA SER A 85 -2.51 -26.53 -27.06
C SER A 85 -3.61 -27.59 -27.20
N GLU A 86 -3.92 -27.96 -28.44
CA GLU A 86 -4.85 -29.05 -28.68
C GLU A 86 -4.37 -30.36 -28.07
N ALA A 87 -3.06 -30.49 -27.82
CA ALA A 87 -2.49 -31.70 -27.22
C ALA A 87 -2.99 -31.97 -25.81
N ALA A 88 -3.51 -30.95 -25.12
CA ALA A 88 -4.01 -31.12 -23.75
C ALA A 88 -5.46 -31.58 -23.71
N ARG A 89 -6.17 -31.50 -24.84
CA ARG A 89 -7.61 -31.74 -24.85
C ARG A 89 -7.96 -33.12 -24.32
N ALA A 90 -7.18 -34.14 -24.69
CA ALA A 90 -7.51 -35.51 -24.33
C ALA A 90 -7.41 -35.73 -22.82
N GLY A 91 -6.36 -35.21 -22.19
CA GLY A 91 -6.22 -35.37 -20.75
C GLY A 91 -7.30 -34.60 -19.99
N VAL A 92 -7.66 -33.43 -20.51
CA VAL A 92 -8.71 -32.63 -19.88
C VAL A 92 -10.05 -33.38 -19.93
N LYS A 93 -10.39 -33.93 -21.11
CA LYS A 93 -11.64 -34.68 -21.23
C LYS A 93 -11.63 -35.90 -20.32
N ALA A 94 -10.50 -36.58 -20.22
CA ALA A 94 -10.45 -37.84 -19.48
C ALA A 94 -10.82 -37.64 -18.02
N SER A 95 -10.29 -36.60 -17.39
CA SER A 95 -10.59 -36.37 -15.98
C SER A 95 -11.97 -35.75 -15.80
N SER A 96 -12.40 -34.91 -16.73
CA SER A 96 -13.78 -34.44 -16.70
C SER A 96 -14.76 -35.61 -16.77
N ASP A 97 -14.61 -36.44 -17.80
CA ASP A 97 -15.43 -37.65 -17.91
C ASP A 97 -15.32 -38.52 -16.66
N TRP A 98 -14.10 -38.68 -16.13
CA TRP A 98 -13.95 -39.52 -14.94
C TRP A 98 -14.81 -39.01 -13.80
N VAL A 99 -14.78 -37.70 -13.55
CA VAL A 99 -15.57 -37.15 -12.44
C VAL A 99 -17.06 -37.34 -12.67
N MET A 100 -17.52 -37.09 -13.90
CA MET A 100 -18.94 -37.27 -14.19
C MET A 100 -19.36 -38.72 -14.01
N ASP A 101 -18.53 -39.66 -14.46
CA ASP A 101 -18.84 -41.06 -14.29
C ASP A 101 -18.81 -41.46 -12.82
N SER A 102 -17.90 -40.85 -12.05
CA SER A 102 -17.87 -41.09 -10.61
C SER A 102 -19.16 -40.61 -9.95
N MET A 103 -19.66 -39.45 -10.38
CA MET A 103 -20.91 -38.92 -9.85
C MET A 103 -22.06 -39.87 -10.13
N ASN A 104 -22.07 -40.50 -11.31
CA ASN A 104 -23.17 -41.39 -11.67
C ASN A 104 -23.08 -42.74 -10.98
N LYS A 105 -21.89 -43.16 -10.55
CA LYS A 105 -21.74 -44.41 -9.80
C LYS A 105 -22.03 -44.25 -8.31
N GLY A 106 -22.46 -43.07 -7.86
CA GLY A 106 -22.82 -42.82 -6.48
C GLY A 106 -21.66 -42.67 -5.50
N THR A 107 -20.42 -42.59 -5.98
CA THR A 107 -19.28 -42.60 -5.08
C THR A 107 -19.14 -41.27 -4.33
N ASP A 108 -18.49 -41.35 -3.17
CA ASP A 108 -18.34 -40.23 -2.24
C ASP A 108 -17.00 -39.53 -2.51
N SER A 109 -17.06 -38.35 -3.12
CA SER A 109 -15.87 -37.61 -3.52
C SER A 109 -15.82 -36.27 -2.80
N TYR A 110 -14.66 -35.94 -2.23
CA TYR A 110 -14.48 -34.62 -1.65
C TYR A 110 -14.69 -33.53 -2.69
N GLY A 111 -15.33 -32.43 -2.27
CA GLY A 111 -15.58 -31.32 -3.15
C GLY A 111 -16.54 -31.60 -4.28
N VAL A 112 -17.11 -32.80 -4.33
CA VAL A 112 -18.04 -33.20 -5.39
C VAL A 112 -19.38 -33.61 -4.81
N THR A 113 -19.36 -34.44 -3.76
CA THR A 113 -20.55 -34.80 -3.00
C THR A 113 -20.39 -34.46 -1.52
N THR A 114 -19.32 -33.78 -1.14
CA THR A 114 -19.11 -33.40 0.25
C THR A 114 -18.92 -31.89 0.36
N GLY A 115 -19.12 -31.39 1.57
CA GLY A 115 -18.83 -30.01 1.88
C GLY A 115 -17.34 -29.74 1.81
N PHE A 116 -17.00 -28.49 2.09
CA PHE A 116 -15.67 -27.96 1.80
C PHE A 116 -14.92 -27.63 3.08
N GLY A 117 -13.61 -27.90 3.07
CA GLY A 117 -12.74 -27.43 4.14
C GLY A 117 -13.06 -28.09 5.46
N ALA A 118 -13.17 -27.25 6.51
CA ALA A 118 -13.46 -27.76 7.85
C ALA A 118 -14.86 -28.36 7.97
N THR A 119 -15.76 -28.09 7.01
CA THR A 119 -17.13 -28.60 7.03
C THR A 119 -17.32 -29.75 6.04
N SER A 120 -16.28 -30.56 5.80
CA SER A 120 -16.33 -31.58 4.76
C SER A 120 -17.12 -32.82 5.18
N HIS A 121 -17.65 -32.84 6.40
CA HIS A 121 -18.48 -33.96 6.84
C HIS A 121 -19.88 -33.91 6.22
N ARG A 122 -20.36 -32.72 5.86
CA ARG A 122 -21.64 -32.62 5.16
C ARG A 122 -21.59 -33.39 3.84
N ARG A 123 -22.74 -33.96 3.45
CA ARG A 123 -22.84 -34.77 2.23
C ARG A 123 -24.02 -34.30 1.40
N THR A 124 -23.88 -34.43 0.08
CA THR A 124 -25.00 -34.09 -0.80
C THR A 124 -24.87 -34.85 -2.11
N LYS A 125 -26.03 -35.04 -2.75
CA LYS A 125 -26.11 -35.63 -4.08
C LYS A 125 -26.37 -34.60 -5.17
N GLN A 126 -26.66 -33.34 -4.80
CA GLN A 126 -26.91 -32.28 -5.76
C GLN A 126 -25.58 -31.65 -6.15
N GLY A 127 -24.83 -32.37 -6.99
CA GLY A 127 -23.49 -31.92 -7.37
C GLY A 127 -23.49 -30.54 -8.01
N GLY A 128 -24.45 -30.29 -8.90
CA GLY A 128 -24.53 -28.98 -9.53
C GLY A 128 -24.78 -27.86 -8.54
N ALA A 129 -25.79 -28.06 -7.68
CA ALA A 129 -26.07 -27.05 -6.65
C ALA A 129 -24.88 -26.85 -5.74
N LEU A 130 -24.10 -27.92 -5.49
CA LEU A 130 -22.93 -27.78 -4.62
C LEU A 130 -21.92 -26.80 -5.21
N GLN A 131 -21.67 -26.87 -6.52
CA GLN A 131 -20.68 -25.99 -7.13
C GLN A 131 -21.22 -24.57 -7.27
N LYS A 132 -22.50 -24.44 -7.60
CA LYS A 132 -23.15 -23.12 -7.57
C LYS A 132 -23.00 -22.49 -6.19
N GLU A 133 -23.28 -23.25 -5.12
CA GLU A 133 -23.13 -22.73 -3.77
C GLU A 133 -21.68 -22.34 -3.45
N LEU A 134 -20.73 -23.17 -3.91
CA LEU A 134 -19.31 -22.87 -3.70
C LEU A 134 -18.95 -21.47 -4.17
N ILE A 135 -19.34 -21.12 -5.41
CA ILE A 135 -19.02 -19.80 -5.94
C ILE A 135 -19.74 -18.71 -5.16
N ARG A 136 -21.00 -18.96 -4.78
CA ARG A 136 -21.78 -17.97 -4.04
C ARG A 136 -21.09 -17.59 -2.74
N PHE A 137 -20.71 -18.57 -1.92
CA PHE A 137 -20.19 -18.21 -0.61
C PHE A 137 -18.75 -17.73 -0.70
N LEU A 138 -18.02 -18.11 -1.75
CA LEU A 138 -16.69 -17.57 -1.92
C LEU A 138 -16.69 -16.13 -2.44
N ASN A 139 -17.78 -15.68 -3.08
CA ASN A 139 -17.95 -14.27 -3.41
C ASN A 139 -18.12 -13.49 -2.11
N ALA A 140 -17.05 -13.42 -1.31
CA ALA A 140 -17.12 -12.75 -0.02
C ALA A 140 -16.19 -11.54 0.04
N GLY A 141 -15.68 -11.08 -1.11
CA GLY A 141 -14.84 -9.90 -1.15
C GLY A 141 -15.67 -8.61 -1.12
N ILE A 142 -14.95 -7.50 -0.96
CA ILE A 142 -15.57 -6.17 -0.89
C ILE A 142 -14.83 -5.25 -1.86
N PHE A 143 -15.59 -4.54 -2.70
CA PHE A 143 -15.07 -3.58 -3.67
C PHE A 143 -15.29 -2.14 -3.24
N GLY A 144 -16.43 -1.84 -2.62
CA GLY A 144 -16.75 -0.44 -2.36
C GLY A 144 -16.98 0.31 -3.68
N ASN A 145 -16.89 1.63 -3.58
CA ASN A 145 -16.90 2.49 -4.76
C ASN A 145 -15.48 2.75 -5.20
N GLY A 146 -15.31 3.03 -6.49
CA GLY A 146 -13.98 3.31 -7.00
C GLY A 146 -13.17 2.03 -7.14
N SER A 147 -11.86 2.19 -7.19
CA SER A 147 -10.96 1.11 -7.57
C SER A 147 -9.95 0.73 -6.50
N ASP A 148 -9.97 1.37 -5.33
CA ASP A 148 -8.92 1.12 -4.35
C ASP A 148 -8.97 -0.30 -3.81
N ASN A 149 -10.15 -0.91 -3.75
CA ASN A 149 -10.26 -2.28 -3.25
C ASN A 149 -10.42 -3.30 -4.36
N THR A 150 -10.01 -2.96 -5.58
CA THR A 150 -10.14 -3.81 -6.76
C THR A 150 -8.77 -4.30 -7.22
N LEU A 151 -8.65 -5.59 -7.48
CA LEU A 151 -7.43 -6.13 -8.04
C LEU A 151 -7.15 -5.47 -9.40
N PRO A 152 -5.92 -4.96 -9.64
CA PRO A 152 -5.61 -4.37 -10.94
C PRO A 152 -5.95 -5.33 -12.07
N HIS A 153 -6.53 -4.80 -13.14
CA HIS A 153 -7.02 -5.63 -14.21
C HIS A 153 -5.88 -6.39 -14.90
N SER A 154 -4.67 -5.81 -14.92
CA SER A 154 -3.50 -6.53 -15.41
C SER A 154 -3.22 -7.78 -14.57
N ALA A 155 -3.30 -7.66 -13.24
CA ALA A 155 -3.12 -8.83 -12.38
C ALA A 155 -4.23 -9.87 -12.58
N THR A 156 -5.46 -9.42 -12.82
CA THR A 156 -6.55 -10.37 -13.08
C THR A 156 -6.31 -11.14 -14.36
N ARG A 157 -5.81 -10.47 -15.40
CA ARG A 157 -5.43 -11.18 -16.62
C ARG A 157 -4.33 -12.21 -16.33
N ALA A 158 -3.30 -11.81 -15.59
CA ALA A 158 -2.25 -12.75 -15.23
C ALA A 158 -2.82 -13.98 -14.52
N ALA A 159 -3.77 -13.76 -13.62
CA ALA A 159 -4.34 -14.89 -12.89
C ALA A 159 -5.18 -15.79 -13.80
N MET A 160 -5.89 -15.20 -14.76
CA MET A 160 -6.64 -15.98 -15.73
C MET A 160 -5.72 -16.88 -16.55
N LEU A 161 -4.66 -16.28 -17.12
CA LEU A 161 -3.67 -17.05 -17.87
C LEU A 161 -3.14 -18.20 -17.03
N VAL A 162 -2.75 -17.91 -15.78
CA VAL A 162 -2.11 -18.94 -14.97
C VAL A 162 -3.11 -20.04 -14.58
N ARG A 163 -4.37 -19.69 -14.31
CA ARG A 163 -5.36 -20.72 -13.99
C ARG A 163 -5.57 -21.66 -15.16
N ILE A 164 -5.68 -21.13 -16.37
CA ILE A 164 -5.78 -22.01 -17.55
C ILE A 164 -4.60 -22.97 -17.56
N ASN A 165 -3.39 -22.44 -17.31
CA ASN A 165 -2.21 -23.28 -17.42
C ASN A 165 -2.25 -24.45 -16.44
N THR A 166 -2.81 -24.24 -15.24
CA THR A 166 -2.96 -25.36 -14.30
C THR A 166 -3.96 -26.37 -14.81
N LEU A 167 -5.13 -25.89 -15.23
CA LEU A 167 -6.20 -26.80 -15.59
C LEU A 167 -5.89 -27.59 -16.87
N LEU A 168 -4.96 -27.10 -17.71
CA LEU A 168 -4.69 -27.77 -18.98
C LEU A 168 -3.95 -29.09 -18.81
N GLN A 169 -3.35 -29.36 -17.66
CA GLN A 169 -2.55 -30.56 -17.51
C GLN A 169 -3.40 -31.82 -17.37
N GLY A 170 -4.72 -31.66 -17.26
CA GLY A 170 -5.62 -32.79 -17.33
C GLY A 170 -5.97 -33.43 -16.01
N TYR A 171 -5.52 -32.88 -14.88
CA TYR A 171 -5.74 -33.50 -13.58
C TYR A 171 -6.91 -32.90 -12.80
N SER A 172 -7.63 -31.93 -13.37
CA SER A 172 -8.56 -31.12 -12.58
C SER A 172 -10.03 -31.48 -12.80
N GLY A 173 -10.39 -32.06 -13.94
CA GLY A 173 -11.75 -32.53 -14.09
C GLY A 173 -12.72 -31.41 -14.41
N ILE A 174 -12.37 -30.59 -15.38
CA ILE A 174 -13.18 -29.47 -15.84
C ILE A 174 -13.21 -29.49 -17.36
N ARG A 175 -14.33 -29.03 -17.92
CA ARG A 175 -14.49 -29.03 -19.38
C ARG A 175 -13.52 -28.06 -20.05
N PHE A 176 -12.95 -28.51 -21.19
CA PHE A 176 -12.09 -27.68 -22.03
C PHE A 176 -12.81 -26.42 -22.50
N GLU A 177 -14.13 -26.51 -22.72
CA GLU A 177 -14.92 -25.35 -23.13
C GLU A 177 -14.77 -24.17 -22.17
N ILE A 178 -14.64 -24.45 -20.87
CA ILE A 178 -14.52 -23.34 -19.93
C ILE A 178 -13.16 -22.67 -20.10
N LEU A 179 -12.11 -23.46 -20.34
CA LEU A 179 -10.80 -22.87 -20.59
C LEU A 179 -10.84 -22.01 -21.85
N GLU A 180 -11.56 -22.47 -22.88
CA GLU A 180 -11.65 -21.70 -24.12
C GLU A 180 -12.36 -20.38 -23.89
N ALA A 181 -13.37 -20.39 -23.01
CA ALA A 181 -14.09 -19.16 -22.70
C ALA A 181 -13.20 -18.16 -21.99
N ILE A 182 -12.38 -18.63 -21.03
CA ILE A 182 -11.45 -17.71 -20.39
C ILE A 182 -10.46 -17.19 -21.42
N THR A 183 -10.08 -18.02 -22.39
CA THR A 183 -9.15 -17.58 -23.44
C THR A 183 -9.74 -16.46 -24.26
N LYS A 184 -11.03 -16.56 -24.61
CA LYS A 184 -11.70 -15.49 -25.36
C LYS A 184 -11.73 -14.20 -24.55
N PHE A 185 -12.01 -14.29 -23.25
CA PHE A 185 -12.00 -13.10 -22.39
C PHE A 185 -10.64 -12.43 -22.43
N LEU A 186 -9.56 -13.22 -22.42
CA LEU A 186 -8.23 -12.66 -22.51
C LEU A 186 -7.99 -12.04 -23.88
N ASN A 187 -8.34 -12.75 -24.95
CA ASN A 187 -8.01 -12.28 -26.29
C ASN A 187 -8.88 -11.10 -26.73
N GLN A 188 -9.99 -10.85 -26.05
CA GLN A 188 -10.80 -9.68 -26.32
C GLN A 188 -10.63 -8.61 -25.24
N ASN A 189 -9.75 -8.84 -24.27
CA ASN A 189 -9.50 -7.90 -23.19
C ASN A 189 -10.80 -7.55 -22.45
N ILE A 190 -11.56 -8.58 -22.13
CA ILE A 190 -12.74 -8.50 -21.28
C ILE A 190 -12.36 -9.13 -19.96
N THR A 191 -12.35 -8.34 -18.89
CA THR A 191 -11.72 -8.75 -17.64
C THR A 191 -12.72 -8.72 -16.49
N PRO A 192 -12.98 -9.85 -15.81
CA PRO A 192 -13.87 -9.79 -14.63
C PRO A 192 -13.24 -8.95 -13.53
N CYS A 193 -14.11 -8.34 -12.72
CA CYS A 193 -13.65 -7.50 -11.62
C CYS A 193 -13.43 -8.38 -10.39
N LEU A 194 -12.19 -8.37 -9.86
CA LEU A 194 -11.82 -9.16 -8.69
C LEU A 194 -11.52 -8.27 -7.51
N PRO A 195 -11.85 -8.70 -6.29
CA PRO A 195 -11.49 -7.92 -5.11
C PRO A 195 -10.00 -7.97 -4.86
N LEU A 196 -9.48 -6.87 -4.30
CA LEU A 196 -8.05 -6.78 -4.03
C LEU A 196 -7.62 -7.73 -2.93
N ARG A 197 -8.40 -7.80 -1.85
CA ARG A 197 -8.06 -8.56 -0.66
C ARG A 197 -9.12 -9.63 -0.42
N GLY A 198 -8.86 -10.48 0.56
CA GLY A 198 -9.75 -11.60 0.83
C GLY A 198 -9.08 -12.96 0.70
N THR A 199 -7.78 -13.03 0.38
CA THR A 199 -7.12 -14.31 0.13
C THR A 199 -5.85 -14.45 0.95
N ILE A 200 -5.68 -15.65 1.51
CA ILE A 200 -4.43 -16.05 2.15
C ILE A 200 -3.63 -16.98 1.26
N THR A 201 -4.02 -17.12 -0.01
CA THR A 201 -3.27 -17.92 -1.00
C THR A 201 -2.93 -19.30 -0.44
N1 MDO A 202 -3.97 -19.89 0.12
CA1 MDO A 202 -3.94 -21.29 0.45
C1 MDO A 202 -5.16 -21.93 -0.23
CB MDO A 202 -4.04 -21.91 1.82
N2 MDO A 202 -5.93 -22.91 0.41
CA2 MDO A 202 -6.98 -23.35 -0.44
C2 MDO A 202 -6.86 -22.57 -1.74
O2 MDO A 202 -7.54 -22.67 -2.71
CB2 MDO A 202 -7.92 -24.23 -0.19
N3 MDO A 202 -5.69 -21.71 -1.58
CA3 MDO A 202 -5.32 -20.78 -2.58
C3 MDO A 202 -6.23 -19.55 -2.18
O3 MDO A 202 -7.33 -19.51 -1.58
N ASP A 203 -6.00 -19.06 -3.42
CA ASP A 203 -6.74 -17.85 -3.82
C ASP A 203 -8.27 -17.97 -4.08
N LEU A 204 -8.99 -18.62 -3.15
CA LEU A 204 -10.38 -19.02 -3.35
C LEU A 204 -11.29 -17.84 -3.66
N VAL A 205 -11.31 -16.83 -2.79
CA VAL A 205 -12.26 -15.72 -2.95
C VAL A 205 -12.07 -14.97 -4.27
N PRO A 206 -10.89 -14.44 -4.61
CA PRO A 206 -10.82 -13.70 -5.88
C PRO A 206 -11.01 -14.58 -7.09
N LEU A 207 -10.51 -15.82 -7.06
CA LEU A 207 -10.76 -16.73 -8.18
C LEU A 207 -12.26 -17.02 -8.34
N SER A 208 -13.04 -16.93 -7.27
CA SER A 208 -14.48 -17.16 -7.43
C SER A 208 -15.15 -16.10 -8.27
N TYR A 209 -14.55 -14.90 -8.39
CA TYR A 209 -15.13 -13.87 -9.25
C TYR A 209 -14.84 -14.08 -10.72
N ILE A 210 -13.86 -14.94 -11.06
CA ILE A 210 -13.75 -15.42 -12.44
C ILE A 210 -14.86 -16.43 -12.72
N ALA A 211 -15.05 -17.39 -11.81
CA ALA A 211 -16.12 -18.37 -11.99
C ALA A 211 -17.49 -17.70 -12.05
N GLY A 212 -17.70 -16.66 -11.23
CA GLY A 212 -18.98 -15.94 -11.24
C GLY A 212 -19.27 -15.27 -12.57
N LEU A 213 -18.24 -14.75 -13.24
CA LEU A 213 -18.45 -14.27 -14.60
C LEU A 213 -18.90 -15.41 -15.50
N LEU A 214 -18.21 -16.56 -15.40
CA LEU A 214 -18.48 -17.70 -16.25
C LEU A 214 -19.88 -18.26 -16.03
N THR A 215 -20.37 -18.23 -14.78
CA THR A 215 -21.74 -18.66 -14.47
C THR A 215 -22.74 -17.52 -14.55
N GLY A 216 -22.29 -16.30 -14.81
CA GLY A 216 -23.23 -15.18 -14.92
C GLY A 216 -23.91 -14.80 -13.63
N ARG A 217 -23.16 -14.79 -12.53
CA ARG A 217 -23.73 -14.42 -11.25
C ARG A 217 -24.29 -13.00 -11.33
N PRO A 218 -25.32 -12.69 -10.54
CA PRO A 218 -25.96 -11.37 -10.66
C PRO A 218 -25.07 -10.21 -10.24
N ASN A 219 -24.16 -10.41 -9.30
CA ASN A 219 -23.24 -9.35 -8.89
C ASN A 219 -21.99 -9.26 -9.76
N SER A 220 -21.78 -10.23 -10.66
CA SER A 220 -20.55 -10.29 -11.43
C SER A 220 -20.46 -9.13 -12.41
N LYS A 221 -19.27 -8.51 -12.48
CA LYS A 221 -19.01 -7.38 -13.36
C LYS A 221 -17.72 -7.62 -14.10
N ALA A 222 -17.59 -7.02 -15.28
CA ALA A 222 -16.35 -7.05 -16.03
C ALA A 222 -16.10 -5.67 -16.62
N VAL A 223 -14.84 -5.45 -17.01
CA VAL A 223 -14.41 -4.21 -17.64
C VAL A 223 -13.96 -4.52 -19.07
N GLY A 224 -14.46 -3.73 -20.02
CA GLY A 224 -14.01 -3.82 -21.39
C GLY A 224 -12.67 -3.16 -21.59
N PRO A 225 -12.22 -3.13 -22.85
CA PRO A 225 -10.86 -2.64 -23.15
C PRO A 225 -10.68 -1.17 -22.85
N THR A 226 -11.72 -0.36 -23.04
CA THR A 226 -11.65 1.06 -22.75
C THR A 226 -12.11 1.41 -21.34
N GLY A 227 -12.52 0.43 -20.54
CA GLY A 227 -12.87 0.69 -19.16
C GLY A 227 -14.34 0.68 -18.80
N VAL A 228 -15.23 0.34 -19.72
CA VAL A 228 -16.66 0.39 -19.41
C VAL A 228 -17.05 -0.89 -18.67
N ILE A 229 -17.83 -0.71 -17.59
CA ILE A 229 -18.31 -1.85 -16.81
C ILE A 229 -19.36 -2.62 -17.61
N LEU A 230 -19.22 -3.93 -17.64
CA LEU A 230 -20.09 -4.81 -18.41
C LEU A 230 -20.82 -5.76 -17.49
N SER A 231 -22.06 -6.08 -17.85
CA SER A 231 -22.77 -7.18 -17.22
C SER A 231 -22.18 -8.49 -17.73
N PRO A 232 -22.43 -9.60 -17.04
CA PRO A 232 -21.99 -10.89 -17.58
C PRO A 232 -22.50 -11.12 -18.99
N GLU A 233 -23.74 -10.71 -19.26
CA GLU A 233 -24.33 -10.86 -20.58
C GLU A 233 -23.55 -10.07 -21.62
N GLU A 234 -23.30 -8.78 -21.35
CA GLU A 234 -22.54 -7.96 -22.28
C GLU A 234 -21.12 -8.51 -22.47
N ALA A 235 -20.52 -9.03 -21.40
CA ALA A 235 -19.15 -9.53 -21.46
C ALA A 235 -19.04 -10.76 -22.36
N PHE A 236 -19.94 -11.73 -22.16
CA PHE A 236 -20.02 -12.88 -23.05
C PHE A 236 -20.21 -12.45 -24.50
N LYS A 237 -21.00 -11.39 -24.70
CA LYS A 237 -21.30 -10.93 -26.05
C LYS A 237 -20.06 -10.34 -26.71
N LEU A 238 -19.40 -9.41 -26.03
CA LEU A 238 -18.20 -8.78 -26.57
C LEU A 238 -17.03 -9.75 -26.67
N ALA A 239 -17.02 -10.81 -25.84
CA ALA A 239 -15.96 -11.80 -25.96
C ALA A 239 -16.24 -12.86 -27.00
N GLY A 240 -17.45 -12.88 -27.57
CA GLY A 240 -17.79 -13.91 -28.53
C GLY A 240 -17.90 -15.30 -27.93
N VAL A 241 -18.20 -15.39 -26.64
CA VAL A 241 -18.47 -16.67 -26.00
C VAL A 241 -19.92 -17.05 -26.30
N GLU A 242 -20.11 -18.09 -27.09
CA GLU A 242 -21.46 -18.53 -27.43
C GLU A 242 -21.93 -19.62 -26.49
N GLY A 243 -23.25 -19.83 -26.47
CA GLY A 243 -23.85 -20.91 -25.72
C GLY A 243 -24.42 -20.54 -24.37
N GLY A 244 -24.40 -19.26 -24.00
CA GLY A 244 -24.90 -18.83 -22.71
C GLY A 244 -23.93 -19.12 -21.58
N PHE A 245 -24.37 -18.80 -20.36
CA PHE A 245 -23.56 -19.00 -19.17
C PHE A 245 -23.32 -20.47 -18.90
N PHE A 246 -22.16 -20.77 -18.34
CA PHE A 246 -21.87 -22.13 -17.91
C PHE A 246 -22.65 -22.46 -16.66
N GLU A 247 -23.16 -23.68 -16.61
CA GLU A 247 -23.66 -24.29 -15.39
C GLU A 247 -22.58 -25.26 -14.95
N LEU A 248 -21.91 -24.94 -13.84
CA LEU A 248 -20.79 -25.75 -13.40
C LEU A 248 -21.22 -27.18 -13.12
N GLN A 249 -20.47 -28.13 -13.64
CA GLN A 249 -20.59 -29.54 -13.35
C GLN A 249 -19.81 -29.87 -12.09
N PRO A 250 -20.08 -31.04 -11.48
CA PRO A 250 -19.37 -31.40 -10.25
C PRO A 250 -17.87 -31.20 -10.37
N LYS A 251 -17.26 -30.71 -9.27
CA LYS A 251 -15.84 -30.36 -9.15
C LYS A 251 -15.39 -29.15 -9.97
N GLU A 252 -16.21 -28.65 -10.90
CA GLU A 252 -15.71 -27.60 -11.79
C GLU A 252 -15.53 -26.26 -11.08
N GLY A 253 -16.46 -25.90 -10.19
CA GLY A 253 -16.27 -24.72 -9.38
C GLY A 253 -14.99 -24.80 -8.56
N LEU A 254 -14.72 -25.96 -7.96
CA LEU A 254 -13.54 -26.11 -7.12
C LEU A 254 -12.26 -26.04 -7.94
N ALA A 255 -12.25 -26.59 -9.15
CA ALA A 255 -11.06 -26.51 -9.99
C ALA A 255 -10.75 -25.06 -10.37
N LEU A 256 -11.80 -24.26 -10.57
CA LEU A 256 -11.59 -22.85 -10.89
C LEU A 256 -10.98 -22.08 -9.73
N VAL A 257 -11.37 -22.40 -8.48
CA VAL A 257 -11.01 -21.55 -7.36
C VAL A 257 -9.84 -22.07 -6.54
N ASN A 258 -9.48 -23.34 -6.65
CA ASN A 258 -8.57 -23.99 -5.70
C ASN A 258 -7.11 -23.92 -6.14
N GLY A 259 -6.60 -22.72 -6.43
CA GLY A 259 -5.26 -22.60 -6.96
C GLY A 259 -4.59 -21.32 -6.52
N THR A 260 -3.31 -21.21 -6.87
CA THR A 260 -2.47 -20.08 -6.48
C THR A 260 -2.29 -19.07 -7.60
N ALA A 261 -3.23 -19.05 -8.57
CA ALA A 261 -3.03 -18.28 -9.79
C ALA A 261 -2.88 -16.78 -9.54
N VAL A 262 -3.60 -16.21 -8.58
CA VAL A 262 -3.52 -14.76 -8.40
C VAL A 262 -2.17 -14.37 -7.80
N GLY A 263 -1.75 -15.04 -6.72
CA GLY A 263 -0.44 -14.73 -6.16
C GLY A 263 0.70 -14.95 -7.13
N SER A 264 0.73 -16.11 -7.79
CA SER A 264 1.80 -16.41 -8.75
C SER A 264 1.69 -15.58 -10.02
N GLY A 265 0.45 -15.26 -10.45
CA GLY A 265 0.28 -14.34 -11.56
C GLY A 265 0.97 -13.01 -11.33
N MET A 266 0.67 -12.36 -10.19
CA MET A 266 1.29 -11.08 -9.91
C MET A 266 2.79 -11.22 -9.66
N ALA A 267 3.21 -12.32 -9.01
CA ALA A 267 4.64 -12.54 -8.77
C ALA A 267 5.42 -12.60 -10.07
N SER A 268 4.82 -13.14 -11.13
CA SER A 268 5.47 -13.18 -12.43
C SER A 268 5.66 -11.77 -12.98
N MET A 269 4.61 -10.94 -12.89
CA MET A 269 4.70 -9.57 -13.37
C MET A 269 5.77 -8.80 -12.62
N VAL A 270 5.81 -8.95 -11.29
CA VAL A 270 6.81 -8.30 -10.45
C VAL A 270 8.21 -8.81 -10.79
N LEU A 271 8.36 -10.13 -11.01
CA LEU A 271 9.68 -10.67 -11.25
C LEU A 271 10.21 -10.29 -12.63
N PHE A 272 9.33 -10.18 -13.63
CA PHE A 272 9.76 -9.72 -14.94
C PHE A 272 10.41 -8.34 -14.83
N GLU A 273 9.79 -7.43 -14.09
CA GLU A 273 10.34 -6.08 -13.99
C GLU A 273 11.54 -6.04 -13.05
N ALA A 274 11.51 -6.84 -11.97
CA ALA A 274 12.66 -6.89 -11.07
C ALA A 274 13.93 -7.37 -11.78
N ASN A 275 13.79 -8.33 -12.70
CA ASN A 275 14.96 -8.82 -13.42
C ASN A 275 15.58 -7.73 -14.28
N ILE A 276 14.74 -7.01 -15.02
CA ILE A 276 15.24 -5.96 -15.88
C ILE A 276 15.84 -4.82 -15.05
N LEU A 277 15.21 -4.49 -13.90
CA LEU A 277 15.70 -3.40 -13.08
C LEU A 277 17.04 -3.75 -12.43
N ALA A 278 17.27 -5.03 -12.15
CA ALA A 278 18.56 -5.47 -11.65
C ALA A 278 19.67 -5.23 -12.68
N VAL A 279 19.36 -5.45 -13.97
CA VAL A 279 20.33 -5.12 -15.01
C VAL A 279 20.48 -3.61 -15.13
N LEU A 280 19.38 -2.85 -15.01
CA LEU A 280 19.52 -1.41 -15.02
C LEU A 280 20.41 -0.95 -13.88
N ALA A 281 20.28 -1.58 -12.70
CA ALA A 281 21.09 -1.20 -11.55
C ALA A 281 22.57 -1.48 -11.80
N GLU A 282 22.88 -2.61 -12.43
CA GLU A 282 24.28 -2.92 -12.76
C GLU A 282 24.84 -1.87 -13.70
N VAL A 283 24.09 -1.54 -14.75
CA VAL A 283 24.61 -0.61 -15.74
C VAL A 283 24.72 0.80 -15.16
N MET A 284 23.69 1.25 -14.43
CA MET A 284 23.75 2.58 -13.83
C MET A 284 24.88 2.69 -12.82
N SER A 285 25.21 1.60 -12.12
CA SER A 285 26.40 1.61 -11.26
C SER A 285 27.66 1.92 -12.05
N ALA A 286 27.70 1.48 -13.32
CA ALA A 286 28.87 1.75 -14.15
C ALA A 286 28.87 3.18 -14.69
N ILE A 287 27.71 3.67 -15.17
CA ILE A 287 27.61 5.07 -15.57
C ILE A 287 27.92 5.99 -14.39
N PHE A 288 27.44 5.63 -13.20
CA PHE A 288 27.84 6.30 -11.97
C PHE A 288 29.37 6.38 -11.85
N ALA A 289 30.06 5.24 -12.00
CA ALA A 289 31.53 5.24 -11.96
C ALA A 289 32.11 6.17 -13.04
N GLU A 290 31.54 6.14 -14.24
CA GLU A 290 32.04 6.99 -15.32
C GLU A 290 32.00 8.46 -14.93
N VAL A 291 30.85 8.95 -14.47
CA VAL A 291 30.71 10.37 -14.19
C VAL A 291 31.36 10.78 -12.88
N MET A 292 31.53 9.83 -11.95
CA MET A 292 32.24 10.09 -10.71
C MET A 292 33.74 10.12 -10.89
N GLN A 293 34.24 9.75 -12.07
CA GLN A 293 35.66 9.51 -12.28
C GLN A 293 36.19 8.47 -11.29
N GLY A 294 35.36 7.45 -11.04
CA GLY A 294 35.80 6.33 -10.22
C GLY A 294 36.93 5.56 -10.89
N LYS A 295 37.64 4.79 -10.05
CA LYS A 295 38.70 3.87 -10.44
C LYS A 295 38.12 2.56 -10.96
N PRO A 296 38.20 2.29 -12.26
CA PRO A 296 37.60 1.04 -12.79
C PRO A 296 38.24 -0.24 -12.24
N GLU A 297 39.39 -0.13 -11.57
CA GLU A 297 39.98 -1.25 -10.85
C GLU A 297 38.98 -2.00 -9.97
N PHE A 298 37.96 -1.31 -9.44
CA PHE A 298 37.03 -2.00 -8.55
C PHE A 298 36.27 -3.12 -9.26
N THR A 299 36.29 -3.17 -10.60
CA THR A 299 35.65 -4.25 -11.35
C THR A 299 36.64 -5.33 -11.80
N ASP A 300 37.90 -5.25 -11.38
CA ASP A 300 38.92 -6.22 -11.75
C ASP A 300 38.47 -7.65 -11.44
N HIS A 301 38.60 -8.53 -12.44
CA HIS A 301 38.04 -9.88 -12.30
C HIS A 301 38.72 -10.65 -11.16
N LEU A 302 40.01 -10.41 -10.89
CA LEU A 302 40.65 -11.14 -9.81
C LEU A 302 39.90 -10.96 -8.50
N THR A 303 39.59 -9.70 -8.17
CA THR A 303 38.85 -9.39 -6.95
C THR A 303 37.61 -10.27 -6.81
N HIS A 304 36.77 -10.30 -7.85
CA HIS A 304 35.49 -10.99 -7.76
C HIS A 304 35.60 -12.50 -7.98
N LYS A 305 36.53 -12.94 -8.84
CA LYS A 305 36.80 -14.36 -8.99
C LYS A 305 37.17 -14.99 -7.65
N LEU A 306 37.92 -14.27 -6.82
CA LEU A 306 38.36 -14.83 -5.55
C LEU A 306 37.25 -14.94 -4.52
N LYS A 307 36.00 -14.56 -4.84
CA LYS A 307 34.87 -14.76 -3.93
C LYS A 307 33.87 -15.78 -4.43
N HIS A 308 33.99 -16.23 -5.69
CA HIS A 308 33.20 -17.33 -6.23
C HIS A 308 31.74 -16.97 -6.49
N HIS A 309 31.19 -15.95 -5.83
CA HIS A 309 29.76 -15.63 -5.99
C HIS A 309 29.47 -15.25 -7.44
N PRO A 310 28.60 -15.99 -8.15
CA PRO A 310 28.40 -15.68 -9.58
C PRO A 310 27.66 -14.38 -9.81
N GLY A 311 26.73 -13.99 -8.95
CA GLY A 311 26.08 -12.71 -9.12
C GLY A 311 27.07 -11.57 -9.09
N GLN A 312 28.03 -11.63 -8.16
CA GLN A 312 29.00 -10.55 -8.02
C GLN A 312 29.98 -10.55 -9.18
N ILE A 313 30.33 -11.75 -9.67
CA ILE A 313 31.24 -11.86 -10.81
C ILE A 313 30.60 -11.30 -12.08
N GLU A 314 29.33 -11.65 -12.33
CA GLU A 314 28.63 -11.09 -13.48
C GLU A 314 28.49 -9.58 -13.37
N ALA A 315 28.07 -9.10 -12.20
CA ALA A 315 27.91 -7.66 -11.97
C ALA A 315 29.19 -6.89 -12.25
N ALA A 316 30.31 -7.38 -11.71
CA ALA A 316 31.60 -6.75 -11.99
C ALA A 316 31.92 -6.75 -13.48
N ALA A 317 31.66 -7.87 -14.14
CA ALA A 317 32.04 -7.98 -15.54
C ALA A 317 31.21 -7.05 -16.41
N ILE A 318 29.92 -6.91 -16.08
CA ILE A 318 29.05 -5.99 -16.81
C ILE A 318 29.54 -4.55 -16.65
N MET A 319 29.85 -4.15 -15.42
CA MET A 319 30.35 -2.80 -15.21
C MET A 319 31.72 -2.61 -15.86
N GLU A 320 32.57 -3.63 -15.76
CA GLU A 320 33.86 -3.61 -16.45
C GLU A 320 33.68 -3.40 -17.95
N HIS A 321 32.69 -4.05 -18.53
CA HIS A 321 32.44 -3.90 -19.97
C HIS A 321 32.12 -2.46 -20.32
N ILE A 322 31.22 -1.83 -19.56
CA ILE A 322 30.87 -0.43 -19.80
C ILE A 322 32.11 0.45 -19.65
N LEU A 323 32.90 0.22 -18.59
CA LEU A 323 34.05 1.08 -18.32
C LEU A 323 35.17 0.85 -19.33
N ASP A 324 35.34 -0.37 -19.82
CA ASP A 324 36.37 -0.64 -20.82
C ASP A 324 36.05 0.00 -22.16
N GLY A 325 34.81 0.41 -22.39
CA GLY A 325 34.47 1.14 -23.60
C GLY A 325 34.10 2.58 -23.33
N SER A 326 34.61 3.14 -22.22
CA SER A 326 34.29 4.50 -21.81
C SER A 326 35.32 5.49 -22.35
N ALA A 327 34.84 6.51 -23.07
CA ALA A 327 35.73 7.57 -23.52
C ALA A 327 36.31 8.38 -22.36
N TYR A 328 35.58 8.46 -21.24
CA TYR A 328 36.11 9.13 -20.05
C TYR A 328 37.34 8.41 -19.52
N VAL A 329 37.22 7.10 -19.31
CA VAL A 329 38.33 6.29 -18.80
C VAL A 329 39.52 6.35 -19.77
N LYS A 330 39.25 6.16 -21.07
CA LYS A 330 40.33 6.20 -22.06
C LYS A 330 40.97 7.59 -22.12
N ALA A 331 40.19 8.65 -21.94
CA ALA A 331 40.78 9.98 -21.88
C ALA A 331 41.66 10.14 -20.65
N ALA A 332 41.19 9.65 -19.50
CA ALA A 332 41.98 9.75 -18.27
C ALA A 332 43.28 8.97 -18.37
N GLN A 333 43.28 7.85 -19.11
CA GLN A 333 44.48 7.02 -19.22
C GLN A 333 45.60 7.74 -19.97
N LYS A 334 45.26 8.43 -21.06
CA LYS A 334 46.27 9.14 -21.84
C LYS A 334 46.90 10.29 -21.06
N LEU A 335 46.28 10.76 -20.00
CA LEU A 335 46.83 11.84 -19.19
C LEU A 335 47.52 11.27 -17.95
N PRO A 344 43.54 10.01 -3.83
CA PRO A 344 42.77 8.87 -3.30
C PRO A 344 42.98 7.61 -4.13
N LYS A 345 43.33 6.50 -3.48
CA LYS A 345 43.56 5.26 -4.22
C LYS A 345 42.27 4.50 -4.51
N GLN A 346 41.19 4.79 -3.79
CA GLN A 346 39.97 4.00 -3.93
C GLN A 346 38.76 4.88 -3.62
N ASP A 347 37.61 4.41 -4.07
CA ASP A 347 36.35 5.12 -4.00
C ASP A 347 35.60 4.69 -2.74
N ARG A 348 34.50 5.41 -2.44
CA ARG A 348 33.64 5.06 -1.31
CA ARG A 348 33.64 5.06 -1.31
C ARG A 348 32.79 3.83 -1.67
N TYR A 349 32.16 3.25 -0.65
CA TYR A 349 31.57 1.91 -0.80
C TYR A 349 30.50 1.84 -1.90
N ALA A 350 29.66 2.88 -1.99
CA ALA A 350 28.57 2.82 -2.94
C ALA A 350 29.08 2.62 -4.36
N LEU A 351 30.32 3.04 -4.62
CA LEU A 351 30.92 2.75 -5.91
C LEU A 351 31.72 1.45 -5.85
N ARG A 352 32.71 1.40 -4.94
CA ARG A 352 33.70 0.32 -4.97
C ARG A 352 33.10 -1.04 -4.61
N THR A 353 32.07 -1.09 -3.76
CA THR A 353 31.50 -2.36 -3.35
C THR A 353 30.21 -2.70 -4.07
N SER A 354 29.87 -1.94 -5.11
CA SER A 354 28.61 -2.19 -5.80
C SER A 354 28.49 -3.60 -6.39
N PRO A 355 29.55 -4.23 -6.91
CA PRO A 355 29.37 -5.63 -7.35
C PRO A 355 29.12 -6.58 -6.20
N GLN A 356 29.87 -6.45 -5.11
CA GLN A 356 29.61 -7.24 -3.90
C GLN A 356 28.18 -7.04 -3.40
N TRP A 357 27.66 -5.82 -3.50
CA TRP A 357 26.34 -5.49 -2.99
C TRP A 357 25.24 -6.03 -3.91
N LEU A 358 25.39 -5.84 -5.22
CA LEU A 358 24.32 -6.25 -6.13
C LEU A 358 24.29 -7.75 -6.37
N GLY A 359 25.45 -8.40 -6.37
CA GLY A 359 25.57 -9.82 -6.65
C GLY A 359 24.53 -10.71 -5.99
N PRO A 360 24.43 -10.65 -4.66
CA PRO A 360 23.48 -11.55 -3.98
C PRO A 360 22.02 -11.21 -4.25
N GLN A 361 21.71 -9.93 -4.46
CA GLN A 361 20.34 -9.56 -4.80
C GLN A 361 19.94 -10.17 -6.13
N ILE A 362 20.87 -10.19 -7.09
CA ILE A 362 20.59 -10.81 -8.39
C ILE A 362 20.41 -12.31 -8.24
N GLU A 363 21.24 -12.96 -7.44
CA GLU A 363 21.07 -14.39 -7.21
C GLU A 363 19.71 -14.67 -6.56
N VAL A 364 19.26 -13.81 -5.65
CA VAL A 364 17.94 -14.01 -5.03
C VAL A 364 16.83 -13.84 -6.07
N ILE A 365 16.92 -12.79 -6.88
CA ILE A 365 15.89 -12.53 -7.87
C ILE A 365 15.83 -13.65 -8.90
N ARG A 366 16.99 -14.17 -9.27
CA ARG A 366 17.03 -15.26 -10.24
C ARG A 366 16.47 -16.54 -9.64
N SER A 367 16.89 -16.89 -8.43
CA SER A 367 16.38 -18.08 -7.78
C SER A 367 14.87 -17.96 -7.51
N SER A 368 14.41 -16.77 -7.10
CA SER A 368 12.98 -16.58 -6.90
C SER A 368 12.21 -16.74 -8.21
N THR A 369 12.79 -16.26 -9.31
CA THR A 369 12.15 -16.41 -10.62
C THR A 369 11.93 -17.88 -10.97
N LYS A 370 12.93 -18.72 -10.73
CA LYS A 370 12.76 -20.14 -11.02
CA LYS A 370 12.76 -20.14 -11.02
C LYS A 370 11.64 -20.74 -10.18
N MET A 371 11.59 -20.39 -8.90
CA MET A 371 10.53 -20.88 -8.04
C MET A 371 9.15 -20.48 -8.55
N ILE A 372 9.01 -19.23 -9.00
CA ILE A 372 7.71 -18.79 -9.51
C ILE A 372 7.39 -19.48 -10.83
N GLU A 373 8.42 -19.71 -11.66
CA GLU A 373 8.15 -20.38 -12.93
C GLU A 373 7.70 -21.83 -12.72
N ARG A 374 8.24 -22.51 -11.71
CA ARG A 374 7.70 -23.82 -11.37
CA ARG A 374 7.70 -23.82 -11.35
C ARG A 374 6.27 -23.70 -10.86
N GLU A 375 5.99 -22.70 -10.03
CA GLU A 375 4.64 -22.53 -9.48
C GLU A 375 3.60 -22.27 -10.58
N ILE A 376 3.92 -21.41 -11.55
CA ILE A 376 2.94 -21.13 -12.60
C ILE A 376 2.77 -22.29 -13.56
N ASN A 377 3.66 -23.28 -13.52
CA ASN A 377 3.48 -24.50 -14.31
C ASN A 377 3.09 -25.69 -13.46
N SER A 378 2.68 -25.46 -12.22
CA SER A 378 2.32 -26.56 -11.35
C SER A 378 0.85 -26.92 -11.49
N VAL A 379 0.50 -28.12 -11.05
CA VAL A 379 -0.90 -28.51 -10.90
C VAL A 379 -1.26 -28.09 -9.48
N ASN A 380 -1.65 -26.82 -9.32
CA ASN A 380 -2.08 -26.32 -8.02
C ASN A 380 -3.60 -26.43 -8.01
N ASP A 381 -4.08 -27.55 -7.47
CA ASP A 381 -5.49 -27.90 -7.43
C ASP A 381 -5.62 -29.04 -6.43
N ASN A 382 -6.85 -29.35 -6.04
CA ASN A 382 -7.11 -30.41 -5.07
C ASN A 382 -8.60 -30.71 -5.07
N PRO A 383 -9.00 -31.98 -5.05
CA PRO A 383 -8.07 -33.10 -5.24
C PRO A 383 -7.64 -33.24 -6.71
N LEU A 384 -6.64 -34.08 -6.94
CA LEU A 384 -6.17 -34.35 -8.29
C LEU A 384 -6.81 -35.64 -8.80
N ILE A 385 -7.23 -35.64 -10.05
CA ILE A 385 -7.87 -36.81 -10.65
C ILE A 385 -6.80 -37.58 -11.42
N ASP A 386 -6.40 -38.73 -10.88
CA ASP A 386 -5.42 -39.58 -11.55
C ASP A 386 -6.20 -40.67 -12.26
N VAL A 387 -6.55 -40.42 -13.53
CA VAL A 387 -7.30 -41.42 -14.28
C VAL A 387 -6.48 -42.69 -14.44
N SER A 388 -5.15 -42.56 -14.57
CA SER A 388 -4.31 -43.74 -14.78
C SER A 388 -4.35 -44.70 -13.59
N ARG A 389 -4.75 -44.24 -12.40
CA ARG A 389 -4.89 -45.12 -11.24
C ARG A 389 -6.33 -45.15 -10.75
N ASN A 390 -7.26 -44.59 -11.52
CA ASN A 390 -8.70 -44.67 -11.23
C ASN A 390 -9.04 -44.06 -9.87
N LYS A 391 -8.40 -42.96 -9.51
CA LYS A 391 -8.65 -42.43 -8.18
C LYS A 391 -8.33 -40.94 -8.13
N ALA A 392 -8.89 -40.30 -7.11
CA ALA A 392 -8.56 -38.93 -6.73
C ALA A 392 -7.47 -38.94 -5.67
N ILE A 393 -6.53 -38.00 -5.79
CA ILE A 393 -5.42 -37.88 -4.85
C ILE A 393 -5.61 -36.59 -4.08
N HIS A 394 -5.73 -36.68 -2.76
CA HIS A 394 -5.95 -35.52 -1.92
C HIS A 394 -4.61 -35.02 -1.42
N GLY A 395 -4.43 -33.71 -1.44
CA GLY A 395 -3.13 -33.15 -1.14
C GLY A 395 -3.23 -31.65 -0.92
N GLY A 396 -2.07 -30.99 -0.96
CA GLY A 396 -2.02 -29.59 -0.59
C GLY A 396 -1.39 -28.68 -1.62
N ASN A 397 -1.57 -28.98 -2.91
CA ASN A 397 -0.85 -28.19 -3.92
C ASN A 397 -1.36 -26.75 -4.05
N PHE A 398 -2.49 -26.41 -3.42
CA PHE A 398 -2.99 -25.05 -3.32
C PHE A 398 -2.18 -24.18 -2.37
N GLN A 399 -1.23 -24.77 -1.63
CA GLN A 399 -0.51 -24.08 -0.57
C GLN A 399 0.62 -23.24 -1.18
N GLY A 400 0.40 -21.94 -1.34
CA GLY A 400 1.29 -21.10 -2.13
C GLY A 400 2.58 -20.63 -1.49
N THR A 401 3.18 -21.46 -0.63
CA THR A 401 4.46 -21.15 -0.01
C THR A 401 5.54 -20.68 -0.99
N PRO A 402 5.72 -21.30 -2.17
CA PRO A 402 6.74 -20.76 -3.11
C PRO A 402 6.54 -19.29 -3.44
N ILE A 403 5.29 -18.83 -3.51
CA ILE A 403 5.00 -17.42 -3.79
C ILE A 403 5.38 -16.56 -2.59
N GLY A 404 4.87 -16.91 -1.40
CA GLY A 404 5.19 -16.12 -0.22
C GLY A 404 6.68 -16.00 -0.01
N VAL A 405 7.38 -17.14 -0.02
CA VAL A 405 8.82 -17.18 0.25
C VAL A 405 9.59 -16.38 -0.81
N SER A 406 9.28 -16.59 -2.10
CA SER A 406 10.04 -15.90 -3.13
C SER A 406 9.75 -14.41 -3.14
N MET A 407 8.50 -14.03 -2.93
CA MET A 407 8.17 -12.61 -2.89
C MET A 407 8.77 -11.92 -1.67
N ASP A 408 8.72 -12.58 -0.50
CA ASP A 408 9.38 -11.99 0.67
C ASP A 408 10.88 -11.79 0.41
N ASN A 409 11.55 -12.83 -0.10
CA ASN A 409 12.98 -12.75 -0.36
C ASN A 409 13.28 -11.71 -1.45
N THR A 410 12.47 -11.70 -2.50
CA THR A 410 12.68 -10.72 -3.57
C THR A 410 12.48 -9.30 -3.10
N ARG A 411 11.49 -9.07 -2.21
CA ARG A 411 11.24 -7.72 -1.72
C ARG A 411 12.43 -7.19 -0.94
N LEU A 412 13.04 -8.02 -0.11
CA LEU A 412 14.25 -7.62 0.60
C LEU A 412 15.36 -7.25 -0.39
N ALA A 413 15.48 -8.02 -1.47
CA ALA A 413 16.52 -7.74 -2.46
C ALA A 413 16.25 -6.44 -3.19
N ILE A 414 14.97 -6.18 -3.52
CA ILE A 414 14.62 -4.89 -4.10
C ILE A 414 15.02 -3.75 -3.17
N ALA A 415 14.76 -3.89 -1.88
CA ALA A 415 15.14 -2.84 -0.93
C ALA A 415 16.65 -2.62 -0.92
N ALA A 416 17.42 -3.73 -1.00
CA ALA A 416 18.88 -3.60 -1.00
C ALA A 416 19.37 -2.92 -2.27
N ILE A 417 18.72 -3.20 -3.40
CA ILE A 417 19.08 -2.50 -4.63
C ILE A 417 18.79 -1.01 -4.50
N GLY A 418 17.66 -0.66 -3.89
CA GLY A 418 17.31 0.75 -3.75
C GLY A 418 18.19 1.46 -2.73
N LYS A 419 18.57 0.78 -1.65
CA LYS A 419 19.50 1.39 -0.68
C LYS A 419 20.85 1.71 -1.34
N LEU A 420 21.38 0.81 -2.17
CA LEU A 420 22.61 1.12 -2.91
C LEU A 420 22.40 2.31 -3.83
N MET A 421 21.30 2.30 -4.57
CA MET A 421 20.96 3.41 -5.47
C MET A 421 20.80 4.73 -4.71
N PHE A 422 20.22 4.69 -3.51
CA PHE A 422 20.18 5.90 -2.69
C PHE A 422 21.58 6.37 -2.31
N ALA A 423 22.45 5.44 -1.88
CA ALA A 423 23.82 5.80 -1.53
C ALA A 423 24.57 6.39 -2.72
N GLN A 424 24.42 5.79 -3.91
CA GLN A 424 25.10 6.30 -5.10
C GLN A 424 24.62 7.70 -5.46
N PHE A 425 23.31 7.88 -5.54
CA PHE A 425 22.74 9.20 -5.78
C PHE A 425 23.29 10.23 -4.80
N SER A 426 23.31 9.87 -3.51
CA SER A 426 23.77 10.82 -2.51
C SER A 426 25.22 11.22 -2.76
N GLU A 427 26.08 10.25 -3.11
CA GLU A 427 27.45 10.58 -3.47
C GLU A 427 27.51 11.53 -4.66
N LEU A 428 26.70 11.25 -5.69
CA LEU A 428 26.77 11.98 -6.96
C LEU A 428 26.44 13.46 -6.79
N VAL A 429 25.50 13.80 -5.90
CA VAL A 429 25.07 15.19 -5.77
C VAL A 429 25.77 15.92 -4.64
N ASN A 430 26.71 15.28 -3.96
CA ASN A 430 27.47 15.91 -2.89
C ASN A 430 28.86 16.31 -3.42
N ASP A 431 29.15 17.62 -3.43
CA ASP A 431 30.44 18.10 -3.95
C ASP A 431 31.61 17.68 -3.07
N PHE A 432 31.37 17.22 -1.85
CA PHE A 432 32.44 16.60 -1.07
C PHE A 432 32.94 15.32 -1.72
N TYR A 433 32.08 14.62 -2.47
CA TYR A 433 32.41 13.27 -2.90
C TYR A 433 32.33 13.03 -4.40
N ASN A 434 31.86 13.99 -5.20
CA ASN A 434 31.60 13.70 -6.61
C ASN A 434 32.71 14.20 -7.54
N ASN A 435 33.91 14.45 -7.02
CA ASN A 435 35.10 14.72 -7.83
C ASN A 435 34.88 15.89 -8.79
N GLY A 436 34.49 17.03 -8.23
CA GLY A 436 34.43 18.27 -8.98
C GLY A 436 33.09 18.61 -9.61
N LEU A 437 32.12 17.70 -9.59
CA LEU A 437 30.79 18.05 -10.07
C LEU A 437 30.16 19.09 -9.13
N PRO A 438 29.23 19.91 -9.65
CA PRO A 438 28.63 20.95 -8.81
C PRO A 438 27.80 20.32 -7.70
N SER A 439 27.77 20.98 -6.54
CA SER A 439 26.82 20.58 -5.51
C SER A 439 25.41 20.56 -6.11
N ASN A 440 24.62 19.55 -5.77
CA ASN A 440 23.25 19.38 -6.26
C ASN A 440 23.17 19.12 -7.78
N LEU A 441 24.30 18.95 -8.46
CA LEU A 441 24.33 18.90 -9.93
C LEU A 441 23.61 20.12 -10.54
N SER A 442 23.72 21.27 -9.86
CA SER A 442 23.15 22.50 -10.36
CA SER A 442 23.14 22.50 -10.37
C SER A 442 23.61 22.77 -11.79
N GLY A 443 22.71 23.26 -12.63
CA GLY A 443 23.03 23.39 -14.03
C GLY A 443 23.27 24.80 -14.57
N GLY A 444 22.76 25.81 -13.88
CA GLY A 444 22.76 27.15 -14.43
C GLY A 444 24.00 27.93 -14.10
N ARG A 445 24.09 29.12 -14.72
CA ARG A 445 25.24 30.00 -14.54
C ARG A 445 25.36 30.51 -13.12
N ASN A 446 24.26 30.64 -12.40
CA ASN A 446 24.27 31.29 -11.08
C ASN A 446 23.87 30.29 -10.01
N PRO A 447 24.84 29.71 -9.28
CA PRO A 447 24.50 28.67 -8.29
C PRO A 447 23.62 29.18 -7.16
N SER A 448 23.52 30.50 -6.96
CA SER A 448 22.62 31.01 -5.93
C SER A 448 21.17 30.92 -6.34
N LEU A 449 20.89 30.79 -7.64
CA LEU A 449 19.52 30.61 -8.12
C LEU A 449 19.34 29.26 -8.84
N ASP A 450 20.09 28.23 -8.41
CA ASP A 450 19.94 26.91 -9.02
C ASP A 450 20.39 25.88 -7.97
N TYR A 451 19.42 25.20 -7.36
CA TYR A 451 19.71 24.20 -6.35
C TYR A 451 19.50 22.79 -6.89
N GLY A 452 19.52 22.66 -8.21
CA GLY A 452 19.68 21.39 -8.87
C GLY A 452 18.72 20.31 -8.41
N PHE A 453 19.31 19.24 -7.91
CA PHE A 453 18.61 18.02 -7.55
C PHE A 453 18.34 17.93 -6.05
N LYS A 454 18.44 19.05 -5.31
CA LYS A 454 18.26 19.00 -3.87
C LYS A 454 16.87 18.50 -3.49
N GLY A 455 15.83 18.95 -4.20
CA GLY A 455 14.50 18.40 -3.96
C GLY A 455 14.42 16.94 -4.31
N ALA A 456 14.94 16.58 -5.49
CA ALA A 456 15.01 15.17 -5.90
C ALA A 456 15.77 14.33 -4.89
N GLU A 457 16.79 14.91 -4.24
CA GLU A 457 17.59 14.14 -3.27
C GLU A 457 16.79 13.84 -2.01
N ILE A 458 16.03 14.83 -1.51
CA ILE A 458 15.11 14.58 -0.41
C ILE A 458 14.07 13.53 -0.80
N ALA A 459 13.60 13.58 -2.04
CA ALA A 459 12.63 12.58 -2.46
C ALA A 459 13.26 11.20 -2.55
N MET A 460 14.55 11.14 -2.91
CA MET A 460 15.23 9.86 -2.92
C MET A 460 15.32 9.28 -1.52
N ALA A 461 15.53 10.11 -0.51
CA ALA A 461 15.50 9.60 0.86
C ALA A 461 14.11 9.04 1.19
N SER A 462 13.04 9.73 0.76
CA SER A 462 11.71 9.24 1.08
C SER A 462 11.42 7.93 0.37
N TYR A 463 11.88 7.79 -0.87
CA TYR A 463 11.74 6.51 -1.57
C TYR A 463 12.48 5.42 -0.81
N CYS A 464 13.74 5.68 -0.46
CA CYS A 464 14.56 4.63 0.17
C CYS A 464 13.97 4.19 1.51
N SER A 465 13.56 5.15 2.35
CA SER A 465 12.95 4.83 3.64
C SER A 465 11.69 3.98 3.48
N GLU A 466 10.79 4.37 2.58
CA GLU A 466 9.58 3.57 2.42
C GLU A 466 9.93 2.18 1.92
N LEU A 467 10.98 2.08 1.10
CA LEU A 467 11.43 0.78 0.62
C LEU A 467 11.95 -0.10 1.75
N GLN A 468 12.67 0.50 2.71
CA GLN A 468 13.17 -0.30 3.82
C GLN A 468 12.02 -0.80 4.70
N PHE A 469 10.95 0.00 4.84
CA PHE A 469 9.75 -0.48 5.51
C PHE A 469 9.14 -1.65 4.74
N LEU A 470 8.94 -1.47 3.45
CA LEU A 470 8.38 -2.55 2.63
C LEU A 470 9.21 -3.82 2.69
N ALA A 471 10.48 -3.74 3.09
CA ALA A 471 11.34 -4.92 3.08
C ALA A 471 10.97 -5.96 4.14
N ASN A 472 10.14 -5.60 5.12
CA ASN A 472 9.73 -6.56 6.13
C ASN A 472 8.92 -7.70 5.49
N PRO A 473 9.01 -8.91 6.04
CA PRO A 473 8.29 -10.04 5.44
C PRO A 473 6.79 -9.98 5.70
N VAL A 474 6.05 -10.62 4.80
CA VAL A 474 4.63 -10.87 5.01
C VAL A 474 4.38 -12.25 5.63
N THR A 475 5.18 -13.25 5.25
CA THR A 475 4.83 -14.64 5.55
C THR A 475 5.08 -15.05 6.99
N ASN A 476 5.57 -14.15 7.85
CA ASN A 476 5.63 -14.43 9.27
C ASN A 476 4.41 -13.88 10.03
N HIS A 477 3.29 -13.65 9.34
CA HIS A 477 2.07 -13.14 9.97
C HIS A 477 0.89 -14.09 9.76
N VAL A 478 1.18 -15.39 9.72
CA VAL A 478 0.18 -16.39 9.36
C VAL A 478 -0.80 -16.59 10.52
N GLN A 479 -2.08 -16.49 10.21
CA GLN A 479 -3.12 -16.80 11.17
C GLN A 479 -3.61 -18.21 10.95
N SER A 480 -4.01 -18.87 12.04
CA SER A 480 -4.71 -20.13 11.92
C SER A 480 -6.13 -19.86 11.41
N ALA A 481 -6.41 -20.25 10.17
CA ALA A 481 -7.61 -19.81 9.48
C ALA A 481 -8.62 -20.93 9.29
N GLU A 482 -9.84 -20.50 8.91
CA GLU A 482 -10.96 -21.36 8.50
C GLU A 482 -11.19 -22.48 9.52
N GLN A 483 -11.70 -22.08 10.69
CA GLN A 483 -11.96 -23.00 11.79
C GLN A 483 -10.77 -23.91 12.04
N HIS A 484 -9.57 -23.35 11.85
CA HIS A 484 -8.28 -23.98 12.11
C HIS A 484 -7.99 -25.18 11.21
N ASN A 485 -8.75 -25.33 10.12
CA ASN A 485 -8.34 -26.25 9.08
C ASN A 485 -7.12 -25.72 8.33
N GLN A 486 -7.08 -24.41 8.05
CA GLN A 486 -5.96 -23.80 7.35
C GLN A 486 -4.98 -23.21 8.36
N ASP A 487 -4.40 -24.10 9.17
CA ASP A 487 -3.64 -23.58 10.30
C ASP A 487 -2.22 -23.17 9.91
N VAL A 488 -1.80 -23.42 8.66
CA VAL A 488 -0.70 -22.71 8.02
C VAL A 488 -1.22 -22.28 6.65
N ASN A 489 -0.77 -21.11 6.19
CA ASN A 489 -1.19 -20.62 4.89
C ASN A 489 -0.15 -19.64 4.40
N SER A 490 -0.05 -19.49 3.08
CA SER A 490 1.18 -18.91 2.54
C SER A 490 1.19 -17.38 2.54
N LEU A 491 0.01 -16.74 2.43
CA LEU A 491 -0.11 -15.30 2.24
C LEU A 491 0.58 -14.84 0.95
N GLY A 492 0.66 -15.73 -0.05
CA GLY A 492 1.44 -15.45 -1.24
C GLY A 492 1.06 -14.14 -1.92
N LEU A 493 -0.24 -13.95 -2.20
CA LEU A 493 -0.66 -12.76 -2.94
C LEU A 493 -0.42 -11.47 -2.15
N ILE A 494 -0.65 -11.49 -0.84
CA ILE A 494 -0.33 -10.29 -0.07
C ILE A 494 1.15 -9.93 -0.24
N SER A 495 2.03 -10.93 -0.22
CA SER A 495 3.46 -10.69 -0.42
C SER A 495 3.73 -10.14 -1.83
N SER A 496 3.15 -10.77 -2.86
CA SER A 496 3.31 -10.26 -4.22
C SER A 496 2.90 -8.79 -4.33
N ARG A 497 1.79 -8.41 -3.69
CA ARG A 497 1.32 -7.03 -3.72
C ARG A 497 2.34 -6.08 -3.10
N LYS A 498 2.99 -6.48 -2.02
CA LYS A 498 3.98 -5.60 -1.42
C LYS A 498 5.25 -5.55 -2.25
N THR A 499 5.64 -6.67 -2.88
CA THR A 499 6.80 -6.60 -3.77
C THR A 499 6.52 -5.74 -5.00
N SER A 500 5.27 -5.75 -5.48
CA SER A 500 4.90 -4.89 -6.60
C SER A 500 5.04 -3.41 -6.22
N GLU A 501 4.61 -3.05 -5.01
CA GLU A 501 4.78 -1.69 -4.52
C GLU A 501 6.27 -1.33 -4.43
N ALA A 502 7.07 -2.24 -3.87
CA ALA A 502 8.52 -2.04 -3.83
C ALA A 502 9.10 -1.82 -5.22
N VAL A 503 8.65 -2.60 -6.21
CA VAL A 503 9.16 -2.41 -7.57
C VAL A 503 8.83 -1.02 -8.09
N GLU A 504 7.60 -0.53 -7.86
CA GLU A 504 7.24 0.81 -8.31
C GLU A 504 8.16 1.86 -7.67
N ILE A 505 8.40 1.74 -6.36
CA ILE A 505 9.31 2.69 -5.73
C ILE A 505 10.70 2.59 -6.35
N LEU A 506 11.19 1.36 -6.59
CA LEU A 506 12.48 1.23 -7.25
C LEU A 506 12.49 1.92 -8.61
N LYS A 507 11.34 1.93 -9.30
CA LYS A 507 11.25 2.66 -10.56
C LYS A 507 11.32 4.16 -10.35
N LEU A 508 10.69 4.68 -9.28
CA LEU A 508 10.84 6.11 -9.00
C LEU A 508 12.30 6.45 -8.73
N MET A 509 13.00 5.59 -7.98
CA MET A 509 14.40 5.86 -7.69
C MET A 509 15.25 5.76 -8.95
N SER A 510 14.99 4.74 -9.78
CA SER A 510 15.78 4.53 -10.99
C SER A 510 15.61 5.68 -11.96
N THR A 511 14.36 6.12 -12.15
CA THR A 511 14.07 7.30 -12.95
C THR A 511 14.86 8.51 -12.46
N THR A 512 14.77 8.79 -11.16
CA THR A 512 15.41 9.97 -10.59
C THR A 512 16.92 9.86 -10.71
N PHE A 513 17.48 8.70 -10.38
CA PHE A 513 18.91 8.46 -10.56
C PHE A 513 19.32 8.64 -12.03
N LEU A 514 18.58 8.02 -12.96
CA LEU A 514 19.02 8.02 -14.34
C LEU A 514 19.05 9.43 -14.93
N VAL A 515 18.08 10.26 -14.55
CA VAL A 515 18.08 11.64 -15.01
C VAL A 515 19.20 12.41 -14.33
N GLY A 516 19.51 12.09 -13.09
CA GLY A 516 20.67 12.68 -12.44
C GLY A 516 21.96 12.32 -13.15
N LEU A 517 22.09 11.06 -13.59
CA LEU A 517 23.31 10.65 -14.26
C LEU A 517 23.48 11.38 -15.58
N CYS A 518 22.38 11.55 -16.32
CA CYS A 518 22.44 12.28 -17.58
C CYS A 518 22.81 13.75 -17.37
N GLN A 519 22.27 14.37 -16.32
CA GLN A 519 22.70 15.72 -15.95
C GLN A 519 24.21 15.77 -15.68
N ALA A 520 24.72 14.82 -14.90
CA ALA A 520 26.15 14.83 -14.59
C ALA A 520 26.98 14.65 -15.85
N ILE A 521 26.53 13.75 -16.76
CA ILE A 521 27.19 13.59 -18.04
C ILE A 521 27.35 14.94 -18.73
N ASP A 522 26.26 15.70 -18.83
CA ASP A 522 26.33 17.01 -19.48
C ASP A 522 27.20 17.98 -18.72
N LEU A 523 27.23 17.88 -17.39
CA LEU A 523 28.11 18.75 -16.60
C LEU A 523 29.58 18.43 -16.84
N ARG A 524 29.93 17.15 -17.05
CA ARG A 524 31.32 16.83 -17.43
C ARG A 524 31.65 17.42 -18.81
N HIS A 525 30.67 17.40 -19.71
CA HIS A 525 30.82 18.03 -21.02
C HIS A 525 31.05 19.53 -20.89
N LEU A 526 30.25 20.21 -20.06
CA LEU A 526 30.46 21.63 -19.82
C LEU A 526 31.81 21.87 -19.15
N GLU A 527 32.18 20.98 -18.22
CA GLU A 527 33.41 21.13 -17.46
C GLU A 527 34.64 21.11 -18.35
N GLU A 528 34.73 20.12 -19.25
CA GLU A 528 35.91 19.99 -20.09
C GLU A 528 36.00 21.14 -21.11
N ASN A 529 34.87 21.62 -21.62
CA ASN A 529 34.92 22.74 -22.57
C ASN A 529 35.35 24.03 -21.88
N LEU A 530 34.76 24.34 -20.73
CA LEU A 530 35.15 25.59 -20.07
C LEU A 530 36.59 25.52 -19.59
N LYS A 531 37.02 24.35 -19.11
CA LYS A 531 38.40 24.19 -18.65
C LYS A 531 39.40 24.47 -19.77
N SER A 532 39.09 24.02 -20.99
CA SER A 532 39.90 24.35 -22.14
C SER A 532 39.95 25.85 -22.39
N THR A 533 38.80 26.53 -22.24
CA THR A 533 38.75 27.97 -22.47
C THR A 533 39.60 28.72 -21.45
N VAL A 534 39.47 28.35 -20.17
CA VAL A 534 40.29 28.97 -19.12
C VAL A 534 41.78 28.77 -19.40
N LYS A 535 42.16 27.56 -19.78
CA LYS A 535 43.57 27.26 -20.01
C LYS A 535 44.12 28.03 -21.21
N ASN A 536 43.32 28.18 -22.26
CA ASN A 536 43.74 28.96 -23.42
C ASN A 536 43.88 30.44 -23.06
N THR A 537 42.96 30.97 -22.25
CA THR A 537 43.02 32.37 -21.86
C THR A 537 44.17 32.63 -20.90
N VAL A 538 44.35 31.75 -19.91
CA VAL A 538 45.46 31.94 -18.97
C VAL A 538 46.79 31.88 -19.71
N SER A 539 46.92 30.97 -20.68
CA SER A 539 48.16 30.86 -21.44
C SER A 539 48.39 32.11 -22.28
N SER A 540 47.37 32.59 -23.00
CA SER A 540 47.57 33.72 -23.90
C SER A 540 47.90 35.00 -23.14
N VAL A 541 47.24 35.23 -21.99
CA VAL A 541 47.59 36.38 -21.17
C VAL A 541 48.97 36.21 -20.56
N ALA A 542 49.35 34.98 -20.21
CA ALA A 542 50.70 34.73 -19.72
C ALA A 542 51.73 35.05 -20.79
N LYS A 543 51.53 34.55 -22.01
CA LYS A 543 52.51 34.77 -23.08
C LYS A 543 52.62 36.23 -23.48
N ARG A 544 51.60 37.05 -23.18
CA ARG A 544 51.71 38.49 -23.42
C ARG A 544 52.43 39.18 -22.28
N VAL A 545 51.75 39.37 -21.15
CA VAL A 545 52.24 40.26 -20.11
C VAL A 545 53.45 39.71 -19.38
N LEU A 546 53.74 38.43 -19.53
CA LEU A 546 54.91 37.82 -18.89
C LEU A 546 55.99 37.49 -19.92
N THR A 547 55.91 38.10 -21.11
CA THR A 547 56.89 37.95 -22.18
C THR A 547 57.14 36.49 -22.54
N HIS A 555 60.12 39.07 -19.40
CA HIS A 555 61.40 38.93 -18.72
C HIS A 555 61.54 37.44 -18.25
N PRO A 556 62.19 37.11 -17.11
CA PRO A 556 62.26 35.68 -16.72
C PRO A 556 60.95 35.09 -16.21
N SER A 557 59.86 35.86 -16.16
CA SER A 557 58.58 35.28 -15.76
C SER A 557 58.01 34.32 -16.79
N ARG A 558 58.70 34.13 -17.92
CA ARG A 558 58.26 33.15 -18.91
C ARG A 558 58.21 31.75 -18.31
N PHE A 559 59.03 31.49 -17.29
CA PHE A 559 59.14 30.14 -16.76
C PHE A 559 57.87 29.68 -16.06
N CYS A 560 57.09 30.61 -15.53
CA CYS A 560 55.94 30.24 -14.71
C CYS A 560 54.66 30.03 -15.51
N GLU A 561 54.71 30.09 -16.84
CA GLU A 561 53.52 29.76 -17.61
C GLU A 561 53.14 28.29 -17.43
N LYS A 562 54.14 27.40 -17.33
CA LYS A 562 53.83 25.98 -17.15
C LYS A 562 53.15 25.74 -15.82
N ASP A 563 53.55 26.47 -14.78
CA ASP A 563 52.95 26.32 -13.47
C ASP A 563 51.55 26.91 -13.43
N LEU A 564 51.34 28.03 -14.12
CA LEU A 564 50.02 28.65 -14.15
C LEU A 564 49.00 27.75 -14.85
N LEU A 565 49.40 27.13 -15.96
CA LEU A 565 48.50 26.19 -16.63
C LEU A 565 48.21 24.98 -15.75
N ARG A 566 49.22 24.52 -14.99
CA ARG A 566 49.00 23.44 -14.04
C ARG A 566 47.96 23.80 -13.00
N VAL A 567 47.91 25.08 -12.59
CA VAL A 567 46.85 25.52 -11.69
C VAL A 567 45.49 25.25 -12.32
N VAL A 568 45.35 25.56 -13.61
CA VAL A 568 44.09 25.33 -14.31
C VAL A 568 43.82 23.83 -14.43
N ASP A 569 44.87 23.04 -14.74
CA ASP A 569 44.69 21.61 -14.96
C ASP A 569 44.15 20.93 -13.71
N ARG A 570 44.63 21.34 -12.54
CA ARG A 570 44.32 20.65 -11.30
C ARG A 570 43.14 21.24 -10.55
N GLU A 571 42.73 22.47 -10.86
CA GLU A 571 41.63 23.10 -10.15
C GLU A 571 40.28 22.67 -10.71
N TYR A 572 39.30 22.55 -9.83
CA TYR A 572 37.94 22.18 -10.21
C TYR A 572 37.23 23.36 -10.84
N ILE A 573 36.88 23.23 -12.13
CA ILE A 573 36.16 24.28 -12.85
C ILE A 573 34.98 24.80 -12.02
N PHE A 574 34.16 23.89 -11.48
CA PHE A 574 32.93 24.34 -10.83
C PHE A 574 33.18 24.95 -9.46
N ALA A 575 34.42 24.97 -8.98
CA ALA A 575 34.73 25.73 -7.78
C ALA A 575 34.87 27.23 -8.07
N TYR A 576 34.86 27.65 -9.34
CA TYR A 576 35.10 29.06 -9.60
C TYR A 576 34.47 29.63 -10.87
N ILE A 577 33.91 28.78 -11.72
CA ILE A 577 33.58 29.23 -13.08
C ILE A 577 32.37 30.15 -13.12
N ASP A 578 31.53 30.14 -12.09
CA ASP A 578 30.40 31.05 -12.07
C ASP A 578 30.85 32.49 -11.89
N ASP A 579 32.08 32.70 -11.45
CA ASP A 579 32.67 34.02 -11.30
C ASP A 579 34.19 33.85 -11.37
N PRO A 580 34.75 33.61 -12.56
CA PRO A 580 36.12 33.05 -12.62
C PRO A 580 37.20 34.00 -12.13
N CYS A 581 37.00 35.31 -12.25
CA CYS A 581 38.00 36.27 -11.78
C CYS A 581 37.72 36.82 -10.40
N SER A 582 36.81 36.20 -9.63
CA SER A 582 36.56 36.62 -8.26
C SER A 582 37.80 36.40 -7.40
N ALA A 583 38.14 37.41 -6.59
CA ALA A 583 39.33 37.37 -5.75
C ALA A 583 39.21 36.37 -4.61
N THR A 584 38.00 35.92 -4.30
CA THR A 584 37.81 34.95 -3.22
C THR A 584 37.65 33.52 -3.72
N TYR A 585 37.68 33.30 -5.05
CA TYR A 585 37.64 31.98 -5.66
C TYR A 585 39.05 31.44 -5.89
N PRO A 586 39.22 30.12 -5.98
CA PRO A 586 40.58 29.55 -5.95
C PRO A 586 41.41 29.84 -7.19
N LEU A 587 40.80 30.17 -8.33
CA LEU A 587 41.60 30.34 -9.54
C LEU A 587 42.52 31.55 -9.44
N MET A 588 41.94 32.74 -9.21
CA MET A 588 42.74 33.96 -9.05
C MET A 588 43.73 33.82 -7.89
N GLN A 589 43.29 33.27 -6.76
CA GLN A 589 44.18 33.14 -5.62
C GLN A 589 45.40 32.30 -5.95
N LYS A 590 45.19 31.16 -6.61
CA LYS A 590 46.29 30.22 -6.83
C LYS A 590 47.16 30.62 -8.02
N LEU A 591 46.58 31.26 -9.03
CA LEU A 591 47.41 31.90 -10.05
C LEU A 591 48.34 32.93 -9.40
N ARG A 592 47.78 33.80 -8.56
CA ARG A 592 48.60 34.79 -7.86
C ARG A 592 49.63 34.13 -6.96
N GLN A 593 49.24 33.03 -6.29
CA GLN A 593 50.20 32.29 -5.47
C GLN A 593 51.34 31.77 -6.32
N THR A 594 51.05 31.35 -7.55
CA THR A 594 52.10 30.86 -8.44
C THR A 594 53.07 31.98 -8.81
N LEU A 595 52.55 33.15 -9.19
CA LEU A 595 53.40 34.29 -9.51
C LEU A 595 54.25 34.68 -8.32
N VAL A 596 53.67 34.64 -7.10
CA VAL A 596 54.42 35.02 -5.91
C VAL A 596 55.54 34.02 -5.63
N GLU A 597 55.26 32.73 -5.79
CA GLU A 597 56.28 31.72 -5.52
C GLU A 597 57.42 31.78 -6.54
N HIS A 598 57.11 32.16 -7.78
CA HIS A 598 58.17 32.33 -8.76
C HIS A 598 59.01 33.57 -8.46
N ALA A 599 58.37 34.64 -7.99
CA ALA A 599 59.15 35.83 -7.63
C ALA A 599 60.07 35.55 -6.45
N LEU A 600 59.58 34.81 -5.45
CA LEU A 600 60.42 34.53 -4.27
C LEU A 600 61.65 33.71 -4.65
N LYS A 601 61.56 32.88 -5.67
CA LYS A 601 62.72 32.13 -6.12
C LYS A 601 63.47 32.81 -7.25
N ASN A 602 63.00 33.99 -7.67
CA ASN A 602 63.60 34.76 -8.76
C ASN A 602 64.89 35.48 -8.36
N GLY A 603 65.24 35.50 -7.08
CA GLY A 603 66.53 36.01 -6.64
C GLY A 603 66.74 37.49 -6.92
N ASP A 604 67.99 37.84 -7.17
CA ASP A 604 68.36 39.24 -7.39
C ASP A 604 67.67 39.84 -8.59
N ASN A 605 67.24 39.02 -9.55
CA ASN A 605 66.46 39.55 -10.66
C ASN A 605 65.18 40.18 -10.18
N GLU A 606 64.67 39.73 -9.02
CA GLU A 606 63.48 40.33 -8.42
C GLU A 606 63.71 41.75 -7.95
N ARG A 607 64.97 42.13 -7.71
CA ARG A 607 65.30 43.45 -7.18
C ARG A 607 65.28 44.54 -8.25
N ASN A 608 65.29 44.18 -9.52
CA ASN A 608 65.19 45.14 -10.61
C ASN A 608 63.76 45.11 -11.15
N LEU A 609 63.06 46.25 -11.06
CA LEU A 609 61.69 46.32 -11.54
C LEU A 609 61.55 45.85 -12.99
N SER A 610 62.62 45.94 -13.78
CA SER A 610 62.56 45.49 -15.16
C SER A 610 62.34 43.98 -15.25
N THR A 611 62.83 43.23 -14.26
CA THR A 611 62.76 41.78 -14.26
C THR A 611 62.07 41.22 -13.02
N SER A 612 61.22 42.02 -12.39
CA SER A 612 60.55 41.64 -11.16
C SER A 612 59.23 40.94 -11.48
N ILE A 613 59.11 39.68 -11.08
CA ILE A 613 57.86 38.96 -11.33
C ILE A 613 56.72 39.56 -10.53
N PHE A 614 56.98 39.94 -9.28
CA PHE A 614 55.95 40.57 -8.45
C PHE A 614 55.36 41.80 -9.12
N GLN A 615 56.19 42.57 -9.84
CA GLN A 615 55.71 43.78 -10.50
C GLN A 615 54.80 43.49 -11.68
N LYS A 616 54.73 42.23 -12.13
CA LYS A 616 53.85 41.81 -13.20
C LYS A 616 52.47 41.34 -12.73
N ILE A 617 52.27 41.17 -11.43
CA ILE A 617 51.04 40.55 -10.93
C ILE A 617 49.83 41.37 -11.33
N ALA A 618 49.81 42.65 -10.97
CA ALA A 618 48.62 43.47 -11.19
C ALA A 618 48.33 43.64 -12.68
N THR A 619 49.36 43.70 -13.52
CA THR A 619 49.14 43.73 -14.95
C THR A 619 48.46 42.44 -15.41
N PHE A 620 49.06 41.28 -15.07
CA PHE A 620 48.47 39.98 -15.36
C PHE A 620 47.03 39.90 -14.88
N GLU A 621 46.80 40.19 -13.60
CA GLU A 621 45.45 40.07 -13.04
C GLU A 621 44.46 40.99 -13.75
N ASP A 622 44.88 42.22 -14.08
CA ASP A 622 44.01 43.13 -14.84
C ASP A 622 43.70 42.57 -16.22
N GLU A 623 44.72 42.06 -16.91
CA GLU A 623 44.52 41.54 -18.26
C GLU A 623 43.61 40.32 -18.25
N LEU A 624 43.80 39.43 -17.28
CA LEU A 624 42.93 38.27 -17.18
C LEU A 624 41.50 38.68 -16.84
N LYS A 625 41.34 39.57 -15.86
CA LYS A 625 40.01 40.08 -15.53
C LYS A 625 39.33 40.70 -16.75
N ALA A 626 40.09 41.29 -17.67
CA ALA A 626 39.49 41.96 -18.81
C ALA A 626 39.00 40.98 -19.87
N LEU A 627 39.61 39.81 -19.97
CA LEU A 627 39.36 38.91 -21.08
C LEU A 627 38.68 37.59 -20.68
N LEU A 628 38.95 37.06 -19.48
CA LEU A 628 38.52 35.70 -19.12
C LEU A 628 37.00 35.58 -18.97
N PRO A 629 36.30 36.52 -18.30
CA PRO A 629 34.85 36.36 -18.16
C PRO A 629 34.10 36.28 -19.48
N LYS A 630 34.47 37.10 -20.47
CA LYS A 630 33.76 37.02 -21.74
C LYS A 630 34.17 35.78 -22.53
N GLU A 631 35.44 35.38 -22.48
CA GLU A 631 35.85 34.15 -23.13
C GLU A 631 35.07 32.96 -22.58
N VAL A 632 34.88 32.91 -21.26
CA VAL A 632 34.14 31.82 -20.63
C VAL A 632 32.68 31.84 -21.06
N GLU A 633 32.04 33.02 -20.98
CA GLU A 633 30.64 33.14 -21.36
C GLU A 633 30.43 32.80 -22.84
N SER A 634 31.36 33.20 -23.71
CA SER A 634 31.23 32.89 -25.12
C SER A 634 31.29 31.39 -25.37
N ALA A 635 32.26 30.71 -24.75
CA ALA A 635 32.38 29.27 -24.94
C ALA A 635 31.16 28.53 -24.40
N ARG A 636 30.63 29.00 -23.27
CA ARG A 636 29.42 28.38 -22.73
C ARG A 636 28.24 28.59 -23.66
N ALA A 637 28.07 29.82 -24.17
CA ALA A 637 26.99 30.10 -25.10
C ALA A 637 27.14 29.27 -26.37
N ALA A 638 28.37 29.07 -26.82
CA ALA A 638 28.61 28.21 -27.99
C ALA A 638 28.24 26.76 -27.68
N LEU A 639 28.49 26.30 -26.46
CA LEU A 639 28.10 24.94 -26.09
C LEU A 639 26.59 24.78 -26.09
N GLU A 640 25.88 25.74 -25.48
CA GLU A 640 24.42 25.65 -25.43
C GLU A 640 23.79 25.66 -26.82
N SER A 641 24.47 26.20 -27.82
CA SER A 641 23.95 26.25 -29.18
C SER A 641 24.29 25.01 -29.99
N GLY A 642 24.93 24.00 -29.39
CA GLY A 642 25.37 22.85 -30.15
C GLY A 642 26.68 23.02 -30.88
N ASN A 643 27.45 24.06 -30.58
CA ASN A 643 28.78 24.27 -31.15
C ASN A 643 29.85 24.22 -30.08
N PRO A 644 30.02 23.09 -29.39
CA PRO A 644 31.08 23.02 -28.39
C PRO A 644 32.42 22.93 -29.09
N ALA A 645 33.44 23.51 -28.46
CA ALA A 645 34.80 23.35 -28.95
C ALA A 645 35.28 21.91 -28.80
N ILE A 646 34.70 21.16 -27.88
CA ILE A 646 35.10 19.77 -27.60
C ILE A 646 33.82 18.95 -27.53
N PRO A 647 33.65 17.93 -28.35
CA PRO A 647 32.38 17.19 -28.36
C PRO A 647 32.14 16.43 -27.05
N ASN A 648 30.86 16.14 -26.80
CA ASN A 648 30.47 15.42 -25.59
C ASN A 648 31.00 13.99 -25.63
N ARG A 649 31.86 13.64 -24.68
CA ARG A 649 32.53 12.34 -24.77
C ARG A 649 31.58 11.17 -24.55
N ILE A 650 30.34 11.42 -24.08
CA ILE A 650 29.39 10.32 -23.93
C ILE A 650 29.15 9.62 -25.26
N GLU A 651 29.30 10.36 -26.37
CA GLU A 651 29.01 9.81 -27.70
C GLU A 651 29.94 8.66 -28.07
N GLU A 652 31.12 8.60 -27.47
CA GLU A 652 32.02 7.49 -27.71
C GLU A 652 32.02 6.46 -26.59
N CYS A 653 30.93 6.38 -25.82
CA CYS A 653 30.86 5.51 -24.65
C CYS A 653 29.89 4.37 -24.91
N ARG A 654 30.19 3.19 -24.37
CA ARG A 654 29.25 2.08 -24.51
C ARG A 654 27.94 2.39 -23.79
N SER A 655 27.97 3.28 -22.81
CA SER A 655 26.77 3.73 -22.13
C SER A 655 25.95 4.72 -22.95
N TYR A 656 26.39 5.09 -24.14
CA TYR A 656 25.69 6.12 -24.91
C TYR A 656 24.20 5.82 -25.16
N PRO A 657 23.76 4.58 -25.41
CA PRO A 657 22.33 4.39 -25.74
C PRO A 657 21.37 4.88 -24.66
N LEU A 658 21.73 4.74 -23.38
CA LEU A 658 20.83 5.21 -22.33
C LEU A 658 20.80 6.72 -22.29
N TYR A 659 21.96 7.38 -22.38
CA TYR A 659 21.97 8.83 -22.45
C TYR A 659 21.20 9.32 -23.67
N LYS A 660 21.51 8.76 -24.83
CA LYS A 660 20.82 9.17 -26.05
C LYS A 660 19.32 8.99 -25.92
N PHE A 661 18.89 7.85 -25.37
CA PHE A 661 17.46 7.60 -25.20
C PHE A 661 16.83 8.65 -24.29
N VAL A 662 17.45 8.88 -23.12
CA VAL A 662 16.90 9.84 -22.16
C VAL A 662 16.95 11.26 -22.73
N ARG A 663 18.14 11.71 -23.15
CA ARG A 663 18.29 13.11 -23.54
C ARG A 663 17.71 13.39 -24.92
N LYS A 664 17.87 12.48 -25.88
CA LYS A 664 17.48 12.81 -27.26
C LYS A 664 16.16 12.19 -27.70
N GLU A 665 15.95 10.90 -27.46
CA GLU A 665 14.68 10.31 -27.90
C GLU A 665 13.51 10.79 -27.05
N LEU A 666 13.69 10.87 -25.73
CA LEU A 666 12.61 11.35 -24.86
C LEU A 666 12.59 12.85 -24.74
N GLY A 667 13.64 13.53 -25.17
CA GLY A 667 13.69 14.97 -25.01
C GLY A 667 13.80 15.44 -23.59
N THR A 668 14.29 14.58 -22.69
CA THR A 668 14.54 15.02 -21.32
C THR A 668 15.58 16.12 -21.34
N GLU A 669 15.29 17.22 -20.66
CA GLU A 669 16.12 18.41 -20.77
C GLU A 669 17.10 18.52 -19.61
N TYR A 670 18.28 19.05 -19.94
CA TYR A 670 19.22 19.55 -18.94
C TYR A 670 18.51 20.53 -18.03
N LEU A 671 18.74 20.39 -16.72
CA LEU A 671 18.00 21.14 -15.73
C LEU A 671 18.81 22.35 -15.25
N THR A 672 18.20 23.54 -15.30
CA THR A 672 18.88 24.77 -14.92
C THR A 672 17.92 25.77 -14.29
N GLY A 673 18.42 26.50 -13.29
CA GLY A 673 17.65 27.58 -12.70
C GLY A 673 17.40 28.74 -13.65
N GLU A 674 18.12 28.81 -14.77
CA GLU A 674 17.87 29.85 -15.77
C GLU A 674 16.63 29.57 -16.61
N LYS A 675 15.93 28.46 -16.37
CA LYS A 675 14.67 28.13 -17.04
C LYS A 675 13.65 27.75 -15.98
N VAL A 676 12.39 27.62 -16.42
CA VAL A 676 11.31 27.37 -15.47
C VAL A 676 11.06 25.90 -15.22
N THR A 677 11.62 25.02 -16.06
CA THR A 677 11.31 23.59 -15.98
C THR A 677 11.82 22.98 -14.67
N SER A 678 10.93 22.15 -14.01
CA SER A 678 11.19 21.45 -12.77
C SER A 678 11.84 20.08 -13.04
N PRO A 679 12.61 19.56 -12.08
CA PRO A 679 13.11 18.18 -12.24
C PRO A 679 12.00 17.16 -12.46
N GLY A 680 10.85 17.33 -11.79
CA GLY A 680 9.77 16.37 -11.91
C GLY A 680 9.20 16.27 -13.31
N GLU A 681 9.03 17.42 -13.98
CA GLU A 681 8.61 17.41 -15.38
C GLU A 681 9.49 16.49 -16.22
N GLU A 682 10.80 16.45 -15.94
CA GLU A 682 11.70 15.61 -16.73
C GLU A 682 11.66 14.17 -16.25
N PHE A 683 11.61 13.97 -14.93
CA PHE A 683 11.37 12.64 -14.38
C PHE A 683 10.16 11.97 -15.03
N GLU A 684 9.07 12.72 -15.26
CA GLU A 684 7.86 12.13 -15.83
C GLU A 684 8.17 11.42 -17.13
N LYS A 685 8.95 12.07 -18.01
CA LYS A 685 9.23 11.51 -19.32
C LYS A 685 9.88 10.14 -19.19
N VAL A 686 10.90 10.04 -18.33
CA VAL A 686 11.58 8.77 -18.16
C VAL A 686 10.71 7.75 -17.44
N PHE A 687 9.93 8.21 -16.45
CA PHE A 687 9.13 7.27 -15.67
C PHE A 687 8.04 6.63 -16.52
N ILE A 688 7.35 7.44 -17.31
CA ILE A 688 6.31 6.91 -18.19
C ILE A 688 6.94 6.00 -19.24
N ALA A 689 8.11 6.38 -19.77
CA ALA A 689 8.80 5.54 -20.73
C ALA A 689 9.28 4.24 -20.09
N MET A 690 9.83 4.32 -18.88
CA MET A 690 10.24 3.12 -18.17
C MET A 690 9.07 2.17 -17.95
N SER A 691 7.91 2.71 -17.57
CA SER A 691 6.75 1.88 -17.32
C SER A 691 6.16 1.29 -18.59
N LYS A 692 6.44 1.87 -19.75
CA LYS A 692 6.04 1.27 -21.01
C LYS A 692 7.09 0.31 -21.55
N GLY A 693 8.15 0.06 -20.78
CA GLY A 693 9.19 -0.85 -21.21
C GLY A 693 10.17 -0.29 -22.21
N GLU A 694 10.12 1.02 -22.50
CA GLU A 694 10.99 1.59 -23.53
C GLU A 694 12.45 1.72 -23.10
N ILE A 695 12.76 1.51 -21.82
CA ILE A 695 14.15 1.51 -21.35
C ILE A 695 14.88 0.24 -21.76
N ILE A 696 14.15 -0.82 -22.05
CA ILE A 696 14.76 -2.14 -22.26
C ILE A 696 15.77 -2.09 -23.41
N ASP A 697 15.35 -1.60 -24.58
CA ASP A 697 16.24 -1.62 -25.74
C ASP A 697 17.54 -0.83 -25.50
N PRO A 698 17.53 0.45 -25.10
CA PRO A 698 18.81 1.12 -24.85
C PRO A 698 19.62 0.46 -23.74
N LEU A 699 18.96 -0.07 -22.71
CA LEU A 699 19.65 -0.82 -21.67
C LEU A 699 20.44 -1.98 -22.27
N LEU A 700 19.77 -2.81 -23.07
CA LEU A 700 20.46 -3.96 -23.65
C LEU A 700 21.49 -3.54 -24.69
N GLU A 701 21.24 -2.46 -25.44
CA GLU A 701 22.20 -2.03 -26.44
C GLU A 701 23.54 -1.64 -25.83
N SER A 702 23.54 -1.08 -24.62
CA SER A 702 24.81 -0.69 -24.00
C SER A 702 25.70 -1.90 -23.73
N LEU A 703 25.15 -3.11 -23.77
CA LEU A 703 25.89 -4.32 -23.45
C LEU A 703 26.01 -5.27 -24.64
N GLU A 704 25.50 -4.88 -25.82
CA GLU A 704 25.35 -5.84 -26.90
C GLU A 704 26.68 -6.31 -27.49
N SER A 705 27.79 -5.60 -27.26
CA SER A 705 29.07 -6.09 -27.73
C SER A 705 29.80 -6.93 -26.70
N TRP A 706 29.19 -7.16 -25.53
CA TRP A 706 29.80 -7.97 -24.49
C TRP A 706 29.68 -9.44 -24.85
N ASN A 707 30.79 -10.18 -24.74
CA ASN A 707 30.81 -11.61 -25.02
C ASN A 707 30.41 -12.48 -23.82
N GLY A 708 30.03 -11.89 -22.69
CA GLY A 708 29.58 -12.68 -21.56
C GLY A 708 30.68 -13.15 -20.62
N ALA A 709 31.93 -12.77 -20.88
CA ALA A 709 33.05 -13.14 -20.03
C ALA A 709 33.71 -11.87 -19.48
N PRO A 710 34.37 -11.96 -18.33
CA PRO A 710 35.17 -10.81 -17.87
C PRO A 710 36.44 -10.68 -18.69
N LEU A 711 37.02 -9.49 -18.65
CA LEU A 711 38.27 -9.23 -19.36
C LEU A 711 39.40 -10.08 -18.78
N PRO A 712 40.42 -10.41 -19.59
CA PRO A 712 41.60 -11.07 -19.04
C PRO A 712 42.21 -10.23 -17.93
N ILE A 713 42.85 -10.90 -16.99
CA ILE A 713 43.42 -10.20 -15.84
C ILE A 713 44.73 -9.55 -16.30
N SER A 714 44.72 -8.22 -16.46
CA SER A 714 45.86 -7.46 -16.96
C SER A 714 46.39 -6.45 -15.95
CA THR B 24 -0.22 26.50 40.28
C THR B 24 0.25 26.84 38.86
N GLU B 25 1.56 26.91 38.68
CA GLU B 25 2.15 27.30 37.40
C GLU B 25 2.54 26.08 36.59
N ASP B 26 2.42 26.21 35.27
CA ASP B 26 2.61 25.12 34.32
C ASP B 26 3.62 25.56 33.27
N PRO B 27 4.89 25.74 33.66
CA PRO B 27 5.87 26.36 32.76
C PRO B 27 6.23 25.54 31.54
N LEU B 28 6.11 24.21 31.61
CA LEU B 28 6.47 23.37 30.48
C LEU B 28 5.26 22.83 29.74
N TYR B 29 4.05 23.15 30.22
CA TYR B 29 2.77 22.85 29.58
C TYR B 29 2.39 21.37 29.66
N TRP B 30 3.00 20.62 30.58
CA TRP B 30 2.52 19.27 30.85
C TRP B 30 1.10 19.31 31.41
N GLY B 31 0.81 20.30 32.27
CA GLY B 31 -0.50 20.36 32.91
C GLY B 31 -1.64 20.54 31.93
N ILE B 32 -1.49 21.51 31.03
CA ILE B 32 -2.53 21.79 30.04
C ILE B 32 -2.72 20.60 29.12
N ALA B 33 -1.64 19.90 28.78
CA ALA B 33 -1.74 18.65 28.01
C ALA B 33 -2.48 17.58 28.80
N ALA B 34 -2.17 17.43 30.09
CA ALA B 34 -2.83 16.43 30.91
C ALA B 34 -4.32 16.70 31.03
N GLU B 35 -4.70 17.98 31.11
CA GLU B 35 -6.10 18.35 31.20
C GLU B 35 -6.88 17.93 29.95
N ALA B 36 -6.21 17.83 28.80
CA ALA B 36 -6.86 17.36 27.58
C ALA B 36 -7.27 15.89 27.65
N MET B 37 -6.77 15.12 28.62
CA MET B 37 -7.02 13.69 28.69
C MET B 37 -8.03 13.33 29.78
N THR B 38 -8.78 14.30 30.27
CA THR B 38 -9.85 14.06 31.24
C THR B 38 -11.17 13.82 30.51
N GLY B 39 -12.14 13.28 31.23
CA GLY B 39 -13.38 12.87 30.62
C GLY B 39 -13.23 11.60 29.82
N SER B 40 -14.38 11.01 29.49
CA SER B 40 -14.40 9.70 28.82
C SER B 40 -13.98 9.84 27.37
N HIS B 41 -13.45 8.73 26.83
CA HIS B 41 -13.17 8.68 25.39
C HIS B 41 -14.46 8.80 24.60
N LEU B 42 -15.54 8.17 25.06
CA LEU B 42 -16.81 8.26 24.35
C LEU B 42 -17.26 9.72 24.22
N ASP B 43 -17.14 10.50 25.29
CA ASP B 43 -17.58 11.90 25.21
C ASP B 43 -16.76 12.66 24.20
N GLU B 44 -15.45 12.38 24.15
CA GLU B 44 -14.60 12.97 23.12
C GLU B 44 -15.11 12.67 21.72
N VAL B 45 -15.48 11.42 21.46
CA VAL B 45 -15.98 11.03 20.15
C VAL B 45 -17.31 11.71 19.84
N LYS B 46 -18.20 11.83 20.83
CA LYS B 46 -19.41 12.62 20.64
C LYS B 46 -19.07 14.06 20.24
N LYS B 47 -18.18 14.70 21.02
CA LYS B 47 -17.68 16.03 20.66
C LYS B 47 -17.14 16.07 19.23
N MET B 48 -16.32 15.08 18.86
CA MET B 48 -15.70 15.09 17.53
C MET B 48 -16.76 14.99 16.43
N VAL B 49 -17.75 14.13 16.63
CA VAL B 49 -18.80 13.97 15.63
C VAL B 49 -19.64 15.23 15.53
N ALA B 50 -19.95 15.85 16.67
CA ALA B 50 -20.64 17.13 16.63
C ALA B 50 -19.80 18.18 15.89
N GLU B 51 -18.50 18.23 16.17
CA GLU B 51 -17.65 19.23 15.50
C GLU B 51 -17.61 18.98 14.00
N TYR B 52 -17.51 17.72 13.59
CA TYR B 52 -17.40 17.38 12.18
C TYR B 52 -18.59 17.91 11.39
N ARG B 53 -19.79 17.85 11.97
CA ARG B 53 -21.02 18.21 11.25
C ARG B 53 -21.34 19.73 11.30
N LYS B 54 -20.45 20.57 11.83
CA LYS B 54 -20.71 22.00 11.82
C LYS B 54 -20.54 22.56 10.41
N PRO B 55 -21.32 23.58 10.04
CA PRO B 55 -21.28 24.07 8.66
C PRO B 55 -20.10 24.97 8.36
N VAL B 56 -19.44 25.53 9.36
CA VAL B 56 -18.34 26.45 9.14
C VAL B 56 -17.17 26.06 10.03
N VAL B 57 -15.98 25.97 9.43
CA VAL B 57 -14.74 25.82 10.18
C VAL B 57 -14.11 27.20 10.26
N LYS B 58 -14.08 27.80 11.46
CA LYS B 58 -13.47 29.10 11.65
C LYS B 58 -12.01 28.91 12.05
N LEU B 59 -11.10 29.38 11.21
CA LEU B 59 -9.67 29.21 11.40
C LEU B 59 -9.05 30.48 11.96
N GLY B 60 -8.37 30.37 13.10
CA GLY B 60 -7.65 31.47 13.69
C GLY B 60 -6.20 31.14 13.97
N GLY B 61 -5.79 29.92 13.64
CA GLY B 61 -4.42 29.49 13.85
C GLY B 61 -4.18 28.67 15.11
N GLU B 62 -5.18 28.50 15.97
CA GLU B 62 -4.91 27.85 17.24
C GLU B 62 -6.04 26.96 17.76
N THR B 63 -7.16 26.80 17.05
CA THR B 63 -8.28 26.02 17.56
C THR B 63 -8.69 24.88 16.62
N LEU B 64 -7.83 24.49 15.69
CA LEU B 64 -8.17 23.43 14.75
C LEU B 64 -8.24 22.08 15.45
N THR B 65 -9.26 21.29 15.12
CA THR B 65 -9.40 19.94 15.67
C THR B 65 -9.28 18.93 14.54
N ILE B 66 -9.05 17.66 14.91
CA ILE B 66 -8.96 16.66 13.85
C ILE B 66 -10.29 16.54 13.13
N SER B 67 -11.41 16.82 13.81
CA SER B 67 -12.70 16.62 13.14
C SER B 67 -12.99 17.73 12.13
N GLN B 68 -12.47 18.93 12.38
CA GLN B 68 -12.53 19.98 11.36
C GLN B 68 -11.67 19.62 10.16
N VAL B 69 -10.47 19.08 10.39
CA VAL B 69 -9.64 18.62 9.27
C VAL B 69 -10.39 17.56 8.47
N ALA B 70 -10.91 16.53 9.16
CA ALA B 70 -11.66 15.48 8.49
C ALA B 70 -12.84 16.05 7.70
N ALA B 71 -13.58 16.98 8.31
CA ALA B 71 -14.74 17.57 7.64
C ALA B 71 -14.34 18.31 6.37
N ILE B 72 -13.31 19.16 6.45
CA ILE B 72 -12.83 19.86 5.25
C ILE B 72 -12.26 18.87 4.24
N SER B 73 -11.66 17.78 4.70
CA SER B 73 -10.97 16.90 3.75
C SER B 73 -11.95 16.19 2.82
N ALA B 74 -13.20 16.01 3.26
CA ALA B 74 -14.21 15.37 2.43
C ALA B 74 -14.45 16.14 1.14
N ARG B 75 -14.71 15.40 0.07
CA ARG B 75 -15.14 15.91 -1.23
C ARG B 75 -16.45 15.23 -1.60
N ASP B 76 -17.41 15.29 -0.68
CA ASP B 76 -18.70 14.62 -0.81
C ASP B 76 -19.87 15.60 -0.79
N GLY B 77 -19.61 16.88 -1.02
CA GLY B 77 -20.67 17.85 -1.13
C GLY B 77 -21.42 18.13 0.15
N SER B 78 -20.72 18.12 1.29
CA SER B 78 -21.35 18.51 2.56
C SER B 78 -21.63 20.00 2.63
N GLY B 79 -20.94 20.82 1.83
CA GLY B 79 -21.12 22.24 1.89
C GLY B 79 -20.37 22.94 3.00
N VAL B 80 -19.54 22.22 3.77
CA VAL B 80 -18.78 22.87 4.83
C VAL B 80 -17.81 23.87 4.21
N THR B 81 -17.63 25.02 4.88
CA THR B 81 -16.79 26.09 4.35
C THR B 81 -15.77 26.51 5.40
N VAL B 82 -14.66 27.08 4.92
CA VAL B 82 -13.62 27.63 5.79
C VAL B 82 -13.76 29.15 5.81
N GLU B 83 -13.64 29.74 7.00
CA GLU B 83 -13.61 31.19 7.17
C GLU B 83 -12.38 31.56 7.98
N LEU B 84 -11.63 32.54 7.50
CA LEU B 84 -10.44 32.99 8.21
C LEU B 84 -10.76 34.07 9.21
N SER B 85 -10.11 34.02 10.35
CA SER B 85 -10.32 35.01 11.41
C SER B 85 -9.69 36.35 11.05
N GLU B 86 -10.50 37.42 11.03
CA GLU B 86 -9.96 38.74 10.74
C GLU B 86 -9.00 39.20 11.83
N ALA B 87 -9.19 38.73 13.06
CA ALA B 87 -8.28 39.07 14.14
C ALA B 87 -6.84 38.64 13.86
N ALA B 88 -6.64 37.64 12.99
CA ALA B 88 -5.30 37.19 12.65
C ALA B 88 -4.59 38.09 11.66
N ARG B 89 -5.33 38.91 10.92
CA ARG B 89 -4.76 39.59 9.76
C ARG B 89 -3.60 40.50 10.13
N ALA B 90 -3.69 41.20 11.26
CA ALA B 90 -2.65 42.19 11.57
C ALA B 90 -1.31 41.51 11.83
N GLY B 91 -1.33 40.37 12.53
CA GLY B 91 -0.08 39.67 12.80
C GLY B 91 0.52 39.07 11.55
N VAL B 92 -0.32 38.50 10.69
CA VAL B 92 0.14 38.04 9.39
C VAL B 92 0.76 39.21 8.62
N LYS B 93 0.08 40.36 8.59
CA LYS B 93 0.59 41.49 7.82
C LYS B 93 1.90 42.00 8.41
N ALA B 94 2.02 41.98 9.74
CA ALA B 94 3.21 42.50 10.39
C ALA B 94 4.46 41.71 10.00
N SER B 95 4.38 40.37 9.97
CA SER B 95 5.61 39.63 9.65
C SER B 95 5.91 39.67 8.16
N SER B 96 4.88 39.74 7.33
CA SER B 96 5.07 40.02 5.91
C SER B 96 5.80 41.34 5.69
N ASP B 97 5.30 42.42 6.32
CA ASP B 97 5.94 43.73 6.20
C ASP B 97 7.36 43.70 6.74
N TRP B 98 7.58 42.98 7.84
CA TRP B 98 8.92 42.88 8.40
C TRP B 98 9.90 42.30 7.39
N VAL B 99 9.50 41.21 6.73
CA VAL B 99 10.38 40.58 5.75
C VAL B 99 10.65 41.53 4.60
N MET B 100 9.60 42.15 4.07
CA MET B 100 9.80 43.11 2.97
C MET B 100 10.70 44.26 3.42
N ASP B 101 10.46 44.81 4.61
CA ASP B 101 11.30 45.91 5.11
C ASP B 101 12.76 45.49 5.25
N SER B 102 12.99 44.30 5.84
CA SER B 102 14.35 43.78 5.98
C SER B 102 15.03 43.64 4.63
N MET B 103 14.25 43.35 3.58
CA MET B 103 14.77 43.38 2.22
C MET B 103 15.22 44.80 1.86
N ASN B 104 14.37 45.80 2.14
CA ASN B 104 14.70 47.19 1.84
C ASN B 104 15.99 47.61 2.52
N LYS B 105 16.13 47.30 3.81
CA LYS B 105 17.36 47.62 4.53
C LYS B 105 18.57 46.86 3.98
N GLY B 106 18.34 45.75 3.25
CA GLY B 106 19.43 44.98 2.70
C GLY B 106 20.12 44.13 3.74
N THR B 107 19.49 43.03 4.14
CA THR B 107 19.98 42.17 5.20
C THR B 107 20.34 40.79 4.66
N ASP B 108 20.92 39.98 5.53
CA ASP B 108 21.38 38.63 5.21
C ASP B 108 20.52 37.67 6.03
N SER B 109 19.54 37.04 5.37
CA SER B 109 18.55 36.23 6.06
C SER B 109 18.45 34.86 5.40
N TYR B 110 18.52 33.80 6.21
CA TYR B 110 18.37 32.46 5.69
C TYR B 110 17.08 32.32 4.89
N GLY B 111 17.18 31.65 3.74
CA GLY B 111 16.01 31.38 2.91
C GLY B 111 15.35 32.60 2.32
N VAL B 112 15.95 33.79 2.52
CA VAL B 112 15.46 35.05 2.00
C VAL B 112 16.50 35.72 1.10
N THR B 113 17.76 35.75 1.55
CA THR B 113 18.89 36.13 0.70
C THR B 113 20.01 35.07 0.71
N THR B 114 19.77 33.90 1.29
CA THR B 114 20.74 32.81 1.29
C THR B 114 20.13 31.57 0.65
N GLY B 115 21.02 30.67 0.22
CA GLY B 115 20.60 29.34 -0.24
C GLY B 115 19.95 28.50 0.83
N PHE B 116 19.55 27.28 0.49
CA PHE B 116 18.70 26.47 1.35
C PHE B 116 19.43 25.24 1.86
N GLY B 117 19.13 24.88 3.12
CA GLY B 117 19.57 23.60 3.66
C GLY B 117 21.09 23.51 3.69
N ALA B 118 21.60 22.42 3.11
CA ALA B 118 23.04 22.21 3.06
C ALA B 118 23.76 23.22 2.17
N THR B 119 23.05 23.95 1.32
CA THR B 119 23.65 24.88 0.39
C THR B 119 23.40 26.34 0.79
N SER B 120 23.31 26.59 2.11
CA SER B 120 22.92 27.91 2.59
C SER B 120 24.04 28.94 2.52
N HIS B 121 25.27 28.54 2.16
CA HIS B 121 26.34 29.54 2.02
C HIS B 121 26.14 30.43 0.81
N ARG B 122 25.40 29.98 -0.21
CA ARG B 122 25.17 30.81 -1.38
C ARG B 122 24.36 32.04 -1.01
N ARG B 123 24.75 33.19 -1.56
CA ARG B 123 24.12 34.47 -1.29
C ARG B 123 23.49 35.03 -2.57
N THR B 124 22.39 35.76 -2.42
CA THR B 124 21.77 36.47 -3.54
C THR B 124 20.98 37.67 -3.04
N LYS B 125 20.91 38.69 -3.88
CA LYS B 125 20.04 39.84 -3.63
C LYS B 125 18.72 39.75 -4.37
N GLN B 126 18.54 38.75 -5.24
CA GLN B 126 17.28 38.59 -6.00
C GLN B 126 16.32 37.75 -5.16
N GLY B 127 15.69 38.42 -4.18
CA GLY B 127 14.79 37.73 -3.26
C GLY B 127 13.59 37.10 -3.94
N GLY B 128 13.00 37.79 -4.92
CA GLY B 128 11.87 37.19 -5.62
C GLY B 128 12.29 35.99 -6.45
N ALA B 129 13.42 36.08 -7.12
CA ALA B 129 13.88 34.98 -7.96
C ALA B 129 14.22 33.73 -7.13
N LEU B 130 14.72 33.94 -5.92
CA LEU B 130 15.08 32.79 -5.07
C LEU B 130 13.84 31.98 -4.69
N GLN B 131 12.76 32.67 -4.32
CA GLN B 131 11.52 31.95 -4.00
C GLN B 131 10.98 31.23 -5.23
N LYS B 132 11.12 31.86 -6.41
CA LYS B 132 10.70 31.20 -7.64
C LYS B 132 11.52 29.94 -7.89
N GLU B 133 12.83 30.03 -7.67
CA GLU B 133 13.70 28.87 -7.85
C GLU B 133 13.38 27.78 -6.83
N LEU B 134 13.08 28.16 -5.58
CA LEU B 134 12.75 27.21 -4.53
C LEU B 134 11.63 26.29 -4.96
N ILE B 135 10.57 26.87 -5.55
CA ILE B 135 9.41 26.07 -5.94
C ILE B 135 9.74 25.20 -7.15
N ARG B 136 10.53 25.75 -8.10
CA ARG B 136 10.98 24.97 -9.24
C ARG B 136 11.73 23.72 -8.81
N PHE B 137 12.75 23.84 -7.96
CA PHE B 137 13.52 22.62 -7.67
C PHE B 137 12.83 21.71 -6.65
N LEU B 138 11.93 22.24 -5.82
CA LEU B 138 11.15 21.35 -4.97
C LEU B 138 10.08 20.60 -5.76
N ASN B 139 9.67 21.09 -6.92
CA ASN B 139 8.81 20.30 -7.80
C ASN B 139 9.59 19.09 -8.33
N ALA B 140 9.95 18.17 -7.45
CA ALA B 140 10.76 17.02 -7.85
C ALA B 140 9.99 15.70 -7.76
N GLY B 141 8.65 15.75 -7.56
CA GLY B 141 7.87 14.54 -7.48
C GLY B 141 7.53 13.98 -8.85
N ILE B 142 6.99 12.76 -8.83
CA ILE B 142 6.63 12.04 -10.05
C ILE B 142 5.18 11.60 -9.95
N PHE B 143 4.37 11.92 -10.98
CA PHE B 143 2.98 11.50 -11.04
C PHE B 143 2.78 10.29 -11.94
N GLY B 144 3.49 10.24 -13.06
CA GLY B 144 3.22 9.22 -14.03
C GLY B 144 1.85 9.45 -14.64
N ASN B 145 1.30 8.39 -15.20
CA ASN B 145 -0.07 8.37 -15.69
C ASN B 145 -0.99 7.80 -14.64
N GLY B 146 -2.24 8.25 -14.65
CA GLY B 146 -3.22 7.74 -13.70
C GLY B 146 -3.03 8.34 -12.32
N SER B 147 -3.65 7.70 -11.34
CA SER B 147 -3.72 8.25 -9.99
C SER B 147 -2.87 7.50 -8.98
N ASP B 148 -2.13 6.46 -9.39
CA ASP B 148 -1.45 5.61 -8.42
C ASP B 148 -0.36 6.35 -7.65
N ASN B 149 0.22 7.40 -8.24
CA ASN B 149 1.34 8.11 -7.61
C ASN B 149 0.96 9.53 -7.23
N THR B 150 -0.33 9.75 -6.98
CA THR B 150 -0.89 11.06 -6.65
C THR B 150 -1.48 10.99 -5.26
N LEU B 151 -1.18 12.00 -4.44
CA LEU B 151 -1.77 12.08 -3.11
C LEU B 151 -3.29 12.16 -3.24
N PRO B 152 -4.05 11.40 -2.44
CA PRO B 152 -5.51 11.49 -2.53
C PRO B 152 -5.94 12.94 -2.31
N HIS B 153 -6.88 13.38 -3.14
CA HIS B 153 -7.26 14.78 -3.14
C HIS B 153 -7.82 15.21 -1.78
N SER B 154 -8.46 14.29 -1.05
CA SER B 154 -8.91 14.61 0.30
CA SER B 154 -8.91 14.63 0.31
C SER B 154 -7.74 14.97 1.21
N ALA B 155 -6.66 14.18 1.15
CA ALA B 155 -5.49 14.48 1.96
C ALA B 155 -4.83 15.80 1.52
N THR B 156 -4.88 16.14 0.23
CA THR B 156 -4.40 17.46 -0.21
C THR B 156 -5.21 18.58 0.43
N ARG B 157 -6.54 18.44 0.45
CA ARG B 157 -7.37 19.44 1.11
C ARG B 157 -7.01 19.57 2.59
N ALA B 158 -6.79 18.45 3.26
CA ALA B 158 -6.38 18.51 4.66
C ALA B 158 -5.05 19.24 4.80
N ALA B 159 -4.12 19.01 3.87
CA ALA B 159 -2.83 19.68 3.92
C ALA B 159 -3.01 21.19 3.77
N MET B 160 -3.84 21.61 2.81
CA MET B 160 -4.06 23.05 2.59
C MET B 160 -4.61 23.71 3.84
N LEU B 161 -5.54 23.03 4.53
CA LEU B 161 -6.15 23.62 5.72
C LEU B 161 -5.12 23.78 6.83
N VAL B 162 -4.37 22.72 7.12
CA VAL B 162 -3.38 22.82 8.19
C VAL B 162 -2.34 23.87 7.86
N ARG B 163 -1.96 23.99 6.59
CA ARG B 163 -0.93 24.98 6.27
C ARG B 163 -1.45 26.38 6.52
N ILE B 164 -2.68 26.67 6.08
CA ILE B 164 -3.29 27.95 6.42
C ILE B 164 -3.23 28.18 7.92
N ASN B 165 -3.61 27.16 8.70
CA ASN B 165 -3.72 27.32 10.15
C ASN B 165 -2.39 27.72 10.77
N THR B 166 -1.27 27.13 10.31
CA THR B 166 0.03 27.54 10.81
CA THR B 166 0.02 27.56 10.85
C THR B 166 0.37 28.97 10.39
N LEU B 167 0.14 29.29 9.11
CA LEU B 167 0.50 30.60 8.60
C LEU B 167 -0.33 31.71 9.25
N LEU B 168 -1.54 31.40 9.72
CA LEU B 168 -2.40 32.40 10.35
C LEU B 168 -1.82 32.95 11.65
N GLN B 169 -0.90 32.24 12.31
CA GLN B 169 -0.42 32.71 13.59
C GLN B 169 0.56 33.88 13.48
N GLY B 170 1.00 34.22 12.26
CA GLY B 170 1.71 35.46 12.02
C GLY B 170 3.23 35.42 12.10
N TYR B 171 3.85 34.23 12.19
CA TYR B 171 5.29 34.15 12.38
C TYR B 171 6.03 33.80 11.10
N SER B 172 5.33 33.76 9.97
CA SER B 172 5.87 33.17 8.77
C SER B 172 6.25 34.17 7.69
N GLY B 173 5.79 35.40 7.77
CA GLY B 173 6.17 36.40 6.78
C GLY B 173 5.58 36.15 5.41
N ILE B 174 4.26 35.94 5.32
CA ILE B 174 3.58 35.68 4.06
C ILE B 174 2.33 36.55 3.97
N ARG B 175 1.96 36.96 2.76
CA ARG B 175 0.80 37.83 2.58
C ARG B 175 -0.50 37.12 2.95
N PHE B 176 -1.37 37.84 3.66
CA PHE B 176 -2.68 37.29 4.02
C PHE B 176 -3.48 36.91 2.79
N GLU B 177 -3.26 37.62 1.66
CA GLU B 177 -3.95 37.33 0.41
C GLU B 177 -3.71 35.91 -0.07
N ILE B 178 -2.51 35.36 0.15
CA ILE B 178 -2.23 34.00 -0.28
C ILE B 178 -3.07 33.01 0.52
N LEU B 179 -3.15 33.21 1.83
CA LEU B 179 -4.03 32.38 2.64
C LEU B 179 -5.46 32.46 2.15
N GLU B 180 -5.90 33.65 1.74
CA GLU B 180 -7.25 33.80 1.19
C GLU B 180 -7.42 33.00 -0.09
N ALA B 181 -6.40 32.95 -0.94
CA ALA B 181 -6.51 32.18 -2.17
C ALA B 181 -6.61 30.69 -1.88
N ILE B 182 -5.83 30.17 -0.93
CA ILE B 182 -5.93 28.76 -0.60
C ILE B 182 -7.31 28.45 -0.04
N THR B 183 -7.85 29.35 0.78
CA THR B 183 -9.19 29.18 1.33
C THR B 183 -10.23 29.07 0.22
N LYS B 184 -10.10 29.87 -0.83
CA LYS B 184 -11.01 29.77 -1.97
C LYS B 184 -10.90 28.40 -2.63
N PHE B 185 -9.67 27.97 -2.94
CA PHE B 185 -9.47 26.63 -3.50
C PHE B 185 -10.23 25.57 -2.69
N LEU B 186 -10.14 25.65 -1.36
CA LEU B 186 -10.86 24.72 -0.51
C LEU B 186 -12.37 24.89 -0.65
N ASN B 187 -12.86 26.13 -0.50
CA ASN B 187 -14.31 26.34 -0.47
C ASN B 187 -14.95 26.04 -1.81
N GLN B 188 -14.21 26.20 -2.91
CA GLN B 188 -14.70 25.83 -4.23
C GLN B 188 -14.31 24.41 -4.66
N ASN B 189 -13.68 23.63 -3.78
CA ASN B 189 -13.24 22.27 -4.08
C ASN B 189 -12.47 22.22 -5.41
N ILE B 190 -11.46 23.08 -5.50
CA ILE B 190 -10.48 23.09 -6.60
C ILE B 190 -9.15 22.70 -5.95
N THR B 191 -8.64 21.52 -6.28
CA THR B 191 -7.57 20.91 -5.51
C THR B 191 -6.32 20.74 -6.36
N PRO B 192 -5.17 21.32 -5.99
CA PRO B 192 -3.93 21.02 -6.72
C PRO B 192 -3.57 19.54 -6.60
N CYS B 193 -2.96 19.02 -7.65
CA CYS B 193 -2.50 17.63 -7.67
C CYS B 193 -1.12 17.56 -7.02
N LEU B 194 -1.04 16.83 -5.89
CA LEU B 194 0.22 16.63 -5.17
C LEU B 194 0.72 15.22 -5.41
N PRO B 195 2.04 15.04 -5.54
CA PRO B 195 2.59 13.69 -5.67
C PRO B 195 2.46 12.93 -4.36
N LEU B 196 2.25 11.62 -4.47
CA LEU B 196 2.04 10.78 -3.29
C LEU B 196 3.31 10.65 -2.46
N ARG B 197 4.46 10.50 -3.12
CA ARG B 197 5.71 10.30 -2.40
C ARG B 197 6.66 11.45 -2.73
N GLY B 198 7.73 11.54 -1.95
CA GLY B 198 8.72 12.58 -2.15
C GLY B 198 9.14 13.27 -0.87
N THR B 199 8.51 12.91 0.26
CA THR B 199 8.71 13.65 1.50
C THR B 199 9.12 12.74 2.64
N ILE B 200 10.11 13.19 3.41
CA ILE B 200 10.44 12.61 4.70
C ILE B 200 9.87 13.43 5.86
N THR B 201 9.01 14.40 5.57
CA THR B 201 8.30 15.21 6.59
C THR B 201 9.29 15.76 7.64
N1 MDO B 202 10.31 16.41 7.11
CA1 MDO B 202 11.16 17.26 7.88
C1 MDO B 202 11.21 18.60 7.13
CB MDO B 202 12.65 17.14 8.12
N2 MDO B 202 12.43 19.33 6.96
CA2 MDO B 202 12.21 20.52 6.24
C2 MDO B 202 10.71 20.56 5.91
O2 MDO B 202 10.12 21.40 5.31
CB2 MDO B 202 13.11 21.43 5.90
N3 MDO B 202 10.12 19.34 6.48
CA3 MDO B 202 8.74 19.00 6.30
C3 MDO B 202 8.75 18.20 4.93
O3 MDO B 202 9.53 18.23 3.97
N ASP B 203 7.44 18.47 4.87
CA ASP B 203 6.76 18.13 3.62
C ASP B 203 7.04 19.00 2.37
N LEU B 204 8.33 19.23 2.09
CA LEU B 204 8.76 20.23 1.11
C LEU B 204 8.24 19.94 -0.30
N VAL B 205 8.52 18.73 -0.83
CA VAL B 205 8.23 18.43 -2.22
C VAL B 205 6.72 18.52 -2.48
N PRO B 206 5.85 17.79 -1.76
CA PRO B 206 4.41 17.90 -2.07
C PRO B 206 3.85 19.31 -1.87
N LEU B 207 4.20 19.98 -0.77
CA LEU B 207 3.69 21.32 -0.52
C LEU B 207 4.07 22.30 -1.61
N SER B 208 5.20 22.07 -2.31
CA SER B 208 5.60 22.96 -3.40
C SER B 208 4.66 22.87 -4.59
N TYR B 209 3.81 21.83 -4.66
CA TYR B 209 2.81 21.79 -5.72
C TYR B 209 1.57 22.61 -5.37
N ILE B 210 1.35 22.92 -4.09
CA ILE B 210 0.40 23.97 -3.73
C ILE B 210 0.94 25.32 -4.16
N ALA B 211 2.21 25.61 -3.79
CA ALA B 211 2.83 26.87 -4.18
C ALA B 211 2.83 27.02 -5.69
N GLY B 212 3.16 25.94 -6.41
CA GLY B 212 3.20 26.01 -7.86
C GLY B 212 1.87 26.37 -8.47
N LEU B 213 0.76 25.88 -7.90
CA LEU B 213 -0.55 26.29 -8.39
C LEU B 213 -0.76 27.79 -8.14
N LEU B 214 -0.38 28.27 -6.95
CA LEU B 214 -0.54 29.68 -6.64
C LEU B 214 0.29 30.59 -7.55
N THR B 215 1.45 30.12 -8.02
CA THR B 215 2.26 30.93 -8.93
C THR B 215 2.03 30.60 -10.40
N GLY B 216 1.09 29.71 -10.71
CA GLY B 216 0.84 29.34 -12.10
C GLY B 216 2.00 28.67 -12.82
N ARG B 217 2.72 27.77 -12.15
CA ARG B 217 3.80 27.05 -12.81
C ARG B 217 3.26 26.28 -14.02
N PRO B 218 4.07 26.12 -15.07
CA PRO B 218 3.55 25.51 -16.32
C PRO B 218 3.11 24.07 -16.15
N ASN B 219 3.70 23.32 -15.23
CA ASN B 219 3.34 21.92 -15.00
C ASN B 219 2.29 21.74 -13.92
N SER B 220 1.89 22.84 -13.26
CA SER B 220 0.91 22.74 -12.19
C SER B 220 -0.44 22.26 -12.72
N LYS B 221 -1.10 21.40 -11.95
CA LYS B 221 -2.40 20.87 -12.31
C LYS B 221 -3.28 20.88 -11.08
N ALA B 222 -4.58 21.12 -11.30
CA ALA B 222 -5.60 20.96 -10.28
C ALA B 222 -6.73 20.08 -10.81
N VAL B 223 -7.56 19.62 -9.89
CA VAL B 223 -8.74 18.82 -10.22
C VAL B 223 -9.97 19.57 -9.72
N GLY B 224 -11.04 19.57 -10.52
CA GLY B 224 -12.29 20.19 -10.12
C GLY B 224 -13.16 19.25 -9.32
N PRO B 225 -14.36 19.71 -8.91
CA PRO B 225 -15.20 18.87 -8.03
C PRO B 225 -15.60 17.55 -8.65
N THR B 226 -15.69 17.45 -9.97
CA THR B 226 -16.08 16.21 -10.63
C THR B 226 -14.90 15.44 -11.22
N GLY B 227 -13.66 15.90 -11.01
CA GLY B 227 -12.49 15.17 -11.45
C GLY B 227 -11.80 15.70 -12.70
N VAL B 228 -12.29 16.78 -13.29
CA VAL B 228 -11.67 17.28 -14.52
C VAL B 228 -10.32 17.91 -14.19
N ILE B 229 -9.33 17.60 -15.02
CA ILE B 229 -8.00 18.15 -14.85
C ILE B 229 -8.00 19.59 -15.34
N LEU B 230 -7.53 20.50 -14.50
CA LEU B 230 -7.57 21.92 -14.79
C LEU B 230 -6.16 22.47 -14.93
N SER B 231 -5.96 23.40 -15.86
CA SER B 231 -4.78 24.24 -15.85
C SER B 231 -4.85 25.20 -14.66
N PRO B 232 -3.72 25.81 -14.27
CA PRO B 232 -3.79 26.83 -13.20
C PRO B 232 -4.70 28.00 -13.55
N GLU B 233 -4.73 28.45 -14.82
CA GLU B 233 -5.66 29.53 -15.16
C GLU B 233 -7.10 29.08 -14.95
N GLU B 234 -7.43 27.87 -15.40
CA GLU B 234 -8.77 27.34 -15.17
C GLU B 234 -9.07 27.21 -13.68
N ALA B 235 -8.10 26.72 -12.91
CA ALA B 235 -8.27 26.56 -11.48
C ALA B 235 -8.59 27.89 -10.79
N PHE B 236 -7.84 28.94 -11.15
CA PHE B 236 -8.09 30.28 -10.60
C PHE B 236 -9.49 30.78 -10.96
N LYS B 237 -9.91 30.62 -12.22
CA LYS B 237 -11.24 31.08 -12.59
C LYS B 237 -12.31 30.37 -11.80
N LEU B 238 -12.24 29.04 -11.72
CA LEU B 238 -13.30 28.29 -11.03
C LEU B 238 -13.29 28.56 -9.54
N ALA B 239 -12.12 28.81 -8.95
CA ALA B 239 -12.03 29.03 -7.51
C ALA B 239 -12.38 30.45 -7.09
N GLY B 240 -12.60 31.36 -8.03
CA GLY B 240 -12.83 32.74 -7.67
C GLY B 240 -11.59 33.49 -7.24
N VAL B 241 -10.39 33.06 -7.66
CA VAL B 241 -9.18 33.82 -7.36
C VAL B 241 -8.97 34.85 -8.46
N GLU B 242 -9.09 36.13 -8.10
CA GLU B 242 -9.23 37.19 -9.09
C GLU B 242 -7.89 37.65 -9.67
N GLY B 243 -6.96 38.05 -8.80
CA GLY B 243 -5.88 38.94 -9.22
C GLY B 243 -4.73 38.34 -10.01
N GLY B 244 -4.98 37.32 -10.83
CA GLY B 244 -3.91 36.64 -11.55
C GLY B 244 -3.01 35.87 -10.60
N PHE B 245 -2.00 35.23 -11.19
CA PHE B 245 -1.09 34.38 -10.42
C PHE B 245 -0.29 35.20 -9.42
N PHE B 246 0.04 34.57 -8.29
CA PHE B 246 0.94 35.21 -7.34
C PHE B 246 2.39 35.17 -7.83
N GLU B 247 3.12 36.24 -7.55
CA GLU B 247 4.56 36.25 -7.62
C GLU B 247 5.09 36.25 -6.19
N LEU B 248 5.76 35.17 -5.79
CA LEU B 248 6.21 35.05 -4.41
C LEU B 248 7.19 36.16 -4.02
N GLN B 249 6.94 36.77 -2.88
CA GLN B 249 7.85 37.73 -2.25
C GLN B 249 8.86 36.98 -1.39
N PRO B 250 9.94 37.64 -0.95
CA PRO B 250 10.95 36.92 -0.14
C PRO B 250 10.32 36.16 1.04
N LYS B 251 10.79 34.93 1.23
CA LYS B 251 10.36 33.98 2.27
C LYS B 251 9.00 33.33 2.00
N GLU B 252 8.22 33.84 1.04
CA GLU B 252 6.84 33.37 0.93
C GLU B 252 6.78 31.93 0.42
N GLY B 253 7.69 31.57 -0.47
CA GLY B 253 7.76 30.18 -0.93
C GLY B 253 8.16 29.25 0.19
N LEU B 254 9.19 29.65 0.96
CA LEU B 254 9.62 28.85 2.10
C LEU B 254 8.50 28.70 3.11
N ALA B 255 7.72 29.77 3.34
CA ALA B 255 6.60 29.69 4.27
C ALA B 255 5.52 28.74 3.80
N LEU B 256 5.31 28.63 2.48
CA LEU B 256 4.34 27.67 1.98
C LEU B 256 4.81 26.22 2.18
N VAL B 257 6.11 25.96 2.01
CA VAL B 257 6.58 24.57 1.93
C VAL B 257 7.20 24.02 3.21
N ASN B 258 7.59 24.86 4.16
CA ASN B 258 8.48 24.42 5.23
C ASN B 258 7.72 23.95 6.47
N GLY B 259 6.81 23.00 6.31
CA GLY B 259 6.02 22.56 7.46
C GLY B 259 5.54 21.13 7.33
N THR B 260 4.77 20.70 8.33
CA THR B 260 4.39 19.31 8.46
C THR B 260 2.94 19.06 8.03
N ALA B 261 2.38 19.96 7.22
CA ALA B 261 0.94 19.95 6.97
C ALA B 261 0.46 18.65 6.34
N VAL B 262 1.25 18.05 5.45
CA VAL B 262 0.73 16.89 4.73
C VAL B 262 0.63 15.69 5.66
N GLY B 263 1.67 15.43 6.45
CA GLY B 263 1.61 14.31 7.37
C GLY B 263 0.55 14.50 8.45
N SER B 264 0.52 15.68 9.07
CA SER B 264 -0.43 15.90 10.16
C SER B 264 -1.86 16.00 9.65
N GLY B 265 -2.05 16.47 8.42
CA GLY B 265 -3.39 16.51 7.87
C GLY B 265 -3.94 15.12 7.63
N MET B 266 -3.12 14.25 7.06
CA MET B 266 -3.59 12.89 6.85
C MET B 266 -3.73 12.17 8.19
N ALA B 267 -2.83 12.45 9.13
CA ALA B 267 -2.96 11.85 10.47
C ALA B 267 -4.27 12.27 11.15
N SER B 268 -4.74 13.50 10.88
CA SER B 268 -6.03 13.95 11.41
C SER B 268 -7.18 13.13 10.84
N MET B 269 -7.21 12.98 9.50
CA MET B 269 -8.25 12.17 8.88
C MET B 269 -8.24 10.75 9.42
N VAL B 270 -7.04 10.15 9.50
CA VAL B 270 -6.91 8.79 10.01
C VAL B 270 -7.47 8.67 11.43
N LEU B 271 -7.11 9.62 12.31
CA LEU B 271 -7.47 9.51 13.72
C LEU B 271 -8.95 9.82 13.98
N PHE B 272 -9.59 10.63 13.13
CA PHE B 272 -11.04 10.78 13.24
C PHE B 272 -11.73 9.44 13.04
N GLU B 273 -11.30 8.68 12.03
CA GLU B 273 -11.92 7.38 11.80
C GLU B 273 -11.49 6.37 12.87
N ALA B 274 -10.22 6.39 13.27
CA ALA B 274 -9.74 5.43 14.27
C ALA B 274 -10.48 5.58 15.59
N ASN B 275 -10.69 6.83 16.03
CA ASN B 275 -11.43 7.07 17.27
C ASN B 275 -12.83 6.46 17.20
N ILE B 276 -13.56 6.70 16.11
CA ILE B 276 -14.90 6.14 15.99
C ILE B 276 -14.84 4.62 15.93
N LEU B 277 -13.88 4.07 15.16
CA LEU B 277 -13.78 2.63 15.01
C LEU B 277 -13.44 1.93 16.32
N ALA B 278 -12.73 2.61 17.23
CA ALA B 278 -12.50 2.03 18.54
C ALA B 278 -13.80 1.90 19.33
N VAL B 279 -14.72 2.86 19.19
CA VAL B 279 -16.02 2.73 19.84
C VAL B 279 -16.82 1.61 19.18
N LEU B 280 -16.76 1.51 17.85
CA LEU B 280 -17.40 0.38 17.16
C LEU B 280 -16.86 -0.95 17.65
N ALA B 281 -15.54 -1.05 17.87
CA ALA B 281 -14.99 -2.30 18.38
C ALA B 281 -15.50 -2.60 19.79
N GLU B 282 -15.64 -1.58 20.63
CA GLU B 282 -16.16 -1.78 21.98
C GLU B 282 -17.59 -2.29 21.94
N VAL B 283 -18.45 -1.61 21.17
CA VAL B 283 -19.84 -2.03 21.11
C VAL B 283 -19.97 -3.39 20.44
N MET B 284 -19.16 -3.66 19.41
CA MET B 284 -19.30 -4.97 18.76
C MET B 284 -18.84 -6.09 19.67
N SER B 285 -17.85 -5.83 20.55
CA SER B 285 -17.50 -6.85 21.55
C SER B 285 -18.71 -7.20 22.40
N ALA B 286 -19.54 -6.21 22.75
CA ALA B 286 -20.73 -6.46 23.55
C ALA B 286 -21.81 -7.22 22.78
N ILE B 287 -22.07 -6.82 21.53
CA ILE B 287 -23.02 -7.55 20.71
C ILE B 287 -22.52 -8.97 20.48
N PHE B 288 -21.22 -9.10 20.21
CA PHE B 288 -20.58 -10.41 20.17
C PHE B 288 -20.93 -11.23 21.41
N ALA B 289 -20.74 -10.65 22.60
CA ALA B 289 -21.08 -11.39 23.80
C ALA B 289 -22.57 -11.70 23.86
N GLU B 290 -23.42 -10.81 23.34
CA GLU B 290 -24.85 -11.07 23.33
C GLU B 290 -25.18 -12.33 22.54
N VAL B 291 -24.78 -12.37 21.26
CA VAL B 291 -25.18 -13.48 20.41
C VAL B 291 -24.43 -14.76 20.78
N MET B 292 -23.24 -14.63 21.39
CA MET B 292 -22.49 -15.81 21.85
C MET B 292 -23.07 -16.42 23.13
N GLN B 293 -23.97 -15.71 23.83
CA GLN B 293 -24.44 -16.11 25.15
C GLN B 293 -23.28 -16.15 26.15
N GLY B 294 -22.45 -15.10 26.11
CA GLY B 294 -21.34 -15.01 27.05
C GLY B 294 -21.79 -14.61 28.44
N LYS B 295 -20.92 -14.91 29.42
CA LYS B 295 -21.19 -14.51 30.80
C LYS B 295 -20.89 -13.02 30.99
N PRO B 296 -21.90 -12.19 31.26
CA PRO B 296 -21.66 -10.74 31.33
C PRO B 296 -20.84 -10.31 32.52
N GLU B 297 -20.54 -11.20 33.47
CA GLU B 297 -19.68 -10.84 34.60
C GLU B 297 -18.29 -10.37 34.17
N PHE B 298 -17.86 -10.65 32.94
CA PHE B 298 -16.52 -10.17 32.55
C PHE B 298 -16.45 -8.65 32.43
N THR B 299 -17.58 -7.96 32.38
CA THR B 299 -17.62 -6.51 32.40
C THR B 299 -17.76 -5.94 33.80
N ASP B 300 -17.87 -6.79 34.82
CA ASP B 300 -18.07 -6.33 36.20
C ASP B 300 -17.03 -5.29 36.60
N HIS B 301 -17.51 -4.17 37.18
CA HIS B 301 -16.61 -3.04 37.39
C HIS B 301 -15.46 -3.38 38.34
N LEU B 302 -15.69 -4.27 39.31
CA LEU B 302 -14.64 -4.57 40.29
C LEU B 302 -13.37 -5.05 39.59
N THR B 303 -13.52 -6.01 38.67
CA THR B 303 -12.41 -6.53 37.89
C THR B 303 -11.56 -5.42 37.31
N HIS B 304 -12.21 -4.47 36.65
CA HIS B 304 -11.48 -3.47 35.88
C HIS B 304 -11.02 -2.31 36.74
N LYS B 305 -11.80 -2.00 37.77
CA LYS B 305 -11.38 -0.98 38.73
C LYS B 305 -10.07 -1.36 39.38
N LEU B 306 -9.88 -2.64 39.66
CA LEU B 306 -8.69 -3.12 40.34
C LEU B 306 -7.45 -3.12 39.46
N LYS B 307 -7.56 -2.80 38.17
CA LYS B 307 -6.39 -2.57 37.31
C LYS B 307 -6.07 -1.09 37.04
N HIS B 308 -6.95 -0.15 37.44
CA HIS B 308 -6.69 1.29 37.32
C HIS B 308 -6.67 1.84 35.88
N HIS B 309 -6.42 0.99 34.88
CA HIS B 309 -6.30 1.49 33.51
C HIS B 309 -7.62 2.10 33.05
N PRO B 310 -7.64 3.38 32.67
CA PRO B 310 -8.92 4.01 32.31
C PRO B 310 -9.53 3.49 31.04
N GLY B 311 -8.72 3.16 30.02
CA GLY B 311 -9.29 2.69 28.77
C GLY B 311 -9.99 1.35 28.96
N GLN B 312 -9.44 0.50 29.83
CA GLN B 312 -10.06 -0.79 30.12
C GLN B 312 -11.36 -0.59 30.90
N ILE B 313 -11.33 0.32 31.88
CA ILE B 313 -12.50 0.60 32.69
C ILE B 313 -13.62 1.15 31.83
N GLU B 314 -13.30 2.07 30.92
CA GLU B 314 -14.32 2.59 30.02
C GLU B 314 -14.83 1.49 29.11
N ALA B 315 -13.94 0.66 28.57
CA ALA B 315 -14.37 -0.39 27.65
C ALA B 315 -15.30 -1.37 28.34
N ALA B 316 -14.96 -1.77 29.56
CA ALA B 316 -15.84 -2.66 30.33
C ALA B 316 -17.21 -2.01 30.55
N ALA B 317 -17.23 -0.72 30.91
CA ALA B 317 -18.48 -0.05 31.27
C ALA B 317 -19.38 0.12 30.06
N ILE B 318 -18.79 0.37 28.89
CA ILE B 318 -19.58 0.47 27.66
C ILE B 318 -20.18 -0.89 27.31
N MET B 319 -19.39 -1.96 27.41
CA MET B 319 -19.96 -3.29 27.14
C MET B 319 -20.96 -3.67 28.22
N GLU B 320 -20.67 -3.33 29.48
CA GLU B 320 -21.62 -3.58 30.56
C GLU B 320 -22.94 -2.88 30.29
N HIS B 321 -22.89 -1.67 29.75
CA HIS B 321 -24.11 -0.91 29.48
C HIS B 321 -24.94 -1.57 28.37
N ILE B 322 -24.28 -2.00 27.30
CA ILE B 322 -25.02 -2.73 26.26
C ILE B 322 -25.61 -4.01 26.85
N LEU B 323 -24.83 -4.74 27.64
CA LEU B 323 -25.30 -6.02 28.14
C LEU B 323 -26.37 -5.85 29.22
N ASP B 324 -26.32 -4.78 29.99
CA ASP B 324 -27.32 -4.59 31.03
C ASP B 324 -28.69 -4.27 30.42
N GLY B 325 -28.73 -3.86 29.17
CA GLY B 325 -29.98 -3.58 28.49
C GLY B 325 -30.25 -4.57 27.39
N SER B 326 -29.71 -5.78 27.54
CA SER B 326 -29.84 -6.81 26.52
C SER B 326 -30.95 -7.79 26.89
N ALA B 327 -31.88 -8.00 25.96
CA ALA B 327 -32.88 -9.06 26.11
C ALA B 327 -32.27 -10.46 26.00
N TYR B 328 -31.04 -10.59 25.47
CA TYR B 328 -30.40 -11.89 25.40
C TYR B 328 -29.74 -12.31 26.71
N VAL B 329 -29.26 -11.36 27.50
CA VAL B 329 -28.60 -11.72 28.75
C VAL B 329 -29.60 -12.28 29.76
N LYS B 330 -30.91 -12.07 29.52
CA LYS B 330 -31.95 -12.78 30.29
C LYS B 330 -32.07 -14.21 29.75
N ALA B 331 -31.10 -15.04 30.12
CA ALA B 331 -31.09 -16.47 29.79
C ALA B 331 -29.89 -17.16 30.46
N PRO B 344 -17.49 -26.02 30.23
CA PRO B 344 -16.63 -24.86 30.51
C PRO B 344 -17.35 -23.80 31.34
N LYS B 345 -16.69 -23.32 32.41
CA LYS B 345 -17.28 -22.32 33.28
C LYS B 345 -16.99 -20.89 32.84
N GLN B 346 -16.10 -20.70 31.86
CA GLN B 346 -15.66 -19.37 31.45
C GLN B 346 -15.64 -19.26 29.94
N ASP B 347 -15.88 -18.04 29.45
CA ASP B 347 -15.75 -17.75 28.04
C ASP B 347 -14.28 -17.67 27.65
N ARG B 348 -14.03 -17.78 26.35
CA ARG B 348 -12.67 -17.74 25.83
C ARG B 348 -12.18 -16.30 25.72
N TYR B 349 -10.87 -16.14 25.47
CA TYR B 349 -10.22 -14.86 25.74
C TYR B 349 -10.77 -13.71 24.89
N ALA B 350 -11.14 -13.99 23.64
CA ALA B 350 -11.56 -12.92 22.74
C ALA B 350 -12.86 -12.26 23.21
N LEU B 351 -13.64 -12.95 24.06
CA LEU B 351 -14.81 -12.37 24.70
C LEU B 351 -14.43 -11.84 26.07
N ARG B 352 -13.85 -12.70 26.92
CA ARG B 352 -13.71 -12.38 28.33
C ARG B 352 -12.59 -11.35 28.60
N THR B 353 -11.55 -11.31 27.78
CA THR B 353 -10.49 -10.32 28.00
C THR B 353 -10.60 -9.12 27.07
N SER B 354 -11.72 -8.97 26.37
CA SER B 354 -11.82 -7.88 25.41
C SER B 354 -11.66 -6.49 26.03
N PRO B 355 -12.09 -6.21 27.26
CA PRO B 355 -11.80 -4.86 27.78
C PRO B 355 -10.33 -4.68 28.11
N GLN B 356 -9.68 -5.71 28.66
CA GLN B 356 -8.25 -5.66 28.89
C GLN B 356 -7.50 -5.45 27.59
N TRP B 357 -7.98 -6.10 26.52
CA TRP B 357 -7.31 -6.03 25.22
C TRP B 357 -7.49 -4.66 24.58
N LEU B 358 -8.73 -4.17 24.56
CA LEU B 358 -9.04 -2.94 23.85
C LEU B 358 -8.53 -1.72 24.60
N GLY B 359 -8.56 -1.76 25.93
CA GLY B 359 -8.31 -0.60 26.77
C GLY B 359 -7.04 0.17 26.44
N PRO B 360 -5.90 -0.52 26.35
CA PRO B 360 -4.66 0.20 25.98
C PRO B 360 -4.67 0.73 24.56
N GLN B 361 -5.34 0.04 23.65
CA GLN B 361 -5.44 0.54 22.28
C GLN B 361 -6.17 1.89 22.25
N ILE B 362 -7.27 2.00 23.00
CA ILE B 362 -8.01 3.26 23.11
C ILE B 362 -7.12 4.36 23.68
N GLU B 363 -6.38 4.04 24.75
CA GLU B 363 -5.52 5.04 25.37
C GLU B 363 -4.47 5.56 24.38
N VAL B 364 -3.87 4.67 23.59
CA VAL B 364 -2.88 5.06 22.59
C VAL B 364 -3.51 5.94 21.52
N ILE B 365 -4.69 5.55 21.02
CA ILE B 365 -5.37 6.34 20.00
C ILE B 365 -5.74 7.71 20.57
N ARG B 366 -6.22 7.75 21.82
CA ARG B 366 -6.55 9.03 22.42
C ARG B 366 -5.31 9.90 22.61
N SER B 367 -4.22 9.31 23.11
CA SER B 367 -2.99 10.06 23.28
CA SER B 367 -2.99 10.06 23.28
C SER B 367 -2.45 10.57 21.94
N SER B 368 -2.49 9.72 20.91
CA SER B 368 -2.01 10.12 19.59
C SER B 368 -2.81 11.29 19.04
N THR B 369 -4.14 11.26 19.24
CA THR B 369 -5.01 12.35 18.82
C THR B 369 -4.54 13.69 19.38
N LYS B 370 -4.21 13.72 20.68
CA LYS B 370 -3.79 14.99 21.27
C LYS B 370 -2.45 15.45 20.67
N MET B 371 -1.54 14.50 20.43
CA MET B 371 -0.26 14.84 19.79
CA MET B 371 -0.26 14.84 19.80
C MET B 371 -0.48 15.48 18.43
N ILE B 372 -1.38 14.90 17.63
CA ILE B 372 -1.65 15.46 16.31
C ILE B 372 -2.38 16.80 16.44
N GLU B 373 -3.34 16.91 17.37
CA GLU B 373 -4.05 18.18 17.51
C GLU B 373 -3.10 19.32 17.87
N ARG B 374 -2.07 19.03 18.67
CA ARG B 374 -1.06 20.05 18.90
C ARG B 374 -0.27 20.32 17.64
N GLU B 375 0.06 19.27 16.90
CA GLU B 375 0.85 19.44 15.68
C GLU B 375 0.12 20.32 14.68
N ILE B 376 -1.18 20.07 14.46
CA ILE B 376 -1.90 20.86 13.47
C ILE B 376 -2.13 22.31 13.91
N ASN B 377 -1.91 22.62 15.19
CA ASN B 377 -1.99 24.00 15.67
C ASN B 377 -0.61 24.59 15.96
N SER B 378 0.46 23.87 15.62
CA SER B 378 1.79 24.40 15.89
C SER B 378 2.23 25.35 14.79
N VAL B 379 3.19 26.22 15.12
CA VAL B 379 3.85 27.00 14.09
C VAL B 379 4.99 26.12 13.58
N ASN B 380 4.69 25.32 12.56
CA ASN B 380 5.70 24.44 11.95
C ASN B 380 6.21 25.19 10.72
N ASP B 381 7.34 25.85 10.89
CA ASP B 381 7.94 26.73 9.91
C ASP B 381 9.32 27.09 10.43
N ASN B 382 10.19 27.54 9.52
CA ASN B 382 11.52 27.98 9.91
C ASN B 382 12.06 28.84 8.79
N PRO B 383 12.74 29.95 9.09
CA PRO B 383 12.77 30.55 10.43
C PRO B 383 11.45 31.24 10.80
N LEU B 384 11.26 31.52 12.08
CA LEU B 384 10.08 32.25 12.55
C LEU B 384 10.41 33.74 12.66
N ILE B 385 9.52 34.59 12.14
CA ILE B 385 9.68 36.03 12.24
C ILE B 385 9.06 36.48 13.57
N ASP B 386 9.90 36.90 14.50
CA ASP B 386 9.42 37.42 15.77
C ASP B 386 9.49 38.95 15.67
N VAL B 387 8.36 39.54 15.27
CA VAL B 387 8.28 41.00 15.10
C VAL B 387 8.49 41.71 16.43
N SER B 388 8.09 41.09 17.53
CA SER B 388 8.29 41.69 18.85
C SER B 388 9.77 41.90 19.15
N ARG B 389 10.63 40.95 18.80
CA ARG B 389 12.06 41.05 19.08
C ARG B 389 12.86 41.52 17.86
N ASN B 390 12.18 41.87 16.77
CA ASN B 390 12.83 42.41 15.59
C ASN B 390 13.88 41.45 15.03
N LYS B 391 13.52 40.16 14.92
CA LYS B 391 14.49 39.19 14.43
C LYS B 391 13.80 37.89 14.04
N ALA B 392 14.45 37.16 13.14
CA ALA B 392 14.04 35.80 12.81
C ALA B 392 14.68 34.82 13.80
N ILE B 393 13.92 33.80 14.18
CA ILE B 393 14.37 32.77 15.10
C ILE B 393 14.50 31.47 14.31
N HIS B 394 15.71 30.86 14.33
CA HIS B 394 15.98 29.64 13.57
C HIS B 394 15.84 28.40 14.45
N GLY B 395 15.19 27.37 13.92
CA GLY B 395 14.85 26.21 14.71
C GLY B 395 14.37 25.07 13.85
N GLY B 396 13.78 24.07 14.50
CA GLY B 396 13.47 22.81 13.81
C GLY B 396 12.00 22.41 13.81
N ASN B 397 11.11 23.41 13.78
CA ASN B 397 9.69 23.11 13.99
C ASN B 397 9.07 22.38 12.81
N PHE B 398 9.74 22.32 11.67
CA PHE B 398 9.37 21.48 10.53
C PHE B 398 9.59 19.98 10.81
N GLN B 399 10.19 19.60 11.93
CA GLN B 399 10.58 18.21 12.16
C GLN B 399 9.35 17.47 12.70
N GLY B 400 8.69 16.69 11.84
CA GLY B 400 7.39 16.11 12.13
C GLY B 400 7.37 14.87 13.00
N THR B 401 8.31 14.79 13.95
CA THR B 401 8.35 13.65 14.85
C THR B 401 7.02 13.34 15.55
N PRO B 402 6.21 14.32 16.00
CA PRO B 402 4.92 13.96 16.62
C PRO B 402 4.00 13.22 15.67
N ILE B 403 4.18 13.40 14.37
CA ILE B 403 3.37 12.67 13.39
C ILE B 403 3.87 11.25 13.23
N GLY B 404 5.18 11.08 13.04
CA GLY B 404 5.74 9.75 12.88
C GLY B 404 5.49 8.85 14.07
N VAL B 405 5.76 9.36 15.27
CA VAL B 405 5.56 8.58 16.49
C VAL B 405 4.09 8.22 16.67
N SER B 406 3.19 9.21 16.53
CA SER B 406 1.79 8.93 16.83
C SER B 406 1.18 7.99 15.80
N MET B 407 1.56 8.10 14.53
CA MET B 407 1.00 7.21 13.52
C MET B 407 1.56 5.78 13.66
N ASP B 408 2.85 5.65 13.98
CA ASP B 408 3.40 4.32 14.26
C ASP B 408 2.67 3.68 15.45
N ASN B 409 2.54 4.43 16.55
CA ASN B 409 1.88 3.89 17.74
C ASN B 409 0.42 3.57 17.43
N THR B 410 -0.26 4.44 16.67
CA THR B 410 -1.66 4.20 16.34
C THR B 410 -1.79 2.99 15.40
N ARG B 411 -0.88 2.83 14.45
CA ARG B 411 -0.99 1.71 13.53
C ARG B 411 -0.85 0.37 14.26
N LEU B 412 0.00 0.32 15.29
CA LEU B 412 0.08 -0.90 16.09
C LEU B 412 -1.22 -1.12 16.88
N ALA B 413 -1.79 -0.05 17.45
CA ALA B 413 -3.08 -0.15 18.13
C ALA B 413 -4.15 -0.68 17.18
N ILE B 414 -4.24 -0.10 15.98
CA ILE B 414 -5.22 -0.56 14.99
C ILE B 414 -5.06 -2.05 14.74
N ALA B 415 -3.82 -2.52 14.55
CA ALA B 415 -3.63 -3.95 14.27
C ALA B 415 -4.06 -4.82 15.45
N ALA B 416 -3.91 -4.33 16.68
CA ALA B 416 -4.38 -5.05 17.85
C ALA B 416 -5.90 -5.15 17.86
N ILE B 417 -6.58 -4.08 17.48
CA ILE B 417 -8.04 -4.09 17.45
C ILE B 417 -8.53 -5.05 16.37
N GLY B 418 -7.86 -5.05 15.21
CA GLY B 418 -8.22 -6.03 14.18
C GLY B 418 -7.94 -7.47 14.60
N LYS B 419 -6.85 -7.70 15.33
CA LYS B 419 -6.55 -9.06 15.77
C LYS B 419 -7.65 -9.59 16.70
N LEU B 420 -8.08 -8.76 17.66
CA LEU B 420 -9.24 -9.11 18.50
C LEU B 420 -10.48 -9.37 17.66
N MET B 421 -10.74 -8.51 16.68
CA MET B 421 -11.91 -8.71 15.83
C MET B 421 -11.83 -10.03 15.05
N PHE B 422 -10.66 -10.36 14.51
CA PHE B 422 -10.48 -11.65 13.84
C PHE B 422 -10.75 -12.80 14.79
N ALA B 423 -10.24 -12.70 16.03
CA ALA B 423 -10.43 -13.79 16.97
C ALA B 423 -11.88 -13.90 17.41
N GLN B 424 -12.56 -12.76 17.62
CA GLN B 424 -13.99 -12.83 17.95
C GLN B 424 -14.79 -13.41 16.80
N PHE B 425 -14.53 -12.92 15.58
CA PHE B 425 -15.22 -13.46 14.41
C PHE B 425 -14.98 -14.95 14.29
N SER B 426 -13.75 -15.40 14.55
CA SER B 426 -13.41 -16.82 14.46
C SER B 426 -14.21 -17.64 15.45
N GLU B 427 -14.30 -17.20 16.71
CA GLU B 427 -15.17 -17.87 17.67
C GLU B 427 -16.62 -17.92 17.20
N LEU B 428 -17.12 -16.78 16.67
CA LEU B 428 -18.53 -16.66 16.28
C LEU B 428 -18.94 -17.72 15.25
N VAL B 429 -18.08 -18.02 14.28
CA VAL B 429 -18.50 -18.90 13.18
C VAL B 429 -18.11 -20.35 13.43
N ASN B 430 -17.47 -20.65 14.55
CA ASN B 430 -17.07 -22.01 14.86
C ASN B 430 -18.10 -22.65 15.79
N ASP B 431 -18.67 -23.77 15.35
CA ASP B 431 -19.71 -24.40 16.17
C ASP B 431 -19.15 -25.05 17.43
N PHE B 432 -17.84 -25.29 17.51
CA PHE B 432 -17.25 -25.70 18.78
C PHE B 432 -17.33 -24.61 19.86
N TYR B 433 -17.44 -23.34 19.45
CA TYR B 433 -17.21 -22.23 20.36
C TYR B 433 -18.38 -21.28 20.49
N ASN B 434 -19.36 -21.36 19.60
CA ASN B 434 -20.39 -20.35 19.50
C ASN B 434 -21.70 -20.78 20.15
N ASN B 435 -21.68 -21.75 21.07
CA ASN B 435 -22.81 -22.06 21.94
C ASN B 435 -24.12 -22.25 21.15
N GLY B 436 -24.07 -23.18 20.19
CA GLY B 436 -25.26 -23.61 19.50
C GLY B 436 -25.56 -22.92 18.18
N LEU B 437 -24.77 -21.93 17.76
CA LEU B 437 -24.97 -21.34 16.44
C LEU B 437 -24.46 -22.31 15.37
N PRO B 438 -25.03 -22.25 14.17
CA PRO B 438 -24.56 -23.13 13.10
C PRO B 438 -23.10 -22.88 12.75
N SER B 439 -22.42 -23.94 12.31
CA SER B 439 -21.10 -23.74 11.70
C SER B 439 -21.26 -22.78 10.52
N ASN B 440 -20.30 -21.84 10.40
CA ASN B 440 -20.27 -20.82 9.36
C ASN B 440 -21.43 -19.84 9.42
N LEU B 441 -22.27 -19.89 10.46
CA LEU B 441 -23.48 -19.07 10.54
C LEU B 441 -24.33 -19.29 9.28
N SER B 442 -24.25 -20.51 8.74
CA SER B 442 -25.09 -20.92 7.62
C SER B 442 -26.56 -20.65 7.90
N GLY B 443 -27.30 -20.29 6.86
CA GLY B 443 -28.66 -19.80 7.08
C GLY B 443 -29.81 -20.61 6.48
N GLY B 444 -29.55 -21.32 5.38
CA GLY B 444 -30.61 -22.02 4.68
C GLY B 444 -31.02 -23.30 5.36
N ARG B 445 -32.06 -23.92 4.80
CA ARG B 445 -32.59 -25.16 5.36
C ARG B 445 -31.58 -26.29 5.24
N ASN B 446 -30.81 -26.31 4.15
CA ASN B 446 -29.94 -27.45 3.87
C ASN B 446 -28.50 -27.01 4.11
N PRO B 447 -27.90 -27.40 5.24
CA PRO B 447 -26.50 -27.01 5.50
C PRO B 447 -25.52 -27.58 4.51
N SER B 448 -25.88 -28.64 3.80
CA SER B 448 -24.98 -29.18 2.80
C SER B 448 -24.90 -28.31 1.56
N LEU B 449 -25.82 -27.36 1.40
CA LEU B 449 -25.80 -26.41 0.30
C LEU B 449 -25.73 -24.97 0.81
N ASP B 450 -25.14 -24.76 1.99
CA ASP B 450 -24.99 -23.41 2.53
C ASP B 450 -23.77 -23.42 3.46
N TYR B 451 -22.66 -22.87 2.99
CA TYR B 451 -21.48 -22.76 3.83
C TYR B 451 -21.28 -21.36 4.39
N GLY B 452 -22.37 -20.57 4.49
CA GLY B 452 -22.38 -19.33 5.24
C GLY B 452 -21.22 -18.37 5.06
N PHE B 453 -20.51 -18.08 6.16
CA PHE B 453 -19.44 -17.09 6.20
C PHE B 453 -18.05 -17.72 6.10
N LYS B 454 -17.94 -18.94 5.55
CA LYS B 454 -16.64 -19.58 5.40
C LYS B 454 -15.73 -18.79 4.46
N GLY B 455 -16.26 -18.37 3.31
CA GLY B 455 -15.50 -17.47 2.45
C GLY B 455 -15.11 -16.19 3.17
N ALA B 456 -16.05 -15.61 3.93
CA ALA B 456 -15.77 -14.38 4.67
C ALA B 456 -14.76 -14.64 5.78
N GLU B 457 -14.79 -15.84 6.38
CA GLU B 457 -13.86 -16.17 7.44
C GLU B 457 -12.43 -16.19 6.91
N ILE B 458 -12.23 -16.77 5.72
CA ILE B 458 -10.91 -16.79 5.09
C ILE B 458 -10.45 -15.38 4.75
N ALA B 459 -11.36 -14.56 4.23
CA ALA B 459 -11.04 -13.15 3.99
C ALA B 459 -10.59 -12.46 5.28
N MET B 460 -11.31 -12.70 6.38
CA MET B 460 -10.95 -12.10 7.66
C MET B 460 -9.52 -12.45 8.07
N ALA B 461 -9.09 -13.69 7.81
CA ALA B 461 -7.69 -14.05 8.05
C ALA B 461 -6.75 -13.22 7.18
N SER B 462 -7.09 -13.05 5.91
CA SER B 462 -6.25 -12.25 5.02
C SER B 462 -6.20 -10.79 5.47
N TYR B 463 -7.33 -10.26 5.92
CA TYR B 463 -7.35 -8.89 6.45
C TYR B 463 -6.44 -8.77 7.65
N CYS B 464 -6.59 -9.69 8.60
CA CYS B 464 -5.82 -9.63 9.84
C CYS B 464 -4.32 -9.79 9.58
N SER B 465 -3.93 -10.75 8.74
CA SER B 465 -2.52 -10.93 8.40
C SER B 465 -1.90 -9.65 7.83
N GLU B 466 -2.58 -9.04 6.86
CA GLU B 466 -2.00 -7.86 6.24
C GLU B 466 -1.96 -6.71 7.22
N LEU B 467 -2.96 -6.62 8.10
CA LEU B 467 -2.93 -5.66 9.19
C LEU B 467 -1.72 -5.87 10.10
N GLN B 468 -1.41 -7.12 10.45
CA GLN B 468 -0.24 -7.36 11.29
C GLN B 468 1.06 -6.97 10.59
N PHE B 469 1.15 -7.17 9.27
CA PHE B 469 2.30 -6.68 8.50
C PHE B 469 2.39 -5.15 8.57
N LEU B 470 1.25 -4.49 8.41
CA LEU B 470 1.23 -3.03 8.44
C LEU B 470 1.59 -2.46 9.82
N ALA B 471 1.45 -3.25 10.89
CA ALA B 471 1.75 -2.77 12.24
C ALA B 471 3.23 -2.44 12.47
N ASN B 472 4.14 -2.86 11.59
CA ASN B 472 5.55 -2.53 11.78
C ASN B 472 5.75 -1.02 11.62
N PRO B 473 6.74 -0.44 12.31
CA PRO B 473 6.96 1.00 12.24
C PRO B 473 7.61 1.46 10.95
N VAL B 474 7.42 2.75 10.68
CA VAL B 474 8.07 3.47 9.59
C VAL B 474 9.26 4.24 10.14
N THR B 475 9.14 4.76 11.37
CA THR B 475 10.09 5.77 11.85
C THR B 475 11.44 5.18 12.27
N ASN B 476 11.62 3.87 12.17
CA ASN B 476 12.93 3.28 12.39
C ASN B 476 13.69 3.07 11.09
N HIS B 477 13.31 3.79 10.03
CA HIS B 477 13.91 3.64 8.70
C HIS B 477 14.47 4.96 8.18
N VAL B 478 14.95 5.79 9.10
CA VAL B 478 15.37 7.15 8.80
C VAL B 478 16.71 7.11 8.07
N GLN B 479 16.79 7.76 6.93
CA GLN B 479 18.04 7.92 6.21
C GLN B 479 18.68 9.26 6.59
N SER B 480 20.02 9.28 6.61
CA SER B 480 20.72 10.56 6.67
C SER B 480 20.57 11.26 5.31
N ALA B 481 19.84 12.38 5.28
CA ALA B 481 19.35 12.95 4.03
C ALA B 481 19.87 14.36 3.78
N GLU B 482 19.69 14.78 2.52
CA GLU B 482 20.04 16.12 2.01
C GLU B 482 21.47 16.52 2.35
N GLN B 483 22.42 15.80 1.73
CA GLN B 483 23.85 16.01 1.98
C GLN B 483 24.14 15.98 3.48
N HIS B 484 23.37 15.15 4.18
CA HIS B 484 23.49 14.87 5.61
C HIS B 484 23.18 16.08 6.48
N ASN B 485 22.55 17.10 5.89
CA ASN B 485 21.95 18.14 6.70
C ASN B 485 20.77 17.60 7.48
N GLN B 486 19.96 16.77 6.83
CA GLN B 486 18.77 16.17 7.44
C GLN B 486 19.11 14.78 7.96
N ASP B 487 20.04 14.74 8.93
CA ASP B 487 20.54 13.45 9.41
C ASP B 487 19.57 12.77 10.38
N VAL B 488 18.52 13.46 10.81
CA VAL B 488 17.32 12.82 11.31
C VAL B 488 16.12 13.44 10.61
N ASN B 489 15.07 12.64 10.40
CA ASN B 489 13.86 13.15 9.78
C ASN B 489 12.72 12.22 10.17
N SER B 490 11.50 12.77 10.19
CA SER B 490 10.39 12.14 10.89
C SER B 490 9.74 10.99 10.12
N LEU B 491 9.71 11.06 8.79
CA LEU B 491 8.97 10.10 7.95
C LEU B 491 7.47 10.13 8.25
N GLY B 492 6.98 11.28 8.74
CA GLY B 492 5.62 11.36 9.25
C GLY B 492 4.55 10.99 8.23
N LEU B 493 4.58 11.61 7.05
CA LEU B 493 3.52 11.33 6.07
C LEU B 493 3.55 9.86 5.64
N ILE B 494 4.75 9.28 5.45
CA ILE B 494 4.78 7.86 5.11
C ILE B 494 4.05 7.04 6.15
N SER B 495 4.28 7.34 7.44
CA SER B 495 3.60 6.61 8.50
C SER B 495 2.10 6.85 8.45
N SER B 496 1.68 8.10 8.23
CA SER B 496 0.25 8.41 8.11
C SER B 496 -0.40 7.60 7.01
N ARG B 497 0.30 7.45 5.88
CA ARG B 497 -0.25 6.70 4.75
C ARG B 497 -0.41 5.22 5.11
N LYS B 498 0.54 4.65 5.84
CA LYS B 498 0.40 3.27 6.27
C LYS B 498 -0.69 3.13 7.34
N THR B 499 -0.87 4.13 8.20
CA THR B 499 -1.93 4.00 9.20
C THR B 499 -3.29 4.16 8.53
N SER B 500 -3.35 4.93 7.43
CA SER B 500 -4.59 5.03 6.66
C SER B 500 -4.94 3.71 5.99
N GLU B 501 -3.93 3.04 5.41
CA GLU B 501 -4.16 1.71 4.85
C GLU B 501 -4.67 0.72 5.91
N ALA B 502 -4.08 0.76 7.11
CA ALA B 502 -4.53 -0.11 8.20
C ALA B 502 -5.99 0.18 8.58
N VAL B 503 -6.38 1.46 8.57
CA VAL B 503 -7.75 1.82 8.91
C VAL B 503 -8.73 1.28 7.86
N GLU B 504 -8.37 1.36 6.56
CA GLU B 504 -9.24 0.80 5.55
C GLU B 504 -9.46 -0.69 5.79
N ILE B 505 -8.39 -1.43 6.11
CA ILE B 505 -8.53 -2.87 6.38
C ILE B 505 -9.39 -3.11 7.61
N LEU B 506 -9.21 -2.31 8.66
CA LEU B 506 -10.05 -2.45 9.84
C LEU B 506 -11.51 -2.19 9.49
N LYS B 507 -11.77 -1.34 8.50
CA LYS B 507 -13.14 -1.13 8.04
C LYS B 507 -13.66 -2.33 7.26
N LEU B 508 -12.79 -2.99 6.47
CA LEU B 508 -13.21 -4.23 5.80
C LEU B 508 -13.56 -5.30 6.83
N MET B 509 -12.74 -5.42 7.89
CA MET B 509 -13.00 -6.38 8.95
C MET B 509 -14.26 -6.02 9.73
N SER B 510 -14.43 -4.73 10.05
CA SER B 510 -15.58 -4.28 10.82
C SER B 510 -16.88 -4.53 10.07
N THR B 511 -16.88 -4.22 8.78
CA THR B 511 -18.02 -4.51 7.92
C THR B 511 -18.36 -5.99 7.94
N THR B 512 -17.36 -6.85 7.71
CA THR B 512 -17.61 -8.28 7.66
C THR B 512 -18.08 -8.82 9.01
N PHE B 513 -17.42 -8.38 10.09
CA PHE B 513 -17.85 -8.78 11.42
C PHE B 513 -19.30 -8.34 11.67
N LEU B 514 -19.62 -7.09 11.34
CA LEU B 514 -20.94 -6.55 11.68
C LEU B 514 -22.06 -7.34 11.00
N VAL B 515 -21.90 -7.64 9.71
CA VAL B 515 -22.91 -8.41 8.99
C VAL B 515 -23.01 -9.81 9.57
N GLY B 516 -21.88 -10.38 9.98
CA GLY B 516 -21.89 -11.67 10.64
C GLY B 516 -22.67 -11.63 11.95
N LEU B 517 -22.50 -10.55 12.73
CA LEU B 517 -23.26 -10.41 13.97
C LEU B 517 -24.76 -10.34 13.71
N CYS B 518 -25.17 -9.57 12.71
CA CYS B 518 -26.59 -9.50 12.41
C CYS B 518 -27.11 -10.83 11.87
N GLN B 519 -26.27 -11.59 11.16
CA GLN B 519 -26.65 -12.96 10.81
C GLN B 519 -26.88 -13.79 12.06
N ALA B 520 -25.97 -13.69 13.03
CA ALA B 520 -26.10 -14.45 14.26
C ALA B 520 -27.35 -14.06 15.03
N ILE B 521 -27.66 -12.75 15.07
CA ILE B 521 -28.90 -12.30 15.69
C ILE B 521 -30.10 -12.99 15.06
N ASP B 522 -30.11 -13.06 13.72
CA ASP B 522 -31.25 -13.67 13.05
C ASP B 522 -31.30 -15.17 13.28
N LEU B 523 -30.14 -15.81 13.45
CA LEU B 523 -30.12 -17.24 13.75
C LEU B 523 -30.62 -17.54 15.17
N ARG B 524 -30.29 -16.67 16.14
CA ARG B 524 -30.84 -16.87 17.49
C ARG B 524 -32.35 -16.74 17.48
N HIS B 525 -32.86 -15.82 16.66
CA HIS B 525 -34.31 -15.66 16.48
C HIS B 525 -34.93 -16.91 15.89
N LEU B 526 -34.30 -17.47 14.85
CA LEU B 526 -34.81 -18.70 14.26
C LEU B 526 -34.72 -19.85 15.24
N GLU B 527 -33.62 -19.90 16.02
CA GLU B 527 -33.41 -20.99 16.96
C GLU B 527 -34.51 -21.02 18.02
N GLU B 528 -34.86 -19.86 18.56
CA GLU B 528 -35.89 -19.82 19.61
C GLU B 528 -37.24 -20.28 19.07
N ASN B 529 -37.59 -19.85 17.86
CA ASN B 529 -38.88 -20.21 17.30
C ASN B 529 -38.96 -21.70 16.95
N LEU B 530 -37.91 -22.24 16.32
CA LEU B 530 -37.96 -23.65 15.95
C LEU B 530 -37.93 -24.55 17.18
N LYS B 531 -37.25 -24.11 18.25
CA LYS B 531 -37.26 -24.89 19.48
C LYS B 531 -38.65 -24.95 20.09
N SER B 532 -39.37 -23.81 20.07
CA SER B 532 -40.74 -23.80 20.57
C SER B 532 -41.62 -24.75 19.76
N THR B 533 -41.49 -24.74 18.44
CA THR B 533 -42.26 -25.65 17.59
C THR B 533 -41.96 -27.11 17.91
N VAL B 534 -40.68 -27.46 18.07
CA VAL B 534 -40.33 -28.84 18.36
C VAL B 534 -40.90 -29.27 19.70
N LYS B 535 -40.76 -28.40 20.71
CA LYS B 535 -41.35 -28.67 22.01
C LYS B 535 -42.85 -28.92 21.90
N ASN B 536 -43.56 -28.05 21.16
CA ASN B 536 -45.01 -28.19 21.04
C ASN B 536 -45.38 -29.47 20.32
N THR B 537 -44.65 -29.82 19.26
CA THR B 537 -44.93 -31.05 18.54
C THR B 537 -44.62 -32.26 19.41
N VAL B 538 -43.54 -32.19 20.18
CA VAL B 538 -43.21 -33.33 21.03
C VAL B 538 -44.30 -33.52 22.07
N SER B 539 -44.81 -32.41 22.61
CA SER B 539 -45.89 -32.47 23.60
C SER B 539 -47.20 -32.99 23.00
N SER B 540 -47.57 -32.52 21.80
CA SER B 540 -48.71 -33.08 21.08
C SER B 540 -48.59 -34.59 20.93
N VAL B 541 -47.51 -35.05 20.31
CA VAL B 541 -47.35 -36.49 20.07
C VAL B 541 -47.42 -37.25 21.39
N ALA B 542 -46.79 -36.73 22.44
CA ALA B 542 -46.83 -37.38 23.74
C ALA B 542 -48.27 -37.49 24.25
N LYS B 543 -49.03 -36.40 24.18
CA LYS B 543 -50.41 -36.43 24.69
C LYS B 543 -51.30 -37.37 23.87
N ARG B 544 -50.97 -37.57 22.59
CA ARG B 544 -51.78 -38.43 21.73
C ARG B 544 -51.38 -39.89 21.81
N VAL B 545 -50.08 -40.18 22.00
CA VAL B 545 -49.57 -41.54 21.97
C VAL B 545 -49.36 -42.12 23.36
N LEU B 546 -48.90 -41.29 24.30
CA LEU B 546 -48.52 -41.77 25.62
C LEU B 546 -49.58 -41.55 26.70
N THR B 547 -50.63 -40.78 26.41
CA THR B 547 -51.74 -40.68 27.34
C THR B 547 -52.64 -41.91 27.23
N MET B 548 -52.89 -42.35 26.00
CA MET B 548 -53.77 -43.48 25.73
C MET B 548 -53.21 -44.76 26.33
N GLY B 549 -54.08 -45.52 26.98
CA GLY B 549 -53.71 -46.83 27.50
C GLY B 549 -54.19 -47.98 26.62
N GLY B 552 -57.57 -48.19 27.73
CA GLY B 552 -58.77 -47.65 28.34
C GLY B 552 -58.48 -46.70 29.49
N GLU B 553 -57.50 -47.04 30.31
CA GLU B 553 -57.12 -46.23 31.45
C GLU B 553 -55.86 -45.42 31.15
N LEU B 554 -55.55 -44.48 32.05
CA LEU B 554 -54.38 -43.63 31.90
C LEU B 554 -53.10 -44.44 32.01
N HIS B 555 -52.20 -44.32 30.96
CA HIS B 555 -51.00 -45.12 30.78
C HIS B 555 -49.82 -44.52 31.56
N PRO B 556 -48.94 -45.37 32.08
CA PRO B 556 -47.75 -44.85 32.78
C PRO B 556 -46.84 -44.00 31.92
N SER B 557 -46.79 -44.25 30.61
CA SER B 557 -45.93 -43.47 29.73
C SER B 557 -46.32 -42.00 29.65
N ARG B 558 -47.50 -41.62 30.17
CA ARG B 558 -47.93 -40.23 30.07
C ARG B 558 -47.06 -39.29 30.92
N PHE B 559 -46.30 -39.83 31.87
CA PHE B 559 -45.45 -39.02 32.73
C PHE B 559 -44.03 -38.88 32.21
N CYS B 560 -43.76 -39.36 30.99
CA CYS B 560 -42.49 -39.08 30.32
C CYS B 560 -42.46 -37.72 29.69
N GLU B 561 -43.63 -37.07 29.54
CA GLU B 561 -43.70 -35.89 28.70
C GLU B 561 -42.75 -34.80 29.17
N LYS B 562 -42.68 -34.55 30.49
CA LYS B 562 -41.83 -33.47 30.97
C LYS B 562 -40.36 -33.73 30.63
N ASP B 563 -39.90 -34.97 30.83
CA ASP B 563 -38.50 -35.29 30.51
C ASP B 563 -38.24 -35.21 29.01
N LEU B 564 -39.21 -35.65 28.19
CA LEU B 564 -39.03 -35.53 26.75
C LEU B 564 -38.92 -34.07 26.33
N LEU B 565 -39.70 -33.19 26.97
CA LEU B 565 -39.56 -31.76 26.74
C LEU B 565 -38.22 -31.24 27.23
N ARG B 566 -37.72 -31.77 28.34
CA ARG B 566 -36.38 -31.39 28.81
C ARG B 566 -35.28 -31.75 27.81
N VAL B 567 -35.47 -32.81 27.01
CA VAL B 567 -34.48 -33.10 25.98
C VAL B 567 -34.42 -31.96 24.97
N VAL B 568 -35.59 -31.54 24.48
CA VAL B 568 -35.66 -30.47 23.48
C VAL B 568 -35.03 -29.20 24.04
N ASP B 569 -35.34 -28.87 25.30
CA ASP B 569 -34.76 -27.68 25.90
C ASP B 569 -33.25 -27.79 26.04
N ARG B 570 -32.75 -29.01 26.26
CA ARG B 570 -31.32 -29.20 26.49
C ARG B 570 -30.52 -29.18 25.19
N GLU B 571 -31.08 -29.70 24.10
CA GLU B 571 -30.32 -29.92 22.88
C GLU B 571 -30.23 -28.67 22.02
N TYR B 572 -29.12 -28.53 21.28
CA TYR B 572 -28.97 -27.45 20.32
C TYR B 572 -29.83 -27.70 19.08
N ILE B 573 -30.79 -26.81 18.85
CA ILE B 573 -31.68 -26.91 17.69
C ILE B 573 -30.89 -27.14 16.42
N PHE B 574 -29.80 -26.39 16.23
CA PHE B 574 -29.08 -26.45 14.97
C PHE B 574 -28.25 -27.73 14.82
N ALA B 575 -28.19 -28.56 15.85
CA ALA B 575 -27.61 -29.90 15.72
C ALA B 575 -28.54 -30.91 15.06
N TYR B 576 -29.80 -30.58 14.78
CA TYR B 576 -30.67 -31.60 14.21
C TYR B 576 -31.81 -31.05 13.36
N ILE B 577 -32.05 -29.74 13.39
CA ILE B 577 -33.29 -29.19 12.84
C ILE B 577 -33.35 -29.26 11.32
N ASP B 578 -32.23 -29.49 10.64
CA ASP B 578 -32.29 -29.70 9.20
C ASP B 578 -32.79 -31.09 8.83
N ASP B 579 -32.85 -32.02 9.78
CA ASP B 579 -33.42 -33.34 9.53
C ASP B 579 -33.87 -33.88 10.88
N PRO B 580 -34.90 -33.26 11.47
CA PRO B 580 -35.15 -33.46 12.92
C PRO B 580 -35.52 -34.88 13.30
N CYS B 581 -36.06 -35.68 12.38
CA CYS B 581 -36.43 -37.05 12.71
C CYS B 581 -35.43 -38.09 12.20
N SER B 582 -34.22 -37.67 11.82
CA SER B 582 -33.19 -38.63 11.42
C SER B 582 -32.71 -39.44 12.63
N ALA B 583 -32.51 -40.74 12.42
CA ALA B 583 -32.10 -41.63 13.50
C ALA B 583 -30.68 -41.34 13.99
N THR B 584 -29.85 -40.72 13.16
CA THR B 584 -28.46 -40.46 13.51
C THR B 584 -28.26 -39.09 14.14
N TYR B 585 -29.33 -38.32 14.36
CA TYR B 585 -29.24 -37.01 14.98
C TYR B 585 -29.62 -37.09 16.45
N PRO B 586 -29.22 -36.11 17.26
CA PRO B 586 -29.41 -36.22 18.72
C PRO B 586 -30.86 -36.17 19.20
N LEU B 587 -31.81 -35.58 18.44
CA LEU B 587 -33.17 -35.44 18.97
C LEU B 587 -33.85 -36.80 19.11
N MET B 588 -33.93 -37.56 18.02
CA MET B 588 -34.58 -38.87 18.10
C MET B 588 -33.81 -39.80 19.02
N GLN B 589 -32.48 -39.66 19.08
CA GLN B 589 -31.70 -40.57 19.91
C GLN B 589 -31.96 -40.32 21.38
N LYS B 590 -31.88 -39.04 21.79
CA LYS B 590 -32.09 -38.73 23.19
C LYS B 590 -33.55 -38.86 23.60
N LEU B 591 -34.50 -38.63 22.68
CA LEU B 591 -35.90 -38.90 23.01
C LEU B 591 -36.11 -40.36 23.34
N ARG B 592 -35.58 -41.25 22.48
CA ARG B 592 -35.73 -42.67 22.75
C ARG B 592 -35.02 -43.08 24.02
N GLN B 593 -33.84 -42.49 24.28
CA GLN B 593 -33.16 -42.77 25.54
C GLN B 593 -34.01 -42.38 26.74
N THR B 594 -34.77 -41.27 26.64
CA THR B 594 -35.63 -40.85 27.75
C THR B 594 -36.75 -41.86 27.98
N LEU B 595 -37.38 -42.34 26.90
CA LEU B 595 -38.43 -43.35 27.03
C LEU B 595 -37.88 -44.67 27.57
N VAL B 596 -36.67 -45.05 27.15
CA VAL B 596 -36.04 -46.26 27.66
C VAL B 596 -35.73 -46.10 29.15
N GLU B 597 -35.28 -44.91 29.56
CA GLU B 597 -34.95 -44.72 30.96
C GLU B 597 -36.20 -44.81 31.84
N HIS B 598 -37.32 -44.26 31.36
CA HIS B 598 -38.56 -44.37 32.13
C HIS B 598 -39.07 -45.81 32.15
N ALA B 599 -38.93 -46.54 31.03
CA ALA B 599 -39.36 -47.93 31.02
C ALA B 599 -38.58 -48.75 32.02
N LEU B 600 -37.27 -48.50 32.15
CA LEU B 600 -36.45 -49.25 33.10
C LEU B 600 -36.75 -48.88 34.54
N LYS B 601 -37.41 -47.76 34.78
CA LYS B 601 -37.87 -47.40 36.12
C LYS B 601 -39.35 -47.72 36.34
N ASN B 602 -40.00 -48.34 35.35
CA ASN B 602 -41.43 -48.59 35.39
C ASN B 602 -41.80 -49.81 36.22
N GLY B 603 -40.83 -50.49 36.83
CA GLY B 603 -41.12 -51.59 37.73
C GLY B 603 -41.94 -52.68 37.05
N ASP B 604 -42.90 -53.23 37.80
CA ASP B 604 -43.68 -54.36 37.29
C ASP B 604 -44.64 -53.95 36.18
N ASN B 605 -45.07 -52.68 36.17
CA ASN B 605 -45.90 -52.19 35.07
C ASN B 605 -45.25 -52.45 33.72
N GLU B 606 -43.91 -52.49 33.67
CA GLU B 606 -43.22 -52.72 32.41
C GLU B 606 -43.47 -54.12 31.85
N ARG B 607 -43.88 -55.06 32.70
CA ARG B 607 -44.06 -56.45 32.29
C ARG B 607 -45.45 -56.74 31.73
N ASN B 608 -46.40 -55.83 31.86
CA ASN B 608 -47.71 -55.94 31.20
C ASN B 608 -47.66 -55.13 29.92
N LEU B 609 -47.86 -55.79 28.78
CA LEU B 609 -47.74 -55.11 27.50
C LEU B 609 -48.60 -53.85 27.40
N SER B 610 -49.75 -53.84 28.09
CA SER B 610 -50.65 -52.69 28.00
C SER B 610 -50.15 -51.48 28.77
N THR B 611 -49.26 -51.67 29.74
CA THR B 611 -48.67 -50.56 30.48
C THR B 611 -47.16 -50.44 30.27
N SER B 612 -46.60 -51.11 29.27
CA SER B 612 -45.17 -51.05 29.01
C SER B 612 -44.83 -49.73 28.35
N ILE B 613 -43.85 -49.02 28.90
CA ILE B 613 -43.40 -47.81 28.21
C ILE B 613 -42.56 -48.18 27.00
N PHE B 614 -41.75 -49.25 27.10
CA PHE B 614 -40.95 -49.69 25.95
C PHE B 614 -41.83 -49.97 24.74
N GLN B 615 -43.00 -50.57 24.95
CA GLN B 615 -43.91 -50.88 23.86
C GLN B 615 -44.50 -49.63 23.20
N LYS B 616 -44.29 -48.46 23.79
CA LYS B 616 -44.78 -47.22 23.21
C LYS B 616 -43.75 -46.54 22.30
N ILE B 617 -42.51 -47.02 22.26
CA ILE B 617 -41.45 -46.32 21.52
C ILE B 617 -41.78 -46.24 20.04
N ALA B 618 -42.05 -47.40 19.42
CA ALA B 618 -42.23 -47.42 17.97
C ALA B 618 -43.41 -46.54 17.56
N THR B 619 -44.47 -46.51 18.39
CA THR B 619 -45.63 -45.69 18.06
C THR B 619 -45.34 -44.21 18.27
N PHE B 620 -44.64 -43.88 19.37
CA PHE B 620 -44.19 -42.50 19.57
C PHE B 620 -43.34 -42.03 18.40
N GLU B 621 -42.38 -42.84 17.97
CA GLU B 621 -41.46 -42.42 16.91
C GLU B 621 -42.16 -42.31 15.57
N ASP B 622 -43.06 -43.25 15.24
CA ASP B 622 -43.82 -43.14 14.00
C ASP B 622 -44.64 -41.85 13.95
N GLU B 623 -45.30 -41.51 15.06
CA GLU B 623 -46.13 -40.31 15.07
C GLU B 623 -45.27 -39.05 14.96
N LEU B 624 -44.12 -39.03 15.63
CA LEU B 624 -43.25 -37.87 15.53
C LEU B 624 -42.74 -37.69 14.12
N LYS B 625 -42.33 -38.78 13.46
CA LYS B 625 -41.83 -38.70 12.10
C LYS B 625 -42.88 -38.15 11.15
N ALA B 626 -44.14 -38.47 11.38
CA ALA B 626 -45.19 -38.05 10.44
C ALA B 626 -45.61 -36.60 10.64
N LEU B 627 -45.24 -35.98 11.75
CA LEU B 627 -45.75 -34.66 12.10
C LEU B 627 -44.67 -33.61 12.28
N LEU B 628 -43.56 -33.94 12.93
CA LEU B 628 -42.54 -32.91 13.22
C LEU B 628 -42.00 -32.20 11.98
N PRO B 629 -41.66 -32.88 10.87
CA PRO B 629 -41.11 -32.14 9.71
C PRO B 629 -42.04 -31.04 9.21
N LYS B 630 -43.29 -31.37 8.88
CA LYS B 630 -44.18 -30.35 8.32
C LYS B 630 -44.44 -29.22 9.32
N GLU B 631 -44.50 -29.54 10.61
CA GLU B 631 -44.65 -28.51 11.63
C GLU B 631 -43.43 -27.57 11.63
N VAL B 632 -42.23 -28.14 11.62
CA VAL B 632 -41.02 -27.30 11.58
C VAL B 632 -41.04 -26.40 10.35
N GLU B 633 -41.40 -26.96 9.19
CA GLU B 633 -41.41 -26.15 7.97
C GLU B 633 -42.47 -25.04 8.03
N SER B 634 -43.65 -25.35 8.54
CA SER B 634 -44.68 -24.31 8.67
C SER B 634 -44.20 -23.18 9.58
N ALA B 635 -43.55 -23.54 10.68
CA ALA B 635 -43.04 -22.53 11.61
C ALA B 635 -42.01 -21.66 10.92
N ARG B 636 -41.07 -22.29 10.20
CA ARG B 636 -40.03 -21.52 9.52
CA ARG B 636 -40.04 -21.51 9.53
C ARG B 636 -40.62 -20.62 8.44
N ALA B 637 -41.60 -21.13 7.68
CA ALA B 637 -42.21 -20.29 6.66
C ALA B 637 -42.89 -19.08 7.27
N ALA B 638 -43.59 -19.28 8.38
CA ALA B 638 -44.31 -18.17 9.02
C ALA B 638 -43.34 -17.12 9.51
N LEU B 639 -42.19 -17.54 10.05
CA LEU B 639 -41.18 -16.61 10.50
C LEU B 639 -40.57 -15.86 9.33
N GLU B 640 -40.27 -16.56 8.24
CA GLU B 640 -39.74 -15.95 7.03
C GLU B 640 -40.69 -14.95 6.41
N SER B 641 -41.95 -14.96 6.80
CA SER B 641 -42.95 -14.02 6.29
C SER B 641 -43.28 -12.93 7.31
N GLY B 642 -42.46 -12.73 8.33
CA GLY B 642 -42.70 -11.69 9.30
C GLY B 642 -43.69 -12.04 10.39
N ASN B 643 -44.15 -13.28 10.48
CA ASN B 643 -45.11 -13.69 11.51
C ASN B 643 -44.56 -14.82 12.38
N PRO B 644 -43.47 -14.59 13.10
CA PRO B 644 -42.96 -15.63 13.99
C PRO B 644 -43.82 -15.76 15.24
N ALA B 645 -43.74 -16.94 15.86
CA ALA B 645 -44.44 -17.13 17.11
C ALA B 645 -43.82 -16.28 18.23
N ILE B 646 -42.49 -16.19 18.27
CA ILE B 646 -41.77 -15.42 19.28
C ILE B 646 -41.06 -14.29 18.56
N PRO B 647 -41.26 -13.03 18.96
CA PRO B 647 -40.60 -11.92 18.24
C PRO B 647 -39.08 -11.95 18.39
N ASN B 648 -38.40 -11.37 17.40
CA ASN B 648 -36.95 -11.24 17.44
C ASN B 648 -36.54 -10.36 18.62
N ARG B 649 -35.80 -10.95 19.58
CA ARG B 649 -35.48 -10.25 20.83
C ARG B 649 -34.54 -9.07 20.64
N ILE B 650 -33.84 -8.99 19.49
CA ILE B 650 -32.98 -7.83 19.27
C ILE B 650 -33.77 -6.53 19.43
N GLU B 651 -35.09 -6.58 19.19
CA GLU B 651 -35.92 -5.37 19.27
C GLU B 651 -35.95 -4.77 20.69
N GLU B 652 -35.68 -5.57 21.72
CA GLU B 652 -35.64 -5.08 23.09
C GLU B 652 -34.23 -4.77 23.57
N CYS B 653 -33.24 -4.72 22.69
CA CYS B 653 -31.86 -4.59 23.11
C CYS B 653 -31.35 -3.19 22.86
N ARG B 654 -30.46 -2.71 23.73
CA ARG B 654 -29.85 -1.42 23.48
C ARG B 654 -29.01 -1.44 22.20
N SER B 655 -28.56 -2.63 21.79
CA SER B 655 -27.80 -2.77 20.55
C SER B 655 -28.68 -2.73 19.31
N TYR B 656 -30.00 -2.60 19.49
CA TYR B 656 -30.90 -2.65 18.35
C TYR B 656 -30.60 -1.62 17.25
N PRO B 657 -30.21 -0.37 17.54
CA PRO B 657 -30.01 0.57 16.42
C PRO B 657 -29.00 0.09 15.39
N LEU B 658 -27.96 -0.64 15.80
CA LEU B 658 -27.00 -1.11 14.80
C LEU B 658 -27.61 -2.18 13.91
N TYR B 659 -28.33 -3.14 14.52
CA TYR B 659 -29.03 -4.13 13.73
C TYR B 659 -30.04 -3.48 12.80
N LYS B 660 -30.86 -2.57 13.35
CA LYS B 660 -31.89 -1.92 12.56
C LYS B 660 -31.30 -1.18 11.36
N PHE B 661 -30.18 -0.49 11.56
CA PHE B 661 -29.54 0.22 10.46
C PHE B 661 -29.00 -0.75 9.40
N VAL B 662 -28.37 -1.84 9.82
CA VAL B 662 -27.85 -2.80 8.84
C VAL B 662 -29.00 -3.49 8.12
N ARG B 663 -30.03 -3.92 8.87
CA ARG B 663 -31.06 -4.76 8.30
C ARG B 663 -32.12 -3.93 7.59
N LYS B 664 -32.70 -2.94 8.27
CA LYS B 664 -33.79 -2.18 7.67
C LYS B 664 -33.28 -1.01 6.83
N GLU B 665 -32.46 -0.14 7.41
CA GLU B 665 -32.00 1.05 6.71
C GLU B 665 -31.25 0.71 5.43
N LEU B 666 -30.31 -0.23 5.49
CA LEU B 666 -29.44 -0.52 4.36
C LEU B 666 -29.95 -1.65 3.48
N GLY B 667 -30.98 -2.38 3.91
CA GLY B 667 -31.44 -3.52 3.13
C GLY B 667 -30.46 -4.67 3.08
N THR B 668 -29.59 -4.81 4.08
CA THR B 668 -28.74 -6.00 4.16
C THR B 668 -29.59 -7.22 4.43
N GLU B 669 -29.29 -8.30 3.72
CA GLU B 669 -30.13 -9.49 3.69
C GLU B 669 -29.56 -10.57 4.59
N TYR B 670 -30.45 -11.31 5.24
CA TYR B 670 -30.10 -12.61 5.80
C TYR B 670 -29.53 -13.49 4.70
N LEU B 671 -28.36 -14.07 4.94
CA LEU B 671 -27.64 -14.80 3.91
C LEU B 671 -28.01 -16.28 3.94
N THR B 672 -28.40 -16.83 2.79
CA THR B 672 -28.84 -18.22 2.76
C THR B 672 -28.49 -18.86 1.43
N GLY B 673 -28.08 -20.13 1.48
CA GLY B 673 -27.80 -20.90 0.28
C GLY B 673 -29.02 -21.15 -0.59
N GLU B 674 -30.22 -20.93 -0.07
CA GLU B 674 -31.45 -21.06 -0.84
C GLU B 674 -31.70 -19.87 -1.75
N LYS B 675 -30.87 -18.82 -1.68
CA LYS B 675 -30.93 -17.67 -2.57
C LYS B 675 -29.56 -17.48 -3.23
N VAL B 676 -29.54 -16.69 -4.31
CA VAL B 676 -28.30 -16.52 -5.08
C VAL B 676 -27.37 -15.47 -4.51
N THR B 677 -27.84 -14.67 -3.55
CA THR B 677 -27.06 -13.54 -3.08
C THR B 677 -25.84 -13.99 -2.27
N SER B 678 -24.70 -13.42 -2.60
CA SER B 678 -23.42 -13.71 -1.99
C SER B 678 -23.17 -12.83 -0.77
N PRO B 679 -22.34 -13.28 0.17
CA PRO B 679 -21.99 -12.41 1.31
C PRO B 679 -21.38 -11.07 0.92
N GLY B 680 -20.57 -11.04 -0.15
CA GLY B 680 -19.95 -9.79 -0.56
C GLY B 680 -20.95 -8.71 -0.92
N GLU B 681 -22.07 -9.10 -1.57
CA GLU B 681 -23.08 -8.12 -1.98
C GLU B 681 -23.70 -7.43 -0.79
N GLU B 682 -23.83 -8.15 0.33
CA GLU B 682 -24.31 -7.51 1.54
C GLU B 682 -23.21 -6.69 2.19
N PHE B 683 -21.97 -7.22 2.18
CA PHE B 683 -20.84 -6.47 2.68
C PHE B 683 -20.75 -5.10 2.02
N GLU B 684 -21.04 -5.04 0.71
CA GLU B 684 -20.92 -3.76 0.01
C GLU B 684 -21.77 -2.69 0.68
N LYS B 685 -23.02 -3.04 1.02
CA LYS B 685 -23.93 -2.06 1.59
C LYS B 685 -23.36 -1.47 2.87
N VAL B 686 -22.86 -2.33 3.75
CA VAL B 686 -22.37 -1.87 5.04
C VAL B 686 -21.06 -1.12 4.87
N PHE B 687 -20.19 -1.59 3.95
CA PHE B 687 -18.90 -0.94 3.79
C PHE B 687 -19.04 0.45 3.19
N ILE B 688 -19.83 0.57 2.12
CA ILE B 688 -20.06 1.89 1.51
C ILE B 688 -20.71 2.84 2.51
N ALA B 689 -21.72 2.36 3.24
CA ALA B 689 -22.36 3.20 4.26
C ALA B 689 -21.39 3.56 5.37
N MET B 690 -20.59 2.58 5.84
CA MET B 690 -19.57 2.88 6.84
C MET B 690 -18.62 3.96 6.35
N SER B 691 -18.20 3.89 5.09
CA SER B 691 -17.22 4.85 4.60
C SER B 691 -17.78 6.26 4.54
N LYS B 692 -19.08 6.41 4.39
CA LYS B 692 -19.72 7.72 4.37
C LYS B 692 -20.13 8.20 5.74
N GLY B 693 -19.71 7.51 6.80
CA GLY B 693 -20.02 7.91 8.15
C GLY B 693 -21.43 7.60 8.61
N GLU B 694 -22.16 6.74 7.90
CA GLU B 694 -23.56 6.48 8.25
C GLU B 694 -23.71 5.53 9.43
N ILE B 695 -22.66 4.81 9.81
CA ILE B 695 -22.73 3.98 10.99
C ILE B 695 -22.64 4.81 12.26
N ILE B 696 -22.17 6.06 12.15
CA ILE B 696 -21.92 6.87 13.35
C ILE B 696 -23.17 6.99 14.20
N ASP B 697 -24.30 7.35 13.57
CA ASP B 697 -25.50 7.62 14.36
C ASP B 697 -26.05 6.38 15.06
N PRO B 698 -26.29 5.25 14.38
CA PRO B 698 -26.78 4.08 15.14
C PRO B 698 -25.76 3.58 16.16
N LEU B 699 -24.46 3.76 15.91
CA LEU B 699 -23.47 3.39 16.90
C LEU B 699 -23.65 4.19 18.19
N LEU B 700 -23.65 5.53 18.09
CA LEU B 700 -23.82 6.34 19.29
C LEU B 700 -25.20 6.14 19.90
N GLU B 701 -26.21 5.87 19.08
CA GLU B 701 -27.54 5.65 19.64
C GLU B 701 -27.55 4.48 20.61
N SER B 702 -26.78 3.43 20.32
CA SER B 702 -26.76 2.25 21.19
CA SER B 702 -26.76 2.25 21.19
C SER B 702 -26.29 2.59 22.60
N LEU B 703 -25.52 3.65 22.75
CA LEU B 703 -24.98 4.05 24.04
C LEU B 703 -25.64 5.29 24.61
N GLU B 704 -26.67 5.82 23.95
CA GLU B 704 -27.08 7.18 24.25
C GLU B 704 -27.75 7.31 25.60
N SER B 705 -28.20 6.23 26.22
CA SER B 705 -28.76 6.36 27.56
C SER B 705 -27.74 6.06 28.64
N TRP B 706 -26.46 5.91 28.29
CA TRP B 706 -25.45 5.62 29.28
C TRP B 706 -25.04 6.91 29.97
N ASN B 707 -25.00 6.88 31.30
CA ASN B 707 -24.59 8.06 32.06
C ASN B 707 -23.08 8.21 32.16
N GLY B 708 -22.31 7.32 31.54
CA GLY B 708 -20.86 7.44 31.59
C GLY B 708 -20.19 6.88 32.82
N ALA B 709 -20.92 6.20 33.68
CA ALA B 709 -20.34 5.57 34.86
C ALA B 709 -20.57 4.06 34.81
N PRO B 710 -19.72 3.28 35.47
CA PRO B 710 -19.99 1.85 35.58
C PRO B 710 -21.19 1.58 36.49
N LEU B 711 -21.82 0.44 36.29
CA LEU B 711 -22.84 0.00 37.23
C LEU B 711 -22.20 -0.21 38.61
N PRO B 712 -22.94 0.06 39.68
CA PRO B 712 -22.34 -0.04 41.01
C PRO B 712 -21.94 -1.45 41.37
N ILE B 713 -20.87 -1.55 42.15
CA ILE B 713 -20.47 -2.76 42.83
C ILE B 713 -20.67 -2.63 44.33
N SER B 714 -21.15 -1.48 44.80
CA SER B 714 -21.38 -1.16 46.20
C SER B 714 -20.10 -1.40 47.02
C05 CV2 C . -9.50 -26.32 0.04
C07 CV2 C . -10.32 -25.77 1.20
C08 CV2 C . -9.93 -25.91 2.45
C09 CV2 C . -11.58 -25.01 0.80
C10 CV2 C . -12.10 -24.02 1.62
C11 CV2 C . -13.22 -23.32 1.22
C12 CV2 C . -13.80 -23.61 0.00
C13 CV2 C . -13.29 -24.60 -0.81
C14 CV2 C . -12.16 -25.30 -0.42
N06 CV2 C . -8.23 -25.62 -0.09
O01 CV2 C . -7.94 -28.19 1.27
O03 CV2 C . -8.58 -28.47 -1.13
O04 CV2 C . -10.17 -28.98 0.72
P02 CV2 C . -9.04 -28.10 0.25
C05 CV2 D . 14.74 23.29 5.82
C07 CV2 D . 15.72 22.77 4.75
C08 CV2 D . 16.78 22.04 5.06
C09 CV2 D . 15.38 23.10 3.29
C10 CV2 D . 15.75 22.24 2.29
C11 CV2 D . 15.40 22.52 0.97
C12 CV2 D . 14.66 23.66 0.69
C13 CV2 D . 14.28 24.51 1.70
C14 CV2 D . 14.62 24.23 3.01
N06 CV2 D . 14.11 22.20 6.56
O01 CV2 D . 16.10 23.58 8.19
O03 CV2 D . 16.66 25.19 6.50
O04 CV2 D . 14.37 25.26 7.63
P02 CV2 D . 15.51 24.41 7.08
#